data_9FOY
#
_entry.id   9FOY
#
_cell.length_a   82.041
_cell.length_b   131.703
_cell.length_c   96.281
_cell.angle_alpha   90.00
_cell.angle_beta   97.23
_cell.angle_gamma   90.00
#
_symmetry.space_group_name_H-M   'P 1 21 1'
#
loop_
_entity.id
_entity.type
_entity.pdbx_description
1 polymer 'DNA gyrase subunit B,DNA gyrase subunit A'
2 polymer "DNA (5'-D(*AP*GP*CP*CP*GP*TP*AP*G)-3')"
3 polymer "DNA (5'-D(P*GP*TP*AP*CP*CP*TP*AP*CP*GP*GP*CP*T)-3')"
4 non-polymer (1~{S})-2-[4-[[4-bromanyl-3,5-bis(fluoranyl)phenyl]methylamino]cyclohexyl]-1-(6-methoxy-1,5-naphthyridin-4-yl)ethanol
5 non-polymer (1~{R})-2-[4-[[4-bromanyl-3,5-bis(fluoranyl)phenyl]methylamino]cyclohexyl]-1-(6-methoxy-1,5-naphthyridin-4-yl)ethanol
#
loop_
_entity_poly.entity_id
_entity_poly.type
_entity_poly.pdbx_seq_one_letter_code
_entity_poly.pdbx_strand_id
1 'polypeptide(L)'
;SNALVRRKSATDIGGLPGKLADCRSTDPRKSELYVVEGDSAGGSAKSGRDSMFQAILPLRGKIINVEKARIDRVLKNTEV
QAIITALGTGIHDEFDIGKLRYHKIVLMADADVDGQHISTLLLTLLFRFMRPLIENGHVFLAQPPLYKLKWQRSDPEFAY
SDRERDGLLEAGLKAGKKINKEDGIQRYKGLGEMDAKELWETTMDPSVRVLRQVTLDDAAAADELFSILMGEDVDARRSF
ITRNAKDVRFLDVTDTTLPPDDSLDRIEPVDIEQEMQRSYIDYAMSVIVGRALPEVRDGLKPVHRRVLYAMFDSGFRPDR
SHAKSARSVAETMGNYHPHGDASIYDSLVRMAQPWSLRYPLVDGQGNFGSPGNDPPAAMRYTEARLTPLAMEMLREIDEE
TVDFIPNYDGRVQEPTVLPSRFPNLLANGSGGIAVGMATNIPPHNLRELADAVFWALENHDADEEETLAAVMGRVKGPDF
PTAGLIVGSQGTADAYKTGRGSIRMRGVVEVEEDSRGRTSLVITELPYQVNHDNFITSIAEQVRDGKLAGISNIEDQSSD
RVGLRIVIEIKRDAVAKVVINNLYKHTQLQTSFGANMLAIVDGVPRTLRLDQLIRYYVDHQLDVIVRRTTYRLRKANERA
HILRGLVKALDALDEVIALIRASETVDIARAGLIELLDIDEIQAQAILDMQLRRLAALERQRIIDDLAKIEAEIADLEDI
LAKPERQRGIVRDELAEIVDRHGDDRRTRIIAIGSG
;
A,B
2 'polydeoxyribonucleotide' (DA)(DG)(DC)(DC)(DG)(DT)(DA)(DG) E,G
3 'polydeoxyribonucleotide' (DG)(DT)(DA)(DC)(DC)(DT)(DA)(DC)(DG)(DG)(DC)(DT) F,H
#
loop_
_chem_comp.id
_chem_comp.type
_chem_comp.name
_chem_comp.formula
A1ID8 non-polymer (1~{S})-2-[4-[[4-bromanyl-3,5-bis(fluoranyl)phenyl]methylamino]cyclohexyl]-1-(6-methoxy-1,5-naphthyridin-4-yl)ethanol 'C24 H26 Br F2 N3 O2'
A1ID9 non-polymer (1~{R})-2-[4-[[4-bromanyl-3,5-bis(fluoranyl)phenyl]methylamino]cyclohexyl]-1-(6-methoxy-1,5-naphthyridin-4-yl)ethanol 'C24 H26 Br F2 N3 O2'
DA DNA linking 2'-DEOXYADENOSINE-5'-MONOPHOSPHATE 'C10 H14 N5 O6 P'
DC DNA linking 2'-DEOXYCYTIDINE-5'-MONOPHOSPHATE 'C9 H14 N3 O7 P'
DG DNA linking 2'-DEOXYGUANOSINE-5'-MONOPHOSPHATE 'C10 H14 N5 O7 P'
DT DNA linking THYMIDINE-5'-MONOPHOSPHATE 'C10 H15 N2 O8 P'
#
# COMPACT_ATOMS: atom_id res chain seq x y z
N ALA A 3 -39.61 19.56 -20.42
CA ALA A 3 -39.71 19.65 -18.94
C ALA A 3 -39.92 18.23 -18.37
N LEU A 4 -38.86 17.63 -17.80
CA LEU A 4 -38.84 16.25 -17.25
C LEU A 4 -38.41 16.28 -15.78
N VAL A 5 -38.98 15.38 -14.96
CA VAL A 5 -38.76 15.28 -13.48
C VAL A 5 -37.28 15.00 -13.22
N ARG A 6 -36.74 15.56 -12.13
CA ARG A 6 -35.34 15.36 -11.63
C ARG A 6 -35.37 14.82 -10.20
N ARG A 7 -34.27 14.17 -9.80
CA ARG A 7 -34.10 13.45 -8.51
C ARG A 7 -34.00 14.45 -7.35
N LYS A 8 -34.78 14.21 -6.29
CA LYS A 8 -34.74 14.95 -4.99
C LYS A 8 -34.25 13.99 -3.90
N GLY A 15 -37.74 6.64 -9.48
CA GLY A 15 -37.11 5.33 -9.80
C GLY A 15 -35.92 5.49 -10.74
N LEU A 16 -35.09 6.51 -10.52
CA LEU A 16 -33.84 6.78 -11.29
C LEU A 16 -32.66 6.15 -10.54
N PRO A 17 -31.48 5.97 -11.19
CA PRO A 17 -30.34 5.32 -10.54
C PRO A 17 -29.90 6.03 -9.25
N GLY A 18 -29.72 5.27 -8.17
CA GLY A 18 -29.28 5.78 -6.87
C GLY A 18 -28.03 6.63 -6.99
N LYS A 19 -27.03 6.14 -7.75
CA LYS A 19 -25.68 6.75 -7.87
C LYS A 19 -25.73 8.03 -8.70
N LEU A 20 -26.81 8.28 -9.45
CA LEU A 20 -26.98 9.47 -10.33
C LEU A 20 -27.13 10.72 -9.47
N ALA A 21 -26.29 11.73 -9.72
CA ALA A 21 -26.43 13.11 -9.21
C ALA A 21 -27.07 13.96 -10.31
N ASP A 22 -28.39 14.10 -10.30
CA ASP A 22 -29.17 14.75 -11.38
C ASP A 22 -28.94 16.26 -11.33
N CYS A 23 -29.37 16.97 -12.39
CA CYS A 23 -29.31 18.45 -12.50
C CYS A 23 -30.66 19.04 -12.06
N ARG A 24 -30.69 20.34 -11.80
CA ARG A 24 -31.90 21.04 -11.33
C ARG A 24 -32.81 21.35 -12.54
N SER A 25 -32.21 21.68 -13.68
CA SER A 25 -32.94 22.03 -14.93
C SER A 25 -33.79 20.84 -15.39
N THR A 26 -35.03 21.09 -15.77
CA THR A 26 -35.97 20.08 -16.33
C THR A 26 -35.95 20.11 -17.86
N ASP A 27 -35.27 21.10 -18.44
CA ASP A 27 -35.18 21.31 -19.91
C ASP A 27 -34.08 20.41 -20.46
N PRO A 28 -34.43 19.31 -21.15
CA PRO A 28 -33.43 18.44 -21.76
C PRO A 28 -32.44 19.19 -22.68
N ARG A 29 -32.90 20.27 -23.31
CA ARG A 29 -32.09 21.03 -24.29
C ARG A 29 -30.95 21.77 -23.55
N LYS A 30 -31.13 22.05 -22.26
CA LYS A 30 -30.09 22.75 -21.47
C LYS A 30 -29.36 21.75 -20.56
N SER A 31 -29.90 20.54 -20.42
CA SER A 31 -29.38 19.54 -19.46
C SER A 31 -28.29 18.69 -20.11
N GLU A 32 -27.24 18.42 -19.34
CA GLU A 32 -26.07 17.59 -19.75
C GLU A 32 -25.92 16.43 -18.76
N LEU A 33 -25.62 15.23 -19.27
CA LEU A 33 -25.32 14.05 -18.43
C LEU A 33 -23.86 13.65 -18.67
N TYR A 34 -23.04 13.69 -17.62
CA TYR A 34 -21.65 13.19 -17.64
C TYR A 34 -21.64 11.74 -17.14
N VAL A 35 -21.39 10.80 -18.05
CA VAL A 35 -21.19 9.36 -17.72
C VAL A 35 -19.71 9.18 -17.36
N VAL A 36 -19.44 8.92 -16.08
CA VAL A 36 -18.08 9.01 -15.50
C VAL A 36 -17.58 7.60 -15.15
N GLU A 37 -16.31 7.30 -15.44
CA GLU A 37 -15.71 5.95 -15.28
C GLU A 37 -16.08 5.24 -13.97
N GLY A 38 -15.74 5.77 -12.81
CA GLY A 38 -15.82 5.12 -11.48
C GLY A 38 -16.42 6.08 -10.49
N ASP A 39 -16.67 5.65 -9.26
CA ASP A 39 -17.30 6.51 -8.22
C ASP A 39 -16.31 7.59 -7.74
N SER A 40 -15.01 7.31 -7.74
CA SER A 40 -13.95 8.27 -7.33
C SER A 40 -14.03 9.55 -8.18
N ALA A 41 -13.90 9.38 -9.50
CA ALA A 41 -14.06 10.46 -10.49
C ALA A 41 -15.45 11.09 -10.37
N GLY A 42 -16.46 10.25 -10.17
CA GLY A 42 -17.84 10.71 -9.98
C GLY A 42 -17.92 11.72 -8.87
N GLY A 43 -17.21 11.48 -7.76
CA GLY A 43 -17.17 12.38 -6.61
C GLY A 43 -16.62 13.74 -6.97
N SER A 44 -15.45 13.79 -7.61
CA SER A 44 -14.81 15.05 -8.06
C SER A 44 -15.76 15.82 -8.98
N ALA A 45 -16.34 15.07 -9.92
CA ALA A 45 -17.25 15.62 -10.95
C ALA A 45 -18.46 16.23 -10.28
N LYS A 46 -19.05 15.49 -9.34
CA LYS A 46 -20.27 15.92 -8.64
C LYS A 46 -19.97 17.21 -7.88
N SER A 47 -18.81 17.30 -7.25
CA SER A 47 -18.43 18.45 -6.39
C SER A 47 -18.13 19.66 -7.26
N GLY A 48 -17.63 19.44 -8.48
CA GLY A 48 -17.13 20.52 -9.36
C GLY A 48 -18.18 21.03 -10.32
N ARG A 49 -19.19 20.21 -10.62
CA ARG A 49 -20.19 20.50 -11.68
C ARG A 49 -20.97 21.78 -11.37
N ASP A 50 -21.65 22.32 -12.38
CA ASP A 50 -22.80 23.23 -12.21
C ASP A 50 -24.07 22.39 -12.14
N SER A 51 -24.63 22.23 -10.93
CA SER A 51 -25.78 21.30 -10.67
C SER A 51 -27.03 21.85 -11.34
N MET A 52 -26.99 23.09 -11.81
CA MET A 52 -28.13 23.67 -12.57
C MET A 52 -28.39 22.80 -13.79
N PHE A 53 -27.36 22.45 -14.57
CA PHE A 53 -27.62 21.74 -15.85
C PHE A 53 -26.70 20.54 -16.07
N GLN A 54 -25.78 20.23 -15.16
CA GLN A 54 -24.84 19.11 -15.34
C GLN A 54 -25.19 17.97 -14.38
N ALA A 55 -25.62 16.82 -14.92
CA ALA A 55 -25.88 15.58 -14.16
C ALA A 55 -24.63 14.69 -14.21
N ILE A 56 -24.38 13.92 -13.14
CA ILE A 56 -23.22 12.98 -13.04
C ILE A 56 -23.76 11.56 -12.82
N LEU A 57 -23.42 10.63 -13.72
CA LEU A 57 -23.73 9.18 -13.56
C LEU A 57 -22.42 8.39 -13.54
N PRO A 58 -21.93 8.02 -12.34
CA PRO A 58 -20.73 7.19 -12.24
C PRO A 58 -21.03 5.72 -12.54
N LEU A 59 -20.09 5.02 -13.17
CA LEU A 59 -20.22 3.58 -13.49
C LEU A 59 -19.25 2.72 -12.68
N ARG A 60 -19.43 1.40 -12.75
CA ARG A 60 -18.57 0.36 -12.10
C ARG A 60 -17.60 -0.24 -13.13
N GLY A 61 -16.60 0.52 -13.56
CA GLY A 61 -15.50 0.05 -14.43
C GLY A 61 -15.99 -0.50 -15.75
N LYS A 62 -15.39 -1.61 -16.22
CA LYS A 62 -15.57 -2.17 -17.59
C LYS A 62 -17.03 -2.64 -17.74
N ILE A 63 -17.87 -1.83 -18.38
CA ILE A 63 -19.28 -2.17 -18.69
C ILE A 63 -19.27 -3.34 -19.68
N ILE A 64 -20.30 -4.18 -19.62
CA ILE A 64 -20.45 -5.40 -20.46
C ILE A 64 -20.37 -5.01 -21.94
N ASN A 65 -19.58 -5.77 -22.71
CA ASN A 65 -19.53 -5.66 -24.19
C ASN A 65 -20.82 -6.27 -24.74
N VAL A 66 -21.78 -5.42 -25.11
CA VAL A 66 -23.15 -5.84 -25.51
C VAL A 66 -23.09 -6.58 -26.85
N GLU A 67 -22.05 -6.36 -27.65
CA GLU A 67 -21.86 -7.04 -28.96
C GLU A 67 -21.79 -8.56 -28.77
N LYS A 68 -21.15 -9.03 -27.70
CA LYS A 68 -20.87 -10.48 -27.46
C LYS A 68 -21.96 -11.09 -26.56
N ALA A 69 -22.59 -10.26 -25.74
CA ALA A 69 -23.49 -10.74 -24.67
C ALA A 69 -24.88 -10.97 -25.25
N ARG A 70 -25.57 -12.00 -24.75
CA ARG A 70 -27.02 -12.17 -25.02
C ARG A 70 -27.77 -10.97 -24.42
N ILE A 71 -28.79 -10.52 -25.13
CA ILE A 71 -29.59 -9.31 -24.76
C ILE A 71 -30.07 -9.48 -23.31
N ASP A 72 -30.42 -10.69 -22.89
CA ASP A 72 -30.91 -11.00 -21.52
C ASP A 72 -29.82 -10.62 -20.50
N ARG A 73 -28.59 -11.03 -20.76
CA ARG A 73 -27.43 -10.74 -19.88
C ARG A 73 -27.19 -9.23 -19.86
N VAL A 74 -27.29 -8.59 -21.02
CA VAL A 74 -27.01 -7.13 -21.17
C VAL A 74 -28.04 -6.38 -20.30
N LEU A 75 -29.30 -6.77 -20.39
CA LEU A 75 -30.42 -6.06 -19.71
C LEU A 75 -30.35 -6.32 -18.20
N LYS A 76 -29.72 -7.41 -17.78
CA LYS A 76 -29.55 -7.76 -16.35
C LYS A 76 -28.34 -7.00 -15.78
N ASN A 77 -27.46 -6.50 -16.66
CA ASN A 77 -26.27 -5.73 -16.21
C ASN A 77 -26.74 -4.45 -15.48
N THR A 78 -26.31 -4.23 -14.23
CA THR A 78 -26.75 -3.08 -13.40
C THR A 78 -26.32 -1.75 -14.04
N GLU A 79 -25.12 -1.69 -14.60
CA GLU A 79 -24.55 -0.45 -15.23
C GLU A 79 -25.38 -0.08 -16.47
N VAL A 80 -25.69 -1.07 -17.31
CA VAL A 80 -26.50 -0.88 -18.56
C VAL A 80 -27.87 -0.35 -18.17
N GLN A 81 -28.53 -1.00 -17.20
CA GLN A 81 -29.86 -0.59 -16.68
C GLN A 81 -29.79 0.88 -16.26
N ALA A 82 -28.75 1.23 -15.51
CA ALA A 82 -28.58 2.59 -14.94
C ALA A 82 -28.55 3.60 -16.08
N ILE A 83 -27.79 3.29 -17.14
CA ILE A 83 -27.64 4.19 -18.31
C ILE A 83 -29.01 4.37 -18.97
N ILE A 84 -29.69 3.26 -19.25
CA ILE A 84 -31.00 3.25 -19.97
C ILE A 84 -32.00 4.07 -19.15
N THR A 85 -32.05 3.81 -17.84
CA THR A 85 -32.97 4.51 -16.91
C THR A 85 -32.63 6.00 -16.92
N ALA A 86 -31.36 6.35 -16.81
CA ALA A 86 -30.89 7.76 -16.76
C ALA A 86 -31.37 8.50 -18.01
N LEU A 87 -31.19 7.91 -19.19
CA LEU A 87 -31.48 8.57 -20.48
C LEU A 87 -32.99 8.63 -20.72
N GLY A 88 -33.73 7.60 -20.32
CA GLY A 88 -35.21 7.59 -20.31
C GLY A 88 -35.80 7.28 -21.68
N THR A 89 -34.99 7.03 -22.71
CA THR A 89 -35.46 6.89 -24.12
C THR A 89 -35.98 5.47 -24.37
N GLY A 90 -35.65 4.51 -23.51
CA GLY A 90 -35.86 3.09 -23.82
C GLY A 90 -34.83 2.61 -24.84
N ILE A 91 -35.07 1.46 -25.48
CA ILE A 91 -34.10 0.88 -26.46
C ILE A 91 -34.86 0.27 -27.65
N HIS A 92 -34.14 0.07 -28.75
CA HIS A 92 -34.60 -0.61 -29.99
C HIS A 92 -35.96 -0.06 -30.41
N ASP A 93 -36.96 -0.93 -30.49
CA ASP A 93 -38.29 -0.59 -31.06
C ASP A 93 -39.02 0.36 -30.10
N GLU A 94 -38.71 0.27 -28.80
CA GLU A 94 -39.39 1.08 -27.76
C GLU A 94 -38.60 2.37 -27.54
N PHE A 95 -37.62 2.66 -28.39
CA PHE A 95 -36.80 3.89 -28.28
C PHE A 95 -37.67 5.11 -28.62
N ASP A 96 -37.66 6.13 -27.76
CA ASP A 96 -38.46 7.38 -27.90
C ASP A 96 -37.55 8.59 -27.63
N ILE A 97 -37.04 9.21 -28.70
CA ILE A 97 -36.11 10.38 -28.65
C ILE A 97 -36.76 11.50 -27.82
N GLY A 98 -38.10 11.61 -27.85
CA GLY A 98 -38.85 12.68 -27.17
C GLY A 98 -38.70 12.62 -25.66
N LYS A 99 -38.34 11.46 -25.12
CA LYS A 99 -38.25 11.24 -23.67
C LYS A 99 -36.81 11.43 -23.18
N LEU A 100 -35.89 11.81 -24.07
CA LEU A 100 -34.46 12.02 -23.73
C LEU A 100 -34.36 13.10 -22.64
N ARG A 101 -33.68 12.80 -21.53
CA ARG A 101 -33.61 13.68 -20.34
C ARG A 101 -32.47 14.70 -20.47
N TYR A 102 -31.43 14.36 -21.24
CA TYR A 102 -30.23 15.21 -21.44
C TYR A 102 -29.85 15.22 -22.92
N HIS A 103 -29.82 16.40 -23.52
CA HIS A 103 -29.52 16.53 -24.97
C HIS A 103 -28.01 16.44 -25.19
N LYS A 104 -27.19 16.59 -24.14
CA LYS A 104 -25.73 16.37 -24.22
C LYS A 104 -25.36 15.20 -23.32
N ILE A 105 -25.06 14.05 -23.92
CA ILE A 105 -24.51 12.86 -23.20
C ILE A 105 -22.99 12.87 -23.34
N VAL A 106 -22.27 13.24 -22.27
CA VAL A 106 -20.80 13.43 -22.29
C VAL A 106 -20.15 12.21 -21.63
N LEU A 107 -19.41 11.41 -22.40
CA LEU A 107 -18.61 10.27 -21.87
C LEU A 107 -17.30 10.83 -21.31
N MET A 108 -17.10 10.71 -20.00
CA MET A 108 -15.88 11.20 -19.32
C MET A 108 -15.17 10.03 -18.64
N ALA A 109 -14.11 9.53 -19.28
CA ALA A 109 -13.29 8.39 -18.80
C ALA A 109 -11.86 8.84 -18.53
N ASP A 110 -11.13 8.01 -17.80
CA ASP A 110 -9.75 8.29 -17.35
C ASP A 110 -8.88 8.43 -18.60
N ALA A 111 -7.89 9.33 -18.51
CA ALA A 111 -6.88 9.61 -19.55
C ALA A 111 -5.88 8.45 -19.61
N ASP A 112 -6.38 7.22 -19.82
CA ASP A 112 -5.56 6.00 -20.03
C ASP A 112 -6.29 5.11 -21.03
N VAL A 113 -5.57 4.13 -21.60
CA VAL A 113 -6.05 3.22 -22.68
C VAL A 113 -7.26 2.43 -22.15
N ASP A 114 -7.34 2.15 -20.85
CA ASP A 114 -8.51 1.47 -20.23
C ASP A 114 -9.72 2.39 -20.35
N GLY A 115 -9.55 3.67 -20.04
CA GLY A 115 -10.60 4.67 -20.24
C GLY A 115 -11.09 4.67 -21.66
N GLN A 116 -10.15 4.63 -22.62
CA GLN A 116 -10.48 4.58 -24.06
C GLN A 116 -11.35 3.35 -24.33
N HIS A 117 -10.95 2.22 -23.74
CA HIS A 117 -11.66 0.92 -23.89
C HIS A 117 -13.09 1.10 -23.39
N ILE A 118 -13.26 1.67 -22.21
CA ILE A 118 -14.61 1.85 -21.59
C ILE A 118 -15.43 2.73 -22.52
N SER A 119 -14.83 3.77 -23.11
CA SER A 119 -15.50 4.65 -24.09
C SER A 119 -16.01 3.79 -25.25
N THR A 120 -15.15 2.90 -25.75
CA THR A 120 -15.49 2.05 -26.92
C THR A 120 -16.67 1.16 -26.54
N LEU A 121 -16.65 0.60 -25.33
CA LEU A 121 -17.74 -0.29 -24.85
C LEU A 121 -19.04 0.50 -24.76
N LEU A 122 -18.98 1.74 -24.27
CA LEU A 122 -20.17 2.61 -24.11
C LEU A 122 -20.70 2.98 -25.49
N LEU A 123 -19.82 3.36 -26.42
CA LEU A 123 -20.21 3.72 -27.80
C LEU A 123 -20.88 2.52 -28.47
N THR A 124 -20.37 1.31 -28.21
CA THR A 124 -20.97 0.06 -28.74
C THR A 124 -22.40 -0.09 -28.20
N LEU A 125 -22.57 0.13 -26.90
CA LEU A 125 -23.90 0.09 -26.26
C LEU A 125 -24.84 1.08 -26.97
N LEU A 126 -24.42 2.34 -27.13
CA LEU A 126 -25.27 3.41 -27.71
C LEU A 126 -25.59 3.09 -29.17
N PHE A 127 -24.61 2.60 -29.91
CA PHE A 127 -24.76 2.29 -31.36
C PHE A 127 -25.78 1.16 -31.52
N ARG A 128 -25.67 0.11 -30.72
CA ARG A 128 -26.49 -1.11 -30.89
C ARG A 128 -27.89 -0.91 -30.31
N PHE A 129 -27.99 -0.15 -29.22
CA PHE A 129 -29.23 -0.09 -28.39
C PHE A 129 -29.96 1.23 -28.59
N MET A 130 -29.26 2.30 -28.93
CA MET A 130 -29.84 3.67 -28.95
C MET A 130 -29.16 4.51 -30.05
N ARG A 131 -29.15 3.98 -31.27
CA ARG A 131 -28.44 4.55 -32.45
C ARG A 131 -28.88 5.98 -32.72
N PRO A 132 -30.20 6.30 -32.66
CA PRO A 132 -30.67 7.64 -32.96
C PRO A 132 -30.00 8.76 -32.15
N LEU A 133 -29.51 8.43 -30.95
CA LEU A 133 -28.81 9.42 -30.09
C LEU A 133 -27.52 9.89 -30.80
N ILE A 134 -26.82 8.96 -31.47
CA ILE A 134 -25.59 9.29 -32.23
C ILE A 134 -25.99 10.06 -33.50
N GLU A 135 -27.03 9.59 -34.19
CA GLU A 135 -27.51 10.18 -35.47
C GLU A 135 -27.87 11.64 -35.25
N ASN A 136 -28.47 11.94 -34.11
CA ASN A 136 -29.02 13.28 -33.82
C ASN A 136 -27.99 14.12 -33.04
N GLY A 137 -26.76 13.64 -32.87
CA GLY A 137 -25.62 14.43 -32.36
C GLY A 137 -25.69 14.69 -30.86
N HIS A 138 -26.27 13.77 -30.09
CA HIS A 138 -26.45 13.92 -28.62
C HIS A 138 -25.24 13.36 -27.85
N VAL A 139 -24.31 12.67 -28.52
CA VAL A 139 -23.21 11.91 -27.84
C VAL A 139 -21.89 12.68 -28.00
N PHE A 140 -21.26 13.01 -26.88
CA PHE A 140 -20.01 13.81 -26.83
C PHE A 140 -18.97 13.05 -26.01
N LEU A 141 -17.69 13.29 -26.30
CA LEU A 141 -16.55 12.80 -25.48
C LEU A 141 -15.88 13.99 -24.80
N ALA A 142 -15.73 13.92 -23.47
CA ALA A 142 -15.01 14.94 -22.69
C ALA A 142 -13.52 14.77 -22.96
N GLN A 143 -12.76 15.87 -22.91
CA GLN A 143 -11.30 15.85 -23.12
C GLN A 143 -10.60 16.38 -21.87
N PRO A 144 -10.44 15.55 -20.80
CA PRO A 144 -9.68 15.97 -19.63
C PRO A 144 -8.19 16.07 -19.93
N PRO A 145 -7.44 16.86 -19.14
CA PRO A 145 -6.00 17.04 -19.38
C PRO A 145 -5.22 15.77 -19.02
N LEU A 146 -4.07 15.56 -19.68
CA LEU A 146 -3.19 14.39 -19.45
C LEU A 146 -2.11 14.78 -18.43
N TYR A 147 -1.65 16.04 -18.49
CA TYR A 147 -0.49 16.52 -17.70
C TYR A 147 -0.83 17.83 -17.00
N LYS A 148 -0.32 17.99 -15.79
CA LYS A 148 -0.30 19.27 -15.03
C LYS A 148 1.17 19.66 -14.86
N LEU A 149 1.61 20.75 -15.49
CA LEU A 149 2.98 21.29 -15.37
C LEU A 149 3.04 22.25 -14.18
N LYS A 150 3.78 21.87 -13.14
CA LYS A 150 3.91 22.63 -11.87
C LYS A 150 5.16 23.52 -11.94
N TRP A 151 4.94 24.83 -12.10
CA TRP A 151 6.02 25.85 -12.14
C TRP A 151 6.20 26.41 -10.72
N GLN A 152 7.41 26.87 -10.41
CA GLN A 152 7.64 27.64 -9.17
C GLN A 152 7.14 29.08 -9.38
N ARG A 153 6.46 29.68 -8.41
CA ARG A 153 6.10 31.13 -8.46
C ARG A 153 5.13 31.46 -9.61
N SER A 154 4.75 30.49 -10.45
CA SER A 154 3.82 30.67 -11.60
C SER A 154 2.70 29.63 -11.52
N ASP A 155 1.49 29.98 -11.97
CA ASP A 155 0.29 29.09 -11.98
C ASP A 155 0.62 27.80 -12.74
N PRO A 156 -0.04 26.66 -12.39
CA PRO A 156 0.21 25.40 -13.08
C PRO A 156 -0.47 25.44 -14.46
N GLU A 157 0.13 24.77 -15.44
CA GLU A 157 -0.37 24.69 -16.83
C GLU A 157 -0.83 23.25 -17.08
N PHE A 158 -1.85 23.09 -17.93
CA PHE A 158 -2.47 21.79 -18.27
C PHE A 158 -2.18 21.47 -19.75
N ALA A 159 -1.77 20.22 -20.02
CA ALA A 159 -1.48 19.70 -21.37
C ALA A 159 -2.42 18.54 -21.68
N TYR A 160 -2.96 18.50 -22.89
CA TYR A 160 -3.99 17.51 -23.29
C TYR A 160 -3.35 16.49 -24.25
N SER A 161 -2.04 16.63 -24.53
CA SER A 161 -1.25 15.70 -25.38
C SER A 161 0.22 15.69 -24.91
N ASP A 162 0.96 14.63 -25.24
CA ASP A 162 2.42 14.54 -24.94
C ASP A 162 3.11 15.70 -25.65
N ARG A 163 2.75 15.94 -26.92
CA ARG A 163 3.32 17.03 -27.73
C ARG A 163 3.12 18.36 -27.00
N GLU A 164 1.90 18.60 -26.51
CA GLU A 164 1.53 19.86 -25.85
C GLU A 164 2.34 20.01 -24.56
N ARG A 165 2.50 18.92 -23.81
CA ARG A 165 3.30 18.91 -22.55
C ARG A 165 4.71 19.40 -22.87
N ASP A 166 5.33 18.78 -23.89
CA ASP A 166 6.74 19.07 -24.27
C ASP A 166 6.85 20.52 -24.71
N GLY A 167 5.89 20.96 -25.53
CA GLY A 167 5.85 22.34 -26.04
C GLY A 167 5.78 23.33 -24.91
N LEU A 168 4.85 23.13 -23.99
CA LEU A 168 4.60 24.08 -22.87
C LEU A 168 5.81 24.10 -21.97
N LEU A 169 6.42 22.94 -21.74
CA LEU A 169 7.63 22.83 -20.91
C LEU A 169 8.73 23.69 -21.54
N GLU A 170 8.96 23.51 -22.84
CA GLU A 170 10.06 24.22 -23.53
C GLU A 170 9.75 25.72 -23.52
N ALA A 171 8.51 26.10 -23.78
CA ALA A 171 8.07 27.52 -23.81
C ALA A 171 8.32 28.14 -22.43
N GLY A 172 7.91 27.46 -21.37
CA GLY A 172 8.04 27.97 -20.00
C GLY A 172 9.50 28.17 -19.63
N LEU A 173 10.34 27.21 -19.99
CA LEU A 173 11.80 27.28 -19.70
C LEU A 173 12.41 28.45 -20.48
N LYS A 174 12.01 28.65 -21.72
CA LYS A 174 12.50 29.78 -22.56
C LYS A 174 12.07 31.10 -21.93
N ALA A 175 10.89 31.12 -21.31
CA ALA A 175 10.30 32.34 -20.68
C ALA A 175 10.94 32.59 -19.31
N GLY A 176 11.85 31.71 -18.85
CA GLY A 176 12.57 31.87 -17.58
C GLY A 176 11.80 31.31 -16.39
N LYS A 177 10.72 30.57 -16.64
CA LYS A 177 9.97 29.88 -15.56
C LYS A 177 10.79 28.68 -15.07
N LYS A 178 10.76 28.39 -13.76
CA LYS A 178 11.46 27.26 -13.12
C LYS A 178 10.44 26.16 -12.80
N ILE A 179 10.65 24.94 -13.29
CA ILE A 179 9.76 23.78 -13.02
C ILE A 179 10.48 22.92 -11.98
N ASN A 180 10.30 21.60 -12.01
CA ASN A 180 11.32 20.62 -11.55
C ASN A 180 11.18 19.34 -12.40
N LYS A 181 11.88 19.27 -13.53
CA LYS A 181 11.56 18.36 -14.67
C LYS A 181 11.23 16.94 -14.16
N GLU A 182 11.89 16.49 -13.10
CA GLU A 182 11.58 15.20 -12.40
C GLU A 182 10.10 15.22 -11.95
N ASP A 183 9.82 15.86 -10.81
CA ASP A 183 8.49 15.83 -10.15
C ASP A 183 7.63 17.00 -10.63
N GLY A 184 8.05 17.71 -11.69
CA GLY A 184 7.41 18.95 -12.15
C GLY A 184 6.14 18.67 -12.91
N ILE A 185 6.18 17.68 -13.80
CA ILE A 185 5.02 17.25 -14.64
C ILE A 185 4.33 16.08 -13.93
N GLN A 186 3.04 16.24 -13.63
CA GLN A 186 2.16 15.18 -13.04
C GLN A 186 1.31 14.60 -14.17
N ARG A 187 1.40 13.30 -14.43
CA ARG A 187 0.57 12.63 -15.47
C ARG A 187 -0.68 12.08 -14.78
N TYR A 188 -1.83 12.71 -15.04
CA TYR A 188 -3.19 12.20 -14.69
C TYR A 188 -3.42 10.89 -15.44
N LYS A 189 -3.51 9.77 -14.70
CA LYS A 189 -3.89 8.43 -15.20
C LYS A 189 -5.35 8.15 -14.84
N GLY A 190 -5.89 8.85 -13.84
CA GLY A 190 -7.26 8.70 -13.32
C GLY A 190 -7.86 10.05 -12.95
N LEU A 191 -9.13 10.27 -13.30
CA LEU A 191 -9.85 11.53 -13.03
C LEU A 191 -9.92 11.78 -11.51
N GLY A 192 -9.84 10.73 -10.69
CA GLY A 192 -9.83 10.85 -9.22
C GLY A 192 -8.62 11.61 -8.69
N GLU A 193 -7.58 11.79 -9.52
CA GLU A 193 -6.32 12.51 -9.18
C GLU A 193 -6.55 14.02 -9.25
N MET A 194 -7.59 14.47 -9.96
CA MET A 194 -7.93 15.92 -10.12
C MET A 194 -8.91 16.33 -9.04
N ASP A 195 -8.73 17.49 -8.43
CA ASP A 195 -9.73 17.99 -7.46
C ASP A 195 -10.90 18.59 -8.27
N ALA A 196 -11.99 18.87 -7.58
CA ALA A 196 -13.25 19.35 -8.18
C ALA A 196 -12.95 20.61 -8.99
N LYS A 197 -12.17 21.54 -8.42
CA LYS A 197 -11.86 22.84 -9.05
C LYS A 197 -11.12 22.60 -10.36
N GLU A 198 -10.10 21.75 -10.33
CA GLU A 198 -9.26 21.45 -11.51
C GLU A 198 -10.15 20.84 -12.59
N LEU A 199 -10.99 19.89 -12.20
CA LEU A 199 -11.86 19.18 -13.16
C LEU A 199 -12.77 20.20 -13.84
N TRP A 200 -13.35 21.11 -13.05
CA TRP A 200 -14.26 22.16 -13.59
C TRP A 200 -13.50 23.03 -14.58
N GLU A 201 -12.35 23.54 -14.15
CA GLU A 201 -11.61 24.59 -14.89
C GLU A 201 -11.08 24.00 -16.20
N THR A 202 -10.92 22.68 -16.28
CA THR A 202 -10.24 22.02 -17.43
C THR A 202 -11.24 21.31 -18.34
N THR A 203 -12.28 20.71 -17.76
CA THR A 203 -13.02 19.62 -18.43
C THR A 203 -14.53 19.91 -18.46
N MET A 204 -15.05 20.71 -17.53
CA MET A 204 -16.52 20.78 -17.31
C MET A 204 -17.07 22.20 -17.51
N ASP A 205 -16.23 23.24 -17.45
CA ASP A 205 -16.65 24.65 -17.63
C ASP A 205 -16.99 24.89 -19.09
N PRO A 206 -18.28 25.13 -19.43
CA PRO A 206 -18.67 25.33 -20.83
C PRO A 206 -17.84 26.41 -21.53
N SER A 207 -17.35 27.39 -20.76
CA SER A 207 -16.57 28.54 -21.28
C SER A 207 -15.18 28.08 -21.74
N VAL A 208 -14.67 26.98 -21.20
CA VAL A 208 -13.25 26.55 -21.37
C VAL A 208 -13.20 25.16 -22.00
N ARG A 209 -14.19 24.30 -21.75
CA ARG A 209 -14.13 22.86 -22.06
C ARG A 209 -14.08 22.65 -23.57
N VAL A 210 -13.53 21.50 -23.98
CA VAL A 210 -13.56 20.99 -25.37
C VAL A 210 -14.35 19.68 -25.39
N LEU A 211 -15.42 19.63 -26.18
CA LEU A 211 -16.27 18.43 -26.35
C LEU A 211 -16.10 17.89 -27.77
N ARG A 212 -15.86 16.59 -27.91
CA ARG A 212 -15.81 15.92 -29.24
C ARG A 212 -17.18 15.28 -29.51
N GLN A 213 -17.92 15.84 -30.46
CA GLN A 213 -19.27 15.36 -30.85
C GLN A 213 -19.14 14.14 -31.77
N VAL A 214 -19.70 13.00 -31.35
CA VAL A 214 -19.65 11.73 -32.15
C VAL A 214 -20.67 11.82 -33.28
N THR A 215 -20.20 11.72 -34.54
CA THR A 215 -21.04 11.74 -35.76
C THR A 215 -21.07 10.34 -36.39
N LEU A 216 -22.10 10.07 -37.18
CA LEU A 216 -22.31 8.77 -37.88
C LEU A 216 -22.47 9.03 -39.38
N ASP A 217 -21.39 8.87 -40.15
CA ASP A 217 -21.37 9.15 -41.61
C ASP A 217 -22.02 8.00 -42.39
N ASP A 218 -21.54 6.78 -42.19
CA ASP A 218 -21.95 5.56 -42.93
C ASP A 218 -22.33 4.47 -41.93
N ALA A 219 -23.63 4.30 -41.72
CA ALA A 219 -24.22 3.32 -40.78
C ALA A 219 -23.71 1.92 -41.10
N ALA A 220 -23.67 1.56 -42.38
CA ALA A 220 -23.26 0.22 -42.85
C ALA A 220 -21.79 -0.01 -42.49
N ALA A 221 -20.94 0.96 -42.82
CA ALA A 221 -19.50 0.90 -42.55
C ALA A 221 -19.28 0.77 -41.04
N ALA A 222 -19.98 1.59 -40.26
CA ALA A 222 -19.90 1.60 -38.78
C ALA A 222 -20.31 0.22 -38.27
N ASP A 223 -21.41 -0.30 -38.80
CA ASP A 223 -21.96 -1.62 -38.40
C ASP A 223 -20.86 -2.66 -38.55
N GLU A 224 -20.20 -2.68 -39.72
CA GLU A 224 -19.16 -3.68 -40.05
C GLU A 224 -18.01 -3.52 -39.05
N LEU A 225 -17.58 -2.28 -38.81
CA LEU A 225 -16.44 -1.97 -37.92
C LEU A 225 -16.73 -2.50 -36.51
N PHE A 226 -17.92 -2.19 -35.98
CA PHE A 226 -18.33 -2.62 -34.62
C PHE A 226 -18.27 -4.14 -34.52
N SER A 227 -18.72 -4.83 -35.56
CA SER A 227 -18.70 -6.32 -35.63
C SER A 227 -17.26 -6.82 -35.52
N ILE A 228 -16.37 -6.18 -36.26
CA ILE A 228 -14.94 -6.57 -36.31
C ILE A 228 -14.33 -6.36 -34.93
N LEU A 229 -14.51 -5.17 -34.37
CA LEU A 229 -13.79 -4.71 -33.15
C LEU A 229 -14.39 -5.40 -31.92
N MET A 230 -15.72 -5.46 -31.84
CA MET A 230 -16.44 -5.82 -30.59
C MET A 230 -17.03 -7.22 -30.68
N GLY A 231 -17.08 -7.80 -31.88
CA GLY A 231 -17.76 -9.09 -32.12
C GLY A 231 -16.92 -10.28 -31.68
N GLU A 232 -17.35 -11.48 -32.04
CA GLU A 232 -16.74 -12.75 -31.56
C GLU A 232 -15.64 -13.21 -32.53
N ASP A 233 -15.61 -12.69 -33.76
CA ASP A 233 -14.63 -13.11 -34.79
C ASP A 233 -13.24 -12.59 -34.41
N VAL A 234 -12.48 -13.41 -33.69
CA VAL A 234 -11.13 -13.07 -33.14
C VAL A 234 -10.17 -12.86 -34.32
N ASP A 235 -10.26 -13.73 -35.33
CA ASP A 235 -9.34 -13.71 -36.50
C ASP A 235 -9.50 -12.38 -37.25
N ALA A 236 -10.74 -11.97 -37.50
CA ALA A 236 -11.09 -10.70 -38.18
C ALA A 236 -10.47 -9.54 -37.40
N ARG A 237 -10.63 -9.57 -36.07
CA ARG A 237 -10.15 -8.49 -35.17
C ARG A 237 -8.62 -8.44 -35.23
N ARG A 238 -7.97 -9.59 -35.06
CA ARG A 238 -6.49 -9.74 -35.08
C ARG A 238 -5.95 -9.13 -36.38
N SER A 239 -6.60 -9.42 -37.52
CA SER A 239 -6.20 -8.96 -38.87
C SER A 239 -6.44 -7.47 -39.00
N PHE A 240 -7.58 -6.99 -38.49
CA PHE A 240 -7.92 -5.54 -38.49
C PHE A 240 -6.81 -4.78 -37.77
N ILE A 241 -6.40 -5.22 -36.58
CA ILE A 241 -5.45 -4.49 -35.70
C ILE A 241 -4.04 -4.53 -36.30
N THR A 242 -3.62 -5.65 -36.88
CA THR A 242 -2.26 -5.82 -37.47
C THR A 242 -2.07 -4.84 -38.64
N ARG A 243 -3.07 -4.72 -39.51
CA ARG A 243 -2.96 -3.94 -40.79
C ARG A 243 -3.04 -2.43 -40.49
N ASN A 244 -3.74 -2.03 -39.43
CA ASN A 244 -4.16 -0.62 -39.16
C ASN A 244 -3.31 0.02 -38.07
N ALA A 245 -2.97 -0.72 -37.01
CA ALA A 245 -2.14 -0.23 -35.88
C ALA A 245 -0.79 0.28 -36.40
N LYS A 246 -0.34 -0.24 -37.56
CA LYS A 246 0.87 0.22 -38.29
C LYS A 246 0.83 1.75 -38.46
N ASP A 247 -0.33 2.30 -38.85
CA ASP A 247 -0.45 3.71 -39.31
C ASP A 247 -1.72 4.37 -38.73
N VAL A 248 -1.92 4.27 -37.41
CA VAL A 248 -3.04 4.91 -36.66
C VAL A 248 -2.60 6.27 -36.10
N ARG A 249 -1.28 6.48 -35.93
CA ARG A 249 -0.69 7.75 -35.42
C ARG A 249 -0.68 8.83 -36.51
N PHE A 250 -1.45 8.63 -37.59
CA PHE A 250 -1.51 9.50 -38.80
C PHE A 250 -2.96 9.76 -39.22
N LEU A 251 -3.86 8.77 -39.03
CA LEU A 251 -5.34 8.91 -39.18
C LEU A 251 -5.86 9.96 -38.20
N ARG A 266 -16.51 25.12 -27.24
CA ARG A 266 -15.88 24.53 -28.44
C ARG A 266 -16.28 23.05 -28.58
N ILE A 267 -17.06 22.75 -29.63
CA ILE A 267 -17.47 21.38 -30.04
C ILE A 267 -16.70 21.00 -31.31
N GLU A 268 -15.96 19.88 -31.27
CA GLU A 268 -15.23 19.32 -32.42
C GLU A 268 -15.93 18.03 -32.86
N PRO A 269 -16.34 17.91 -34.13
CA PRO A 269 -17.02 16.70 -34.61
C PRO A 269 -15.98 15.58 -34.80
N VAL A 270 -16.34 14.34 -34.48
CA VAL A 270 -15.47 13.15 -34.68
C VAL A 270 -16.35 11.99 -35.16
N ASP A 271 -15.97 11.37 -36.29
CA ASP A 271 -16.72 10.22 -36.85
C ASP A 271 -16.54 9.02 -35.91
N ILE A 272 -17.67 8.36 -35.62
CA ILE A 272 -17.73 7.20 -34.68
C ILE A 272 -16.74 6.14 -35.14
N GLU A 273 -16.67 5.87 -36.45
CA GLU A 273 -15.78 4.85 -37.05
C GLU A 273 -14.34 5.19 -36.66
N GLN A 274 -13.93 6.42 -36.90
CA GLN A 274 -12.55 6.89 -36.64
C GLN A 274 -12.27 6.78 -35.14
N GLU A 275 -13.20 7.23 -34.31
CA GLU A 275 -13.05 7.21 -32.84
C GLU A 275 -12.85 5.77 -32.37
N MET A 276 -13.72 4.88 -32.83
CA MET A 276 -13.70 3.45 -32.41
C MET A 276 -12.36 2.84 -32.82
N GLN A 277 -11.95 3.06 -34.06
CA GLN A 277 -10.69 2.49 -34.61
C GLN A 277 -9.53 2.96 -33.75
N ARG A 278 -9.39 4.26 -33.58
CA ARG A 278 -8.26 4.87 -32.86
C ARG A 278 -8.23 4.33 -31.43
N SER A 279 -9.35 4.47 -30.71
CA SER A 279 -9.42 4.13 -29.26
C SER A 279 -9.14 2.64 -29.06
N TYR A 280 -9.78 1.80 -29.89
CA TYR A 280 -9.66 0.34 -29.72
C TYR A 280 -8.24 -0.11 -30.05
N ILE A 281 -7.65 0.41 -31.12
CA ILE A 281 -6.29 -0.01 -31.54
C ILE A 281 -5.29 0.44 -30.46
N ASP A 282 -5.45 1.64 -29.93
CA ASP A 282 -4.61 2.15 -28.81
C ASP A 282 -4.66 1.16 -27.65
N TYR A 283 -5.87 0.78 -27.27
CA TYR A 283 -6.10 -0.17 -26.15
C TYR A 283 -5.41 -1.48 -26.48
N ALA A 284 -5.72 -2.02 -27.65
CA ALA A 284 -5.24 -3.35 -28.09
C ALA A 284 -3.72 -3.39 -28.03
N MET A 285 -3.07 -2.38 -28.60
CA MET A 285 -1.59 -2.38 -28.70
C MET A 285 -1.02 -2.25 -27.29
N SER A 286 -1.64 -1.44 -26.44
CA SER A 286 -1.20 -1.29 -25.03
C SER A 286 -1.22 -2.65 -24.33
N VAL A 287 -2.32 -3.39 -24.48
CA VAL A 287 -2.54 -4.71 -23.83
C VAL A 287 -1.50 -5.70 -24.37
N ILE A 288 -1.28 -5.68 -25.69
CA ILE A 288 -0.40 -6.67 -26.39
C ILE A 288 1.05 -6.40 -25.99
N VAL A 289 1.54 -5.19 -26.25
CA VAL A 289 3.00 -4.85 -26.24
C VAL A 289 3.42 -4.50 -24.80
N GLY A 290 2.47 -4.21 -23.90
CA GLY A 290 2.79 -3.64 -22.58
C GLY A 290 1.83 -4.04 -21.47
N ARG A 291 1.36 -5.29 -21.47
CA ARG A 291 0.56 -5.84 -20.32
C ARG A 291 0.59 -7.36 -20.34
N ALA A 292 0.06 -8.00 -21.39
CA ALA A 292 -0.41 -9.40 -21.37
C ALA A 292 0.69 -10.38 -21.81
N LEU A 293 1.66 -9.93 -22.61
CA LEU A 293 2.63 -10.84 -23.25
C LEU A 293 4.03 -10.60 -22.68
N PRO A 294 4.87 -11.66 -22.63
CA PRO A 294 6.23 -11.49 -22.14
C PRO A 294 7.17 -10.89 -23.19
N GLU A 295 8.20 -10.17 -22.73
CA GLU A 295 9.36 -9.78 -23.58
C GLU A 295 10.27 -10.99 -23.74
N VAL A 296 10.69 -11.26 -24.97
CA VAL A 296 11.45 -12.50 -25.35
C VAL A 296 12.75 -12.57 -24.55
N ARG A 297 13.35 -11.44 -24.23
CA ARG A 297 14.73 -11.41 -23.67
C ARG A 297 14.70 -11.79 -22.18
N ASP A 298 13.72 -11.32 -21.40
CA ASP A 298 13.70 -11.62 -19.94
C ASP A 298 12.48 -12.47 -19.58
N GLY A 299 11.51 -12.61 -20.48
CA GLY A 299 10.34 -13.47 -20.26
C GLY A 299 9.36 -12.86 -19.27
N LEU A 300 9.48 -11.55 -19.00
CA LEU A 300 8.67 -10.82 -17.99
C LEU A 300 7.60 -9.98 -18.67
N LYS A 301 6.38 -10.05 -18.16
CA LYS A 301 5.33 -9.04 -18.44
C LYS A 301 5.71 -7.77 -17.68
N PRO A 302 5.25 -6.59 -18.13
CA PRO A 302 5.68 -5.32 -17.52
C PRO A 302 5.45 -5.30 -16.01
N VAL A 303 4.29 -5.78 -15.57
CA VAL A 303 3.91 -5.82 -14.12
C VAL A 303 5.00 -6.58 -13.35
N HIS A 304 5.44 -7.73 -13.86
CA HIS A 304 6.45 -8.60 -13.20
C HIS A 304 7.75 -7.82 -13.06
N ARG A 305 8.19 -7.22 -14.17
CA ARG A 305 9.45 -6.47 -14.25
C ARG A 305 9.43 -5.37 -13.20
N ARG A 306 8.33 -4.61 -13.18
CA ARG A 306 8.21 -3.42 -12.30
C ARG A 306 8.22 -3.87 -10.84
N VAL A 307 7.51 -4.95 -10.51
CA VAL A 307 7.45 -5.46 -9.11
C VAL A 307 8.87 -5.87 -8.69
N LEU A 308 9.55 -6.67 -9.50
CA LEU A 308 10.88 -7.21 -9.16
C LEU A 308 11.88 -6.05 -9.04
N TYR A 309 11.84 -5.09 -9.96
CA TYR A 309 12.77 -3.94 -9.94
C TYR A 309 12.46 -3.07 -8.72
N ALA A 310 11.18 -2.81 -8.43
CA ALA A 310 10.77 -2.01 -7.26
C ALA A 310 11.32 -2.64 -5.98
N MET A 311 11.16 -3.96 -5.86
CA MET A 311 11.66 -4.72 -4.68
C MET A 311 13.18 -4.58 -4.63
N PHE A 312 13.87 -4.71 -5.77
CA PHE A 312 15.34 -4.57 -5.89
C PHE A 312 15.75 -3.18 -5.41
N ASP A 313 15.14 -2.13 -5.96
CA ASP A 313 15.48 -0.71 -5.66
C ASP A 313 15.21 -0.41 -4.19
N SER A 314 14.21 -1.08 -3.60
CA SER A 314 13.80 -0.91 -2.18
C SER A 314 14.73 -1.69 -1.26
N GLY A 315 15.57 -2.57 -1.82
CA GLY A 315 16.56 -3.35 -1.06
C GLY A 315 15.95 -4.57 -0.41
N PHE A 316 14.81 -5.08 -0.91
CA PHE A 316 14.17 -6.33 -0.42
C PHE A 316 14.89 -7.53 -1.04
N ARG A 317 16.18 -7.68 -0.74
CA ARG A 317 17.08 -8.70 -1.35
C ARG A 317 17.09 -9.93 -0.45
N PRO A 318 17.56 -11.10 -0.95
CA PRO A 318 17.54 -12.34 -0.19
C PRO A 318 18.40 -12.25 1.08
N ASP A 319 19.38 -11.33 1.10
CA ASP A 319 20.35 -11.11 2.20
C ASP A 319 19.69 -10.38 3.38
N ARG A 320 18.48 -9.82 3.20
CA ARG A 320 17.80 -9.01 4.23
C ARG A 320 16.48 -9.69 4.66
N SER A 321 15.82 -9.14 5.67
CA SER A 321 14.61 -9.70 6.30
C SER A 321 13.38 -9.37 5.44
N HIS A 322 12.48 -10.34 5.25
CA HIS A 322 11.18 -10.20 4.55
C HIS A 322 10.53 -8.86 4.92
N ALA A 323 9.95 -8.18 3.94
CA ALA A 323 9.20 -6.91 4.13
C ALA A 323 7.71 -7.20 3.90
N LYS A 324 6.85 -6.45 4.59
CA LYS A 324 5.38 -6.54 4.40
C LYS A 324 5.09 -6.40 2.90
N SER A 325 4.31 -7.32 2.33
CA SER A 325 3.91 -7.33 0.90
C SER A 325 3.38 -5.95 0.51
N ALA A 326 2.63 -5.31 1.41
CA ALA A 326 1.96 -4.01 1.19
C ALA A 326 2.98 -2.98 0.72
N ARG A 327 4.16 -2.97 1.32
CA ARG A 327 5.21 -1.96 1.05
C ARG A 327 5.68 -2.11 -0.39
N SER A 328 5.97 -3.35 -0.78
CA SER A 328 6.42 -3.70 -2.16
C SER A 328 5.35 -3.25 -3.15
N VAL A 329 4.08 -3.59 -2.87
CA VAL A 329 2.93 -3.28 -3.76
C VAL A 329 2.83 -1.77 -3.89
N ALA A 330 2.88 -1.06 -2.76
CA ALA A 330 2.67 0.39 -2.71
C ALA A 330 3.79 1.09 -3.46
N GLU A 331 5.03 0.68 -3.21
CA GLU A 331 6.23 1.30 -3.83
C GLU A 331 6.14 1.10 -5.35
N THR A 332 5.79 -0.11 -5.77
CA THR A 332 5.64 -0.49 -7.19
C THR A 332 4.60 0.41 -7.84
N MET A 333 3.43 0.44 -7.23
CA MET A 333 2.24 1.19 -7.69
C MET A 333 2.59 2.67 -7.82
N GLY A 334 3.20 3.22 -6.78
CA GLY A 334 3.44 4.67 -6.65
C GLY A 334 4.47 5.15 -7.65
N ASN A 335 5.50 4.35 -7.90
CA ASN A 335 6.68 4.83 -8.64
C ASN A 335 6.64 4.33 -10.08
N TYR A 336 5.92 3.24 -10.34
CA TYR A 336 5.88 2.60 -11.69
C TYR A 336 4.46 2.17 -12.01
N HIS A 337 4.25 0.91 -12.39
CA HIS A 337 2.92 0.31 -12.64
C HIS A 337 1.79 1.20 -12.09
N PRO A 338 1.26 2.13 -12.91
CA PRO A 338 0.20 3.03 -12.46
C PRO A 338 -1.18 2.38 -12.63
N HIS A 339 -1.45 1.34 -11.82
CA HIS A 339 -2.65 0.48 -11.92
C HIS A 339 -3.11 0.06 -10.52
N GLY A 340 -4.16 -0.79 -10.47
CA GLY A 340 -4.78 -1.31 -9.24
C GLY A 340 -3.82 -2.12 -8.39
N ASP A 341 -3.99 -2.05 -7.07
CA ASP A 341 -3.16 -2.72 -6.04
C ASP A 341 -3.44 -4.23 -6.08
N ALA A 342 -4.69 -4.62 -6.32
CA ALA A 342 -5.12 -6.04 -6.37
C ALA A 342 -4.28 -6.79 -7.39
N SER A 343 -4.17 -6.24 -8.61
CA SER A 343 -3.48 -6.91 -9.72
C SER A 343 -1.98 -7.01 -9.41
N ILE A 344 -1.40 -5.96 -8.84
CA ILE A 344 0.05 -5.92 -8.46
C ILE A 344 0.29 -7.01 -7.41
N TYR A 345 -0.54 -7.02 -6.36
CA TYR A 345 -0.40 -8.00 -5.25
C TYR A 345 -0.55 -9.41 -5.81
N ASP A 346 -1.55 -9.63 -6.65
CA ASP A 346 -1.83 -10.96 -7.23
C ASP A 346 -0.59 -11.44 -7.97
N SER A 347 0.00 -10.57 -8.79
CA SER A 347 1.22 -10.86 -9.57
C SER A 347 2.33 -11.28 -8.61
N LEU A 348 2.51 -10.49 -7.55
CA LEU A 348 3.56 -10.75 -6.53
C LEU A 348 3.32 -12.13 -5.93
N VAL A 349 2.06 -12.40 -5.53
CA VAL A 349 1.69 -13.67 -4.87
C VAL A 349 2.03 -14.82 -5.81
N ARG A 350 1.66 -14.71 -7.09
CA ARG A 350 1.85 -15.80 -8.08
C ARG A 350 3.34 -16.09 -8.25
N MET A 351 4.19 -15.07 -8.24
CA MET A 351 5.64 -15.24 -8.42
C MET A 351 6.27 -15.87 -7.17
N ALA A 352 5.47 -16.01 -6.11
CA ALA A 352 5.91 -16.62 -4.83
C ALA A 352 5.41 -18.07 -4.72
N GLN A 353 4.46 -18.47 -5.55
CA GLN A 353 3.81 -19.80 -5.44
C GLN A 353 4.65 -20.85 -6.16
N PRO A 354 5.18 -21.88 -5.44
CA PRO A 354 6.02 -22.89 -6.08
C PRO A 354 5.25 -23.83 -7.02
N TRP A 355 3.93 -23.85 -6.93
CA TRP A 355 3.08 -24.65 -7.85
C TRP A 355 2.71 -23.82 -9.09
N SER A 356 2.91 -22.50 -9.05
CA SER A 356 2.59 -21.60 -10.19
C SER A 356 3.84 -21.41 -11.06
N LEU A 357 5.00 -21.22 -10.43
CA LEU A 357 6.30 -20.98 -11.10
C LEU A 357 7.24 -22.15 -10.82
N ARG A 358 7.89 -22.66 -11.86
CA ARG A 358 8.94 -23.71 -11.74
C ARG A 358 10.11 -23.15 -10.93
N TYR A 359 10.39 -21.85 -11.07
CA TYR A 359 11.49 -21.15 -10.36
C TYR A 359 10.97 -19.83 -9.80
N PRO A 360 10.40 -19.84 -8.56
CA PRO A 360 9.83 -18.64 -7.96
C PRO A 360 10.82 -17.49 -7.91
N LEU A 361 10.34 -16.27 -8.18
CA LEU A 361 11.16 -15.04 -8.20
C LEU A 361 10.94 -14.25 -6.92
N VAL A 362 9.89 -14.57 -6.16
CA VAL A 362 9.56 -13.93 -4.87
C VAL A 362 9.61 -14.98 -3.77
N ASP A 363 10.33 -14.69 -2.69
CA ASP A 363 10.33 -15.49 -1.43
C ASP A 363 9.25 -14.96 -0.50
N GLY A 364 8.14 -15.67 -0.39
CA GLY A 364 6.99 -15.27 0.43
C GLY A 364 7.05 -15.86 1.82
N GLN A 365 6.59 -15.11 2.82
CA GLN A 365 6.45 -15.56 4.23
C GLN A 365 4.98 -15.34 4.66
N GLY A 366 4.30 -16.40 5.08
CA GLY A 366 2.88 -16.36 5.47
C GLY A 366 2.01 -17.14 4.50
N ASN A 367 0.74 -16.78 4.43
CA ASN A 367 -0.29 -17.50 3.62
C ASN A 367 -0.32 -16.91 2.21
N PHE A 368 0.29 -17.57 1.23
CA PHE A 368 0.29 -17.14 -0.19
C PHE A 368 -0.67 -18.02 -0.99
N GLY A 369 -1.64 -18.63 -0.32
CA GLY A 369 -2.71 -19.40 -0.98
C GLY A 369 -2.40 -20.89 -1.05
N SER A 370 -3.29 -21.62 -1.71
CA SER A 370 -3.20 -23.10 -1.88
C SER A 370 -3.37 -23.43 -3.36
N PRO A 371 -2.93 -24.63 -3.80
CA PRO A 371 -3.23 -25.10 -5.14
C PRO A 371 -4.73 -25.34 -5.33
N GLY A 372 -5.51 -25.25 -4.25
CA GLY A 372 -6.98 -25.34 -4.26
C GLY A 372 -7.64 -23.98 -4.25
N ASN A 373 -8.73 -23.84 -3.51
CA ASN A 373 -9.58 -22.61 -3.56
C ASN A 373 -9.25 -21.66 -2.40
N ASP A 374 -8.35 -22.04 -1.49
CA ASP A 374 -7.90 -21.13 -0.39
C ASP A 374 -7.11 -19.98 -1.01
N PRO A 375 -7.59 -18.72 -0.95
CA PRO A 375 -6.84 -17.59 -1.48
C PRO A 375 -5.69 -17.17 -0.56
N PRO A 376 -4.76 -16.32 -1.03
CA PRO A 376 -3.70 -15.77 -0.18
C PRO A 376 -4.27 -14.81 0.88
N ALA A 377 -3.56 -14.66 2.00
CA ALA A 377 -3.87 -13.68 3.05
C ALA A 377 -3.74 -12.27 2.48
N ALA A 378 -4.37 -11.29 3.12
CA ALA A 378 -4.26 -9.87 2.74
C ALA A 378 -2.80 -9.44 2.80
N MET A 379 -2.40 -8.47 1.95
CA MET A 379 -1.00 -8.00 1.81
C MET A 379 -0.53 -7.34 3.11
N ARG A 380 -1.46 -7.00 4.00
CA ARG A 380 -1.12 -6.43 5.32
C ARG A 380 -0.52 -7.52 6.22
N TYR A 381 -0.78 -8.81 5.93
CA TYR A 381 -0.30 -9.95 6.76
C TYR A 381 0.93 -10.59 6.13
N THR A 382 0.96 -10.75 4.80
CA THR A 382 2.03 -11.46 4.07
C THR A 382 3.30 -10.60 4.02
N GLU A 383 4.47 -11.25 3.96
CA GLU A 383 5.79 -10.58 3.79
C GLU A 383 6.50 -11.19 2.59
N ALA A 384 7.33 -10.42 1.90
CA ALA A 384 8.01 -10.89 0.68
C ALA A 384 9.38 -10.23 0.51
N ARG A 385 10.30 -10.94 -0.17
CA ARG A 385 11.62 -10.42 -0.66
C ARG A 385 11.99 -11.16 -1.95
N LEU A 386 13.05 -10.73 -2.62
CA LEU A 386 13.53 -11.40 -3.86
C LEU A 386 14.19 -12.73 -3.50
N THR A 387 14.11 -13.70 -4.40
CA THR A 387 14.81 -15.01 -4.27
C THR A 387 16.23 -14.83 -4.79
N PRO A 388 17.17 -15.71 -4.39
CA PRO A 388 18.52 -15.69 -4.98
C PRO A 388 18.47 -15.72 -6.51
N LEU A 389 17.56 -16.53 -7.08
CA LEU A 389 17.43 -16.66 -8.55
C LEU A 389 16.95 -15.33 -9.12
N ALA A 390 16.03 -14.65 -8.45
CA ALA A 390 15.52 -13.33 -8.88
C ALA A 390 16.70 -12.35 -8.99
N MET A 391 17.69 -12.47 -8.10
CA MET A 391 18.86 -11.56 -8.12
C MET A 391 19.65 -11.78 -9.41
N GLU A 392 19.62 -13.00 -9.96
CA GLU A 392 20.31 -13.31 -11.24
C GLU A 392 19.58 -12.61 -12.40
N MET A 393 18.27 -12.42 -12.28
CA MET A 393 17.48 -11.65 -13.26
C MET A 393 17.98 -10.20 -13.29
N LEU A 394 18.40 -9.68 -12.13
CA LEU A 394 18.68 -8.23 -11.94
C LEU A 394 20.18 -7.97 -11.89
N ARG A 395 21.01 -9.01 -12.06
CA ARG A 395 22.49 -8.92 -11.87
C ARG A 395 23.07 -7.75 -12.68
N GLU A 396 23.83 -6.87 -12.02
CA GLU A 396 24.66 -5.79 -12.62
C GLU A 396 23.77 -4.85 -13.45
N ILE A 397 22.51 -4.70 -13.04
CA ILE A 397 21.55 -3.78 -13.70
C ILE A 397 22.09 -2.35 -13.58
N ASP A 398 22.92 -2.06 -12.57
CA ASP A 398 23.48 -0.71 -12.31
C ASP A 398 24.71 -0.44 -13.18
N GLU A 399 25.10 -1.36 -14.05
CA GLU A 399 26.31 -1.23 -14.91
C GLU A 399 25.91 -0.97 -16.36
N GLU A 400 24.81 -0.25 -16.60
CA GLU A 400 24.31 0.10 -17.96
C GLU A 400 24.24 -1.18 -18.80
N THR A 401 23.79 -2.28 -18.19
CA THR A 401 23.65 -3.57 -18.90
C THR A 401 22.35 -3.56 -19.70
N VAL A 402 21.40 -2.70 -19.36
CA VAL A 402 20.10 -2.60 -20.10
C VAL A 402 19.73 -1.12 -20.25
N ASP A 403 18.81 -0.84 -21.17
CA ASP A 403 18.27 0.51 -21.43
C ASP A 403 17.30 0.89 -20.30
N PHE A 404 17.34 2.16 -19.89
CA PHE A 404 16.39 2.75 -18.93
C PHE A 404 15.57 3.83 -19.65
N ILE A 405 14.30 3.93 -19.31
CA ILE A 405 13.36 4.95 -19.85
C ILE A 405 12.67 5.64 -18.68
N PRO A 406 12.16 6.87 -18.87
CA PRO A 406 11.38 7.53 -17.83
C PRO A 406 10.10 6.74 -17.52
N ASN A 407 9.73 6.67 -16.24
CA ASN A 407 8.47 6.00 -15.81
C ASN A 407 7.28 6.81 -16.33
N TYR A 408 6.05 6.31 -16.11
CA TYR A 408 4.79 6.85 -16.68
C TYR A 408 4.76 8.38 -16.64
N ASP A 409 5.28 9.01 -15.58
CA ASP A 409 5.20 10.48 -15.35
C ASP A 409 6.58 11.14 -15.49
N GLY A 410 7.68 10.37 -15.49
CA GLY A 410 9.03 10.84 -15.79
C GLY A 410 9.85 11.19 -14.55
N ARG A 411 9.29 11.01 -13.35
CA ARG A 411 9.97 11.27 -12.05
C ARG A 411 11.25 10.44 -11.96
N VAL A 412 11.13 9.12 -12.18
CA VAL A 412 12.22 8.12 -12.01
C VAL A 412 12.45 7.39 -13.34
N GLN A 413 13.58 6.70 -13.42
CA GLN A 413 13.94 5.83 -14.57
C GLN A 413 13.58 4.39 -14.23
N GLU A 414 13.16 3.61 -15.24
CA GLU A 414 12.88 2.16 -15.10
C GLU A 414 13.53 1.41 -16.25
N PRO A 415 13.99 0.15 -16.02
CA PRO A 415 14.59 -0.64 -17.09
C PRO A 415 13.52 -1.13 -18.08
N THR A 416 13.87 -1.16 -19.38
CA THR A 416 13.01 -1.64 -20.49
C THR A 416 12.87 -3.15 -20.39
N VAL A 417 13.98 -3.80 -20.02
CA VAL A 417 14.11 -5.27 -19.89
C VAL A 417 15.11 -5.53 -18.78
N LEU A 418 15.09 -6.71 -18.17
CA LEU A 418 16.08 -7.09 -17.13
C LEU A 418 17.26 -7.79 -17.80
N PRO A 419 18.46 -7.76 -17.19
CA PRO A 419 19.61 -8.53 -17.71
C PRO A 419 19.28 -10.01 -17.90
N SER A 420 18.55 -10.60 -16.96
CA SER A 420 17.98 -11.97 -17.02
C SER A 420 19.08 -13.00 -17.32
N ARG A 421 20.09 -13.06 -16.44
CA ARG A 421 21.25 -13.97 -16.62
C ARG A 421 20.72 -15.41 -16.62
N PHE A 422 19.50 -15.64 -16.14
CA PHE A 422 18.87 -16.96 -16.33
C PHE A 422 17.74 -16.87 -17.37
N PRO A 423 17.61 -17.91 -18.23
CA PRO A 423 16.61 -17.94 -19.31
C PRO A 423 15.17 -18.12 -18.79
N ASN A 424 14.64 -17.05 -18.18
CA ASN A 424 13.38 -17.04 -17.39
C ASN A 424 12.19 -17.41 -18.28
N LEU A 425 12.16 -16.93 -19.53
CA LEU A 425 10.97 -17.12 -20.41
C LEU A 425 10.65 -18.61 -20.53
N LEU A 426 11.67 -19.42 -20.82
CA LEU A 426 11.51 -20.88 -21.02
C LEU A 426 11.48 -21.58 -19.66
N ALA A 427 12.24 -21.09 -18.68
CA ALA A 427 12.38 -21.73 -17.36
C ALA A 427 11.04 -21.67 -16.61
N ASN A 428 10.39 -20.49 -16.62
CA ASN A 428 9.16 -20.23 -15.83
C ASN A 428 7.92 -20.26 -16.73
N GLY A 429 8.10 -20.14 -18.04
CA GLY A 429 6.96 -20.02 -18.98
C GLY A 429 6.24 -18.71 -18.81
N SER A 430 5.15 -18.53 -19.55
CA SER A 430 4.31 -17.33 -19.49
C SER A 430 2.90 -17.66 -20.02
N GLY A 431 1.88 -17.20 -19.32
CA GLY A 431 0.48 -17.27 -19.77
C GLY A 431 -0.14 -15.89 -19.79
N GLY A 432 -0.90 -15.57 -20.83
CA GLY A 432 -1.50 -14.25 -20.96
C GLY A 432 -2.53 -14.18 -22.06
N ILE A 433 -3.58 -13.41 -21.83
CA ILE A 433 -4.69 -13.16 -22.78
C ILE A 433 -4.58 -11.70 -23.24
N ALA A 434 -4.21 -11.47 -24.50
CA ALA A 434 -4.15 -10.13 -25.12
C ALA A 434 -5.41 -9.91 -25.96
N VAL A 435 -5.45 -8.82 -26.72
CA VAL A 435 -6.58 -8.53 -27.65
C VAL A 435 -6.30 -9.23 -28.99
N GLY A 436 -7.19 -10.13 -29.40
CA GLY A 436 -7.05 -10.92 -30.64
C GLY A 436 -5.90 -11.92 -30.59
N MET A 437 -5.30 -12.17 -29.41
CA MET A 437 -4.22 -13.19 -29.29
C MET A 437 -3.97 -13.57 -27.83
N ALA A 438 -3.26 -14.68 -27.62
CA ALA A 438 -2.86 -15.20 -26.29
C ALA A 438 -1.45 -15.83 -26.39
N THR A 439 -0.75 -15.89 -25.26
CA THR A 439 0.51 -16.67 -25.13
C THR A 439 0.27 -17.75 -24.09
N ASN A 440 0.92 -18.89 -24.28
CA ASN A 440 0.87 -20.03 -23.34
C ASN A 440 2.18 -20.81 -23.49
N ILE A 441 3.26 -20.31 -22.91
CA ILE A 441 4.61 -20.94 -22.99
C ILE A 441 4.79 -21.82 -21.74
N PRO A 442 5.06 -23.13 -21.89
CA PRO A 442 5.23 -23.99 -20.73
C PRO A 442 6.59 -23.79 -20.06
N PRO A 443 6.73 -24.12 -18.76
CA PRO A 443 8.02 -24.06 -18.09
C PRO A 443 8.90 -25.26 -18.47
N HIS A 444 10.22 -25.09 -18.34
CA HIS A 444 11.24 -26.09 -18.74
C HIS A 444 12.29 -26.23 -17.64
N ASN A 445 13.10 -27.27 -17.74
CA ASN A 445 14.19 -27.59 -16.78
C ASN A 445 15.40 -26.69 -17.08
N LEU A 446 15.91 -26.01 -16.06
CA LEU A 446 17.03 -25.04 -16.17
C LEU A 446 18.25 -25.75 -16.77
N ARG A 447 18.59 -26.94 -16.28
CA ARG A 447 19.80 -27.67 -16.72
C ARG A 447 19.69 -27.97 -18.22
N GLU A 448 18.51 -28.43 -18.67
CA GLU A 448 18.26 -28.75 -20.10
C GLU A 448 18.43 -27.49 -20.93
N LEU A 449 17.83 -26.39 -20.48
CA LEU A 449 17.88 -25.09 -21.19
C LEU A 449 19.34 -24.62 -21.26
N ALA A 450 20.08 -24.72 -20.16
CA ALA A 450 21.50 -24.32 -20.08
C ALA A 450 22.29 -25.10 -21.14
N ASP A 451 22.05 -26.41 -21.23
CA ASP A 451 22.72 -27.28 -22.21
C ASP A 451 22.49 -26.71 -23.62
N ALA A 452 21.23 -26.38 -23.93
CA ALA A 452 20.85 -25.81 -25.24
C ALA A 452 21.61 -24.52 -25.49
N VAL A 453 21.67 -23.65 -24.47
CA VAL A 453 22.35 -22.33 -24.56
C VAL A 453 23.84 -22.58 -24.82
N PHE A 454 24.44 -23.53 -24.10
CA PHE A 454 25.89 -23.85 -24.23
C PHE A 454 26.15 -24.27 -25.67
N TRP A 455 25.30 -25.12 -26.23
CA TRP A 455 25.45 -25.57 -27.64
C TRP A 455 25.40 -24.36 -28.57
N ALA A 456 24.39 -23.50 -28.41
CA ALA A 456 24.17 -22.33 -29.27
C ALA A 456 25.39 -21.41 -29.21
N LEU A 457 25.98 -21.27 -28.02
CA LEU A 457 27.20 -20.45 -27.81
C LEU A 457 28.35 -21.05 -28.62
N GLU A 458 28.50 -22.37 -28.55
CA GLU A 458 29.64 -23.08 -29.20
C GLU A 458 29.41 -23.12 -30.70
N ASN A 459 28.16 -23.25 -31.12
CA ASN A 459 27.78 -23.37 -32.56
C ASN A 459 27.10 -22.08 -33.00
N HIS A 460 27.75 -20.94 -32.75
CA HIS A 460 27.17 -19.59 -32.97
C HIS A 460 26.79 -19.42 -34.44
N ASP A 461 27.49 -20.11 -35.33
CA ASP A 461 27.33 -19.90 -36.80
C ASP A 461 26.44 -20.98 -37.40
N ALA A 462 25.89 -21.90 -36.59
CA ALA A 462 24.96 -22.95 -37.08
C ALA A 462 23.70 -22.30 -37.63
N ASP A 463 23.17 -22.84 -38.73
CA ASP A 463 21.95 -22.30 -39.37
C ASP A 463 20.74 -22.74 -38.55
N GLU A 464 19.57 -22.25 -38.94
CA GLU A 464 18.29 -22.41 -38.19
C GLU A 464 17.99 -23.90 -38.05
N GLU A 465 18.12 -24.66 -39.14
CA GLU A 465 17.76 -26.10 -39.18
C GLU A 465 18.64 -26.85 -38.18
N GLU A 466 19.95 -26.63 -38.28
CA GLU A 466 20.94 -27.32 -37.43
C GLU A 466 20.69 -26.94 -35.98
N THR A 467 20.47 -25.65 -35.72
CA THR A 467 20.25 -25.15 -34.34
C THR A 467 18.96 -25.78 -33.80
N LEU A 468 17.88 -25.78 -34.58
CA LEU A 468 16.59 -26.33 -34.14
C LEU A 468 16.78 -27.79 -33.72
N ALA A 469 17.44 -28.59 -34.56
CA ALA A 469 17.68 -30.02 -34.32
C ALA A 469 18.44 -30.17 -33.00
N ALA A 470 19.51 -29.39 -32.84
CA ALA A 470 20.42 -29.48 -31.67
C ALA A 470 19.65 -29.15 -30.39
N VAL A 471 18.91 -28.05 -30.40
CA VAL A 471 18.24 -27.54 -29.16
C VAL A 471 17.10 -28.48 -28.80
N MET A 472 16.37 -29.01 -29.79
CA MET A 472 15.25 -29.95 -29.53
C MET A 472 15.78 -31.22 -28.88
N GLY A 473 17.01 -31.62 -29.23
CA GLY A 473 17.65 -32.83 -28.67
C GLY A 473 18.02 -32.65 -27.21
N ARG A 474 18.18 -31.40 -26.76
CA ARG A 474 18.68 -31.09 -25.41
C ARG A 474 17.51 -30.68 -24.49
N VAL A 475 16.52 -29.97 -25.03
CA VAL A 475 15.28 -29.57 -24.32
C VAL A 475 14.19 -30.63 -24.57
N LYS A 476 14.07 -31.62 -23.68
CA LYS A 476 13.25 -32.84 -23.94
C LYS A 476 11.77 -32.50 -23.92
N GLY A 477 11.36 -31.49 -23.14
CA GLY A 477 9.95 -31.06 -23.10
C GLY A 477 9.68 -30.17 -21.90
N PRO A 478 8.41 -29.75 -21.75
CA PRO A 478 7.99 -29.03 -20.55
C PRO A 478 8.38 -29.76 -19.26
N ASP A 479 8.72 -29.00 -18.23
CA ASP A 479 9.01 -29.48 -16.86
C ASP A 479 8.13 -28.67 -15.89
N PHE A 480 6.92 -29.14 -15.59
CA PHE A 480 5.90 -28.40 -14.82
C PHE A 480 6.25 -28.44 -13.34
N PRO A 481 5.96 -27.36 -12.56
CA PRO A 481 6.22 -27.36 -11.13
C PRO A 481 5.44 -28.46 -10.37
N THR A 482 4.32 -28.92 -10.95
CA THR A 482 3.36 -29.88 -10.35
C THR A 482 3.76 -31.32 -10.69
N ALA A 483 4.90 -31.47 -11.36
CA ALA A 483 5.45 -32.77 -11.80
C ALA A 483 4.46 -33.43 -12.78
N GLY A 484 3.92 -34.59 -12.41
CA GLY A 484 3.02 -35.34 -13.30
C GLY A 484 3.75 -35.92 -14.50
N LEU A 485 2.98 -36.29 -15.53
CA LEU A 485 3.49 -37.02 -16.71
C LEU A 485 3.17 -36.24 -17.97
N ILE A 486 4.07 -36.27 -18.94
CA ILE A 486 3.82 -35.83 -20.34
C ILE A 486 3.70 -37.09 -21.20
N VAL A 487 2.55 -37.26 -21.88
CA VAL A 487 2.26 -38.46 -22.70
C VAL A 487 2.55 -38.14 -24.16
N GLY A 488 3.59 -38.74 -24.71
CA GLY A 488 3.93 -38.57 -26.12
C GLY A 488 4.85 -37.39 -26.32
N SER A 489 5.42 -37.32 -27.50
CA SER A 489 6.47 -36.35 -27.89
C SER A 489 5.95 -35.43 -28.99
N GLN A 490 4.87 -35.82 -29.67
CA GLN A 490 4.37 -35.12 -30.89
C GLN A 490 4.06 -33.67 -30.56
N GLY A 491 3.23 -33.46 -29.53
CA GLY A 491 2.78 -32.13 -29.09
C GLY A 491 3.95 -31.22 -28.81
N THR A 492 4.97 -31.76 -28.12
CA THR A 492 6.20 -31.03 -27.75
C THR A 492 6.92 -30.64 -29.03
N ALA A 493 7.09 -31.60 -29.93
CA ALA A 493 7.82 -31.42 -31.20
C ALA A 493 7.13 -30.32 -32.02
N ASP A 494 5.81 -30.42 -32.15
CA ASP A 494 5.00 -29.41 -32.88
C ASP A 494 5.28 -28.03 -32.30
N ALA A 495 5.17 -27.89 -30.98
CA ALA A 495 5.34 -26.61 -30.27
C ALA A 495 6.72 -26.04 -30.59
N TYR A 496 7.74 -26.88 -30.57
CA TYR A 496 9.14 -26.44 -30.76
C TYR A 496 9.36 -26.04 -32.21
N LYS A 497 8.71 -26.71 -33.15
CA LYS A 497 8.98 -26.50 -34.60
C LYS A 497 8.13 -25.35 -35.13
N THR A 498 6.95 -25.12 -34.58
CA THR A 498 5.97 -24.17 -35.15
C THR A 498 5.66 -23.03 -34.17
N GLY A 499 5.90 -23.25 -32.88
CA GLY A 499 5.44 -22.33 -31.83
C GLY A 499 4.04 -22.70 -31.33
N ARG A 500 3.40 -23.72 -31.91
CA ARG A 500 2.06 -24.18 -31.48
C ARG A 500 2.07 -25.69 -31.29
N GLY A 501 1.42 -26.15 -30.23
CA GLY A 501 1.35 -27.59 -29.94
C GLY A 501 0.44 -27.93 -28.79
N SER A 502 -0.15 -29.13 -28.84
CA SER A 502 -1.00 -29.67 -27.76
C SER A 502 -0.20 -30.72 -26.97
N ILE A 503 0.22 -30.37 -25.75
CA ILE A 503 1.03 -31.28 -24.89
C ILE A 503 0.12 -31.95 -23.87
N ARG A 504 -0.03 -33.27 -23.98
CA ARG A 504 -0.89 -34.08 -23.08
C ARG A 504 -0.19 -34.25 -21.73
N MET A 505 -0.83 -33.78 -20.66
CA MET A 505 -0.36 -33.94 -19.27
C MET A 505 -1.23 -34.97 -18.57
N ARG A 506 -0.63 -35.80 -17.71
CA ARG A 506 -1.34 -36.85 -16.95
C ARG A 506 -0.92 -36.79 -15.48
N GLY A 507 -1.89 -36.97 -14.58
CA GLY A 507 -1.61 -37.14 -13.14
C GLY A 507 -1.08 -38.54 -12.85
N VAL A 508 -0.53 -38.73 -11.64
CA VAL A 508 0.09 -40.01 -11.18
C VAL A 508 -0.89 -40.71 -10.24
N VAL A 509 -1.24 -41.95 -10.58
CA VAL A 509 -2.18 -42.82 -9.80
C VAL A 509 -1.40 -44.06 -9.36
N GLU A 510 -1.42 -44.35 -8.06
CA GLU A 510 -0.83 -45.57 -7.45
C GLU A 510 -1.98 -46.48 -6.98
N VAL A 511 -1.88 -47.77 -7.29
CA VAL A 511 -2.86 -48.80 -6.86
C VAL A 511 -2.39 -49.34 -5.51
N GLU A 512 -3.20 -49.16 -4.46
CA GLU A 512 -2.96 -49.73 -3.11
C GLU A 512 -4.06 -50.74 -2.79
N GLU A 513 -3.70 -51.88 -2.20
CA GLU A 513 -4.63 -52.95 -1.75
C GLU A 513 -4.59 -53.02 -0.22
N ASP A 514 -5.77 -52.94 0.42
CA ASP A 514 -5.90 -52.90 1.91
C ASP A 514 -5.89 -54.34 2.45
N SER A 515 -5.91 -54.47 3.78
CA SER A 515 -5.71 -55.73 4.54
C SER A 515 -6.86 -56.72 4.29
N ARG A 516 -8.06 -56.22 4.00
CA ARG A 516 -9.31 -57.05 3.86
C ARG A 516 -9.51 -57.49 2.40
N GLY A 517 -8.77 -56.89 1.45
CA GLY A 517 -8.68 -57.35 0.05
C GLY A 517 -9.23 -56.34 -0.96
N ARG A 518 -9.63 -55.15 -0.51
CA ARG A 518 -10.21 -54.07 -1.37
C ARG A 518 -9.06 -53.28 -2.03
N THR A 519 -9.30 -52.80 -3.26
CA THR A 519 -8.33 -52.06 -4.11
C THR A 519 -8.69 -50.57 -4.08
N SER A 520 -7.69 -49.71 -3.88
CA SER A 520 -7.85 -48.23 -3.86
C SER A 520 -6.86 -47.60 -4.84
N LEU A 521 -7.30 -46.57 -5.56
CA LEU A 521 -6.41 -45.70 -6.39
C LEU A 521 -5.98 -44.49 -5.55
N VAL A 522 -4.67 -44.27 -5.43
CA VAL A 522 -4.08 -43.09 -4.71
C VAL A 522 -3.51 -42.11 -5.75
N ILE A 523 -4.16 -40.95 -5.91
CA ILE A 523 -3.69 -39.87 -6.83
C ILE A 523 -2.71 -38.95 -6.08
N THR A 524 -1.45 -38.86 -6.52
CA THR A 524 -0.37 -38.16 -5.78
C THR A 524 0.10 -36.88 -6.52
N GLU A 525 -0.15 -36.78 -7.83
CA GLU A 525 0.33 -35.64 -8.67
C GLU A 525 -0.78 -35.30 -9.68
N LEU A 526 -1.03 -34.01 -9.88
CA LEU A 526 -2.04 -33.54 -10.86
C LEU A 526 -1.36 -32.72 -11.94
N PRO A 527 -1.93 -32.70 -13.17
CA PRO A 527 -1.43 -31.85 -14.25
C PRO A 527 -1.37 -30.37 -13.84
N TYR A 528 -0.49 -29.63 -14.52
CA TYR A 528 -0.22 -28.18 -14.29
C TYR A 528 -1.53 -27.39 -14.42
N GLN A 529 -1.78 -26.49 -13.46
CA GLN A 529 -2.90 -25.51 -13.42
C GLN A 529 -4.23 -26.20 -13.13
N VAL A 530 -4.22 -27.45 -12.66
CA VAL A 530 -5.47 -28.15 -12.23
C VAL A 530 -5.70 -27.81 -10.75
N ASN A 531 -6.87 -27.22 -10.46
CA ASN A 531 -7.28 -26.81 -9.10
C ASN A 531 -7.65 -28.07 -8.31
N HIS A 532 -6.95 -28.33 -7.22
CA HIS A 532 -7.09 -29.59 -6.42
C HIS A 532 -8.54 -29.75 -5.97
N ASP A 533 -9.13 -28.70 -5.39
CA ASP A 533 -10.50 -28.76 -4.84
C ASP A 533 -11.50 -29.04 -5.96
N ASN A 534 -11.41 -28.30 -7.06
CA ASN A 534 -12.33 -28.43 -8.21
C ASN A 534 -12.20 -29.84 -8.77
N PHE A 535 -10.97 -30.37 -8.82
CA PHE A 535 -10.68 -31.73 -9.31
C PHE A 535 -11.51 -32.72 -8.48
N ILE A 536 -11.40 -32.63 -7.16
CA ILE A 536 -12.08 -33.57 -6.23
C ILE A 536 -13.59 -33.43 -6.44
N THR A 537 -14.08 -32.18 -6.45
CA THR A 537 -15.53 -31.88 -6.56
C THR A 537 -16.05 -32.45 -7.88
N SER A 538 -15.27 -32.30 -8.96
CA SER A 538 -15.64 -32.79 -10.31
C SER A 538 -15.87 -34.30 -10.25
N ILE A 539 -14.98 -35.06 -9.58
CA ILE A 539 -15.09 -36.54 -9.47
C ILE A 539 -16.40 -36.86 -8.75
N ALA A 540 -16.62 -36.21 -7.61
CA ALA A 540 -17.82 -36.44 -6.78
C ALA A 540 -19.06 -36.23 -7.64
N GLU A 541 -19.09 -35.14 -8.40
CA GLU A 541 -20.24 -34.76 -9.27
C GLU A 541 -20.45 -35.85 -10.31
N GLN A 542 -19.37 -36.34 -10.91
CA GLN A 542 -19.42 -37.35 -12.01
C GLN A 542 -19.95 -38.67 -11.46
N VAL A 543 -19.54 -39.04 -10.26
CA VAL A 543 -20.03 -40.28 -9.59
C VAL A 543 -21.53 -40.12 -9.36
N ARG A 544 -21.95 -38.98 -8.83
CA ARG A 544 -23.38 -38.64 -8.56
C ARG A 544 -24.19 -38.77 -9.85
N ASP A 545 -23.64 -38.23 -10.95
CA ASP A 545 -24.29 -38.15 -12.29
C ASP A 545 -24.27 -39.53 -12.95
N GLY A 546 -23.52 -40.48 -12.41
CA GLY A 546 -23.38 -41.84 -12.97
C GLY A 546 -22.44 -41.88 -14.16
N LYS A 547 -21.65 -40.81 -14.38
CA LYS A 547 -20.67 -40.74 -15.49
C LYS A 547 -19.41 -41.55 -15.12
N LEU A 548 -19.07 -41.61 -13.83
CA LEU A 548 -17.97 -42.46 -13.30
C LEU A 548 -18.57 -43.60 -12.48
N ALA A 549 -18.33 -44.83 -12.92
CA ALA A 549 -18.82 -46.08 -12.30
C ALA A 549 -17.65 -46.81 -11.66
N GLY A 550 -17.95 -47.69 -10.71
CA GLY A 550 -16.96 -48.58 -10.07
C GLY A 550 -16.24 -47.90 -8.93
N ILE A 551 -16.66 -46.70 -8.54
CA ILE A 551 -16.09 -45.92 -7.40
C ILE A 551 -17.02 -46.09 -6.21
N SER A 552 -16.54 -46.63 -5.10
CA SER A 552 -17.34 -46.84 -3.86
C SER A 552 -17.19 -45.64 -2.93
N ASN A 553 -15.98 -45.03 -2.89
CA ASN A 553 -15.61 -43.99 -1.90
C ASN A 553 -14.48 -43.13 -2.45
N ILE A 554 -14.49 -41.83 -2.14
CA ILE A 554 -13.41 -40.85 -2.52
C ILE A 554 -13.07 -40.03 -1.28
N GLU A 555 -11.80 -39.97 -0.91
CA GLU A 555 -11.34 -39.35 0.35
C GLU A 555 -10.08 -38.51 0.08
N ASP A 556 -10.09 -37.26 0.53
CA ASP A 556 -8.90 -36.36 0.46
C ASP A 556 -8.07 -36.57 1.73
N GLN A 557 -6.92 -37.25 1.63
CA GLN A 557 -6.00 -37.52 2.76
C GLN A 557 -4.77 -36.62 2.63
N SER A 558 -4.90 -35.52 1.89
CA SER A 558 -3.78 -34.59 1.65
C SER A 558 -3.45 -33.85 2.95
N SER A 559 -2.16 -33.60 3.18
CA SER A 559 -1.63 -32.89 4.36
C SER A 559 -0.34 -32.16 3.94
N ASP A 560 0.09 -31.17 4.71
CA ASP A 560 1.38 -30.47 4.52
C ASP A 560 2.52 -31.50 4.52
N ARG A 561 2.39 -32.55 5.34
CA ARG A 561 3.44 -33.55 5.64
C ARG A 561 3.57 -34.57 4.49
N VAL A 562 2.47 -34.96 3.83
CA VAL A 562 2.46 -36.04 2.80
C VAL A 562 2.16 -35.48 1.41
N GLY A 563 1.69 -34.23 1.31
CA GLY A 563 1.33 -33.60 0.02
C GLY A 563 -0.02 -34.07 -0.48
N LEU A 564 -0.22 -34.05 -1.80
CA LEU A 564 -1.49 -34.45 -2.45
C LEU A 564 -1.67 -35.96 -2.30
N ARG A 565 -2.76 -36.38 -1.67
CA ARG A 565 -3.11 -37.81 -1.52
C ARG A 565 -4.64 -37.95 -1.57
N ILE A 566 -5.18 -38.08 -2.77
CA ILE A 566 -6.64 -38.34 -2.97
C ILE A 566 -6.82 -39.84 -3.17
N VAL A 567 -7.60 -40.49 -2.30
CA VAL A 567 -7.79 -41.97 -2.28
C VAL A 567 -9.19 -42.29 -2.82
N ILE A 568 -9.25 -43.01 -3.95
CA ILE A 568 -10.52 -43.46 -4.59
C ILE A 568 -10.64 -44.97 -4.37
N GLU A 569 -11.62 -45.40 -3.57
CA GLU A 569 -11.91 -46.83 -3.31
C GLU A 569 -12.74 -47.40 -4.47
N ILE A 570 -12.31 -48.51 -5.07
CA ILE A 570 -13.06 -49.14 -6.19
C ILE A 570 -13.93 -50.29 -5.66
N LYS A 571 -15.08 -50.48 -6.29
CA LYS A 571 -16.04 -51.58 -6.00
C LYS A 571 -15.35 -52.93 -6.26
N ARG A 572 -15.82 -53.99 -5.61
CA ARG A 572 -15.21 -55.35 -5.69
C ARG A 572 -15.24 -55.86 -7.14
N ASP A 573 -16.29 -55.53 -7.88
CA ASP A 573 -16.53 -56.05 -9.25
C ASP A 573 -15.82 -55.18 -10.29
N ALA A 574 -15.26 -54.04 -9.88
CA ALA A 574 -14.67 -53.02 -10.78
C ALA A 574 -13.20 -53.36 -11.06
N VAL A 575 -12.72 -53.03 -12.26
CA VAL A 575 -11.30 -53.21 -12.70
C VAL A 575 -10.58 -51.87 -12.57
N ALA A 576 -9.48 -51.82 -11.82
CA ALA A 576 -8.71 -50.60 -11.51
C ALA A 576 -8.35 -49.86 -12.81
N LYS A 577 -7.79 -50.58 -13.78
CA LYS A 577 -7.31 -50.03 -15.06
C LYS A 577 -8.46 -49.33 -15.77
N VAL A 578 -9.64 -49.93 -15.76
CA VAL A 578 -10.86 -49.38 -16.42
C VAL A 578 -11.21 -48.05 -15.73
N VAL A 579 -11.20 -48.04 -14.40
CA VAL A 579 -11.57 -46.84 -13.60
C VAL A 579 -10.57 -45.73 -13.94
N ILE A 580 -9.28 -46.08 -13.96
CA ILE A 580 -8.19 -45.11 -14.26
C ILE A 580 -8.45 -44.50 -15.62
N ASN A 581 -8.73 -45.32 -16.64
CA ASN A 581 -8.96 -44.85 -18.03
C ASN A 581 -10.15 -43.90 -18.05
N ASN A 582 -11.22 -44.23 -17.31
CA ASN A 582 -12.43 -43.38 -17.25
C ASN A 582 -12.07 -42.04 -16.60
N LEU A 583 -11.23 -42.07 -15.58
CA LEU A 583 -10.78 -40.83 -14.89
C LEU A 583 -10.00 -39.96 -15.88
N TYR A 584 -9.10 -40.56 -16.66
CA TYR A 584 -8.31 -39.85 -17.70
C TYR A 584 -9.25 -39.21 -18.72
N LYS A 585 -10.37 -39.87 -19.02
CA LYS A 585 -11.30 -39.46 -20.09
C LYS A 585 -12.19 -38.33 -19.60
N HIS A 586 -12.67 -38.43 -18.36
CA HIS A 586 -13.81 -37.61 -17.90
C HIS A 586 -13.36 -36.57 -16.87
N THR A 587 -12.09 -36.53 -16.49
CA THR A 587 -11.61 -35.54 -15.49
C THR A 587 -10.31 -34.87 -15.98
N GLN A 588 -9.86 -33.88 -15.22
CA GLN A 588 -8.59 -33.16 -15.50
C GLN A 588 -7.40 -34.00 -14.99
N LEU A 589 -7.64 -35.24 -14.57
CA LEU A 589 -6.53 -36.18 -14.26
C LEU A 589 -5.64 -36.27 -15.49
N GLN A 590 -6.26 -36.11 -16.67
CA GLN A 590 -5.55 -35.95 -17.96
C GLN A 590 -6.06 -34.66 -18.60
N THR A 591 -5.16 -33.78 -18.97
CA THR A 591 -5.48 -32.50 -19.63
C THR A 591 -4.41 -32.21 -20.67
N SER A 592 -4.68 -31.30 -21.61
CA SER A 592 -3.71 -30.90 -22.64
C SER A 592 -3.30 -29.45 -22.40
N PHE A 593 -2.00 -29.18 -22.37
CA PHE A 593 -1.42 -27.81 -22.37
C PHE A 593 -1.32 -27.32 -23.81
N GLY A 594 -2.15 -26.33 -24.18
CA GLY A 594 -2.16 -25.71 -25.51
C GLY A 594 -1.02 -24.72 -25.65
N ALA A 595 0.15 -25.18 -26.09
CA ALA A 595 1.37 -24.37 -26.24
C ALA A 595 1.14 -23.33 -27.35
N ASN A 596 1.29 -22.06 -27.02
CA ASN A 596 1.33 -20.95 -28.01
C ASN A 596 2.50 -20.04 -27.62
N MET A 597 3.64 -20.23 -28.29
CA MET A 597 4.95 -19.63 -27.92
C MET A 597 5.04 -18.21 -28.50
N LEU A 598 4.17 -17.31 -28.01
CA LEU A 598 4.05 -15.91 -28.48
C LEU A 598 4.75 -14.96 -27.50
N ALA A 599 5.68 -14.13 -27.97
CA ALA A 599 6.47 -13.17 -27.16
C ALA A 599 6.66 -11.86 -27.93
N ILE A 600 6.95 -10.78 -27.23
CA ILE A 600 7.28 -9.47 -27.87
C ILE A 600 8.75 -9.52 -28.30
N VAL A 601 9.01 -9.38 -29.59
CA VAL A 601 10.39 -9.29 -30.18
C VAL A 601 10.51 -7.92 -30.85
N ASP A 602 11.39 -7.06 -30.34
CA ASP A 602 11.62 -5.69 -30.86
C ASP A 602 10.27 -4.96 -30.96
N GLY A 603 9.43 -5.09 -29.94
CA GLY A 603 8.16 -4.36 -29.81
C GLY A 603 7.03 -4.97 -30.63
N VAL A 604 7.26 -6.15 -31.22
CA VAL A 604 6.28 -6.83 -32.12
C VAL A 604 5.97 -8.20 -31.52
N PRO A 605 4.69 -8.61 -31.42
CA PRO A 605 4.34 -9.96 -30.98
C PRO A 605 4.69 -10.99 -32.07
N ARG A 606 5.40 -12.06 -31.70
CA ARG A 606 5.92 -13.08 -32.64
C ARG A 606 5.67 -14.47 -32.06
N THR A 607 5.07 -15.37 -32.84
CA THR A 607 5.04 -16.83 -32.54
C THR A 607 6.42 -17.37 -32.89
N LEU A 608 7.13 -17.97 -31.93
CA LEU A 608 8.55 -18.32 -32.12
C LEU A 608 8.76 -19.83 -31.99
N ARG A 609 9.71 -20.34 -32.77
CA ARG A 609 10.24 -21.72 -32.63
C ARG A 609 11.21 -21.74 -31.45
N LEU A 610 11.55 -22.96 -31.00
CA LEU A 610 12.44 -23.16 -29.83
C LEU A 610 13.82 -22.56 -30.14
N ASP A 611 14.36 -22.83 -31.32
CA ASP A 611 15.71 -22.34 -31.72
C ASP A 611 15.76 -20.82 -31.65
N GLN A 612 14.68 -20.17 -32.11
CA GLN A 612 14.58 -18.69 -32.16
C GLN A 612 14.63 -18.16 -30.72
N LEU A 613 13.84 -18.76 -29.84
CA LEU A 613 13.74 -18.33 -28.42
C LEU A 613 15.12 -18.40 -27.77
N ILE A 614 15.83 -19.50 -28.00
CA ILE A 614 17.20 -19.72 -27.43
C ILE A 614 18.12 -18.63 -27.97
N ARG A 615 18.06 -18.40 -29.28
CA ARG A 615 18.99 -17.48 -29.99
C ARG A 615 18.77 -16.06 -29.46
N TYR A 616 17.50 -15.65 -29.34
CA TYR A 616 17.17 -14.30 -28.86
C TYR A 616 17.71 -14.13 -27.44
N TYR A 617 17.62 -15.18 -26.62
CA TYR A 617 18.16 -15.14 -25.24
C TYR A 617 19.68 -14.99 -25.30
N VAL A 618 20.35 -15.79 -26.13
CA VAL A 618 21.83 -15.79 -26.24
C VAL A 618 22.26 -14.39 -26.70
N ASP A 619 21.59 -13.87 -27.73
CA ASP A 619 21.88 -12.52 -28.27
C ASP A 619 21.82 -11.50 -27.13
N HIS A 620 20.79 -11.58 -26.31
CA HIS A 620 20.58 -10.65 -25.17
C HIS A 620 21.76 -10.76 -24.20
N GLN A 621 22.17 -11.99 -23.86
CA GLN A 621 23.26 -12.23 -22.87
C GLN A 621 24.58 -11.67 -23.41
N LEU A 622 24.82 -11.85 -24.71
CA LEU A 622 26.04 -11.31 -25.36
C LEU A 622 26.01 -9.78 -25.26
N ASP A 623 24.85 -9.19 -25.54
CA ASP A 623 24.64 -7.72 -25.44
C ASP A 623 25.01 -7.29 -24.02
N VAL A 624 24.51 -8.01 -23.02
CA VAL A 624 24.70 -7.69 -21.57
C VAL A 624 26.20 -7.67 -21.27
N ILE A 625 26.92 -8.69 -21.73
CA ILE A 625 28.37 -8.83 -21.42
C ILE A 625 29.13 -7.68 -22.07
N VAL A 626 28.79 -7.37 -23.32
CA VAL A 626 29.48 -6.29 -24.07
C VAL A 626 29.25 -4.98 -23.33
N ARG A 627 27.99 -4.71 -22.98
CA ARG A 627 27.59 -3.46 -22.28
C ARG A 627 28.31 -3.39 -20.94
N ARG A 628 28.27 -4.47 -20.17
CA ARG A 628 28.93 -4.54 -18.84
C ARG A 628 30.41 -4.19 -19.01
N THR A 629 31.06 -4.83 -19.99
CA THR A 629 32.52 -4.68 -20.22
C THR A 629 32.81 -3.23 -20.63
N THR A 630 31.98 -2.69 -21.52
CA THR A 630 32.13 -1.29 -22.00
C THR A 630 32.03 -0.36 -20.80
N TYR A 631 31.02 -0.56 -19.96
CA TYR A 631 30.79 0.27 -18.74
C TYR A 631 32.03 0.19 -17.87
N ARG A 632 32.48 -1.02 -17.58
CA ARG A 632 33.61 -1.28 -16.66
C ARG A 632 34.88 -0.64 -17.22
N LEU A 633 35.08 -0.71 -18.54
CA LEU A 633 36.25 -0.10 -19.20
C LEU A 633 36.21 1.40 -18.96
N ARG A 634 35.07 2.02 -19.20
CA ARG A 634 34.93 3.48 -19.03
C ARG A 634 35.27 3.84 -17.59
N LYS A 635 34.69 3.13 -16.62
CA LYS A 635 34.88 3.42 -15.18
C LYS A 635 36.34 3.18 -14.81
N ALA A 636 36.96 2.13 -15.37
CA ALA A 636 38.39 1.80 -15.15
C ALA A 636 39.27 2.96 -15.62
N ASN A 637 38.99 3.47 -16.82
CA ASN A 637 39.77 4.59 -17.40
C ASN A 637 39.63 5.82 -16.51
N GLU A 638 38.41 6.12 -16.07
CA GLU A 638 38.15 7.29 -15.19
C GLU A 638 39.01 7.14 -13.94
N ARG A 639 38.98 5.96 -13.35
CA ARG A 639 39.72 5.66 -12.09
C ARG A 639 41.22 5.80 -12.37
N ALA A 640 41.71 5.21 -13.45
CA ALA A 640 43.15 5.23 -13.83
C ALA A 640 43.59 6.68 -13.97
N HIS A 641 42.75 7.50 -14.61
CA HIS A 641 43.03 8.93 -14.83
C HIS A 641 43.34 9.60 -13.48
N ILE A 642 42.50 9.36 -12.49
CA ILE A 642 42.64 9.94 -11.12
C ILE A 642 43.94 9.41 -10.51
N LEU A 643 44.15 8.09 -10.58
CA LEU A 643 45.30 7.41 -9.95
C LEU A 643 46.61 7.97 -10.53
N ARG A 644 46.66 8.21 -11.84
CA ARG A 644 47.84 8.80 -12.52
C ARG A 644 48.15 10.17 -11.92
N GLY A 645 47.10 10.97 -11.71
CA GLY A 645 47.21 12.29 -11.08
C GLY A 645 47.80 12.19 -9.68
N LEU A 646 47.30 11.23 -8.88
CA LEU A 646 47.74 11.03 -7.48
C LEU A 646 49.23 10.65 -7.46
N VAL A 647 49.67 9.79 -8.39
CA VAL A 647 51.08 9.32 -8.44
C VAL A 647 51.99 10.51 -8.73
N LYS A 648 51.59 11.38 -9.65
CA LYS A 648 52.33 12.63 -9.97
C LYS A 648 52.48 13.46 -8.70
N ALA A 649 51.38 13.63 -7.97
CA ALA A 649 51.32 14.40 -6.72
C ALA A 649 52.28 13.77 -5.72
N LEU A 650 52.21 12.45 -5.57
CA LEU A 650 53.04 11.70 -4.58
C LEU A 650 54.52 11.89 -4.90
N ASP A 651 54.87 12.02 -6.19
CA ASP A 651 56.29 12.15 -6.64
C ASP A 651 56.80 13.56 -6.29
N ALA A 652 55.90 14.54 -6.27
CA ALA A 652 56.24 15.96 -5.99
C ALA A 652 55.52 16.38 -4.71
N LEU A 653 55.50 15.50 -3.71
CA LEU A 653 54.64 15.67 -2.51
C LEU A 653 54.99 16.97 -1.80
N ASP A 654 56.27 17.26 -1.59
CA ASP A 654 56.75 18.44 -0.83
C ASP A 654 56.29 19.72 -1.51
N GLU A 655 56.51 19.81 -2.82
CA GLU A 655 56.12 21.01 -3.60
C GLU A 655 54.60 21.13 -3.60
N VAL A 656 53.89 20.01 -3.66
CA VAL A 656 52.40 19.97 -3.68
C VAL A 656 51.90 20.58 -2.37
N ILE A 657 52.38 20.05 -1.25
CA ILE A 657 51.93 20.50 0.10
C ILE A 657 52.30 21.97 0.26
N ALA A 658 53.52 22.36 -0.13
CA ALA A 658 54.01 23.74 -0.01
C ALA A 658 53.10 24.67 -0.82
N LEU A 659 52.78 24.28 -2.04
CA LEU A 659 51.90 25.07 -2.94
C LEU A 659 50.55 25.30 -2.26
N ILE A 660 49.91 24.23 -1.77
CA ILE A 660 48.55 24.27 -1.15
C ILE A 660 48.60 25.24 0.05
N ARG A 661 49.64 25.12 0.89
CA ARG A 661 49.78 25.92 2.12
C ARG A 661 49.96 27.39 1.78
N ALA A 662 50.68 27.67 0.69
CA ALA A 662 51.00 29.04 0.24
C ALA A 662 49.76 29.68 -0.38
N SER A 663 48.83 28.84 -0.85
CA SER A 663 47.61 29.29 -1.57
C SER A 663 46.65 29.94 -0.58
N GLU A 664 46.11 31.10 -0.95
CA GLU A 664 45.09 31.82 -0.14
C GLU A 664 43.77 31.03 -0.18
N THR A 665 43.36 30.57 -1.36
CA THR A 665 42.05 29.89 -1.59
C THR A 665 42.30 28.51 -2.20
N VAL A 666 41.31 27.62 -2.03
CA VAL A 666 41.25 26.27 -2.65
C VAL A 666 41.39 26.44 -4.17
N ASP A 667 40.69 27.43 -4.73
CA ASP A 667 40.64 27.67 -6.20
C ASP A 667 42.04 28.00 -6.70
N ILE A 668 42.78 28.83 -5.97
CA ILE A 668 44.18 29.22 -6.33
C ILE A 668 45.04 27.96 -6.28
N ALA A 669 44.85 27.17 -5.22
CA ALA A 669 45.61 25.91 -5.03
C ALA A 669 45.34 24.99 -6.22
N ARG A 670 44.07 24.83 -6.60
CA ARG A 670 43.64 23.96 -7.72
C ARG A 670 44.39 24.37 -8.98
N ALA A 671 44.38 25.66 -9.32
CA ALA A 671 45.01 26.19 -10.55
C ALA A 671 46.52 25.97 -10.48
N GLY A 672 47.11 26.20 -9.30
CA GLY A 672 48.56 26.00 -9.08
C GLY A 672 48.94 24.57 -9.31
N LEU A 673 48.10 23.63 -8.86
CA LEU A 673 48.36 22.18 -9.02
C LEU A 673 48.32 21.81 -10.51
N ILE A 674 47.33 22.30 -11.26
CA ILE A 674 47.19 22.03 -12.72
C ILE A 674 48.51 22.39 -13.40
N GLU A 675 49.10 23.53 -13.03
CA GLU A 675 50.34 24.06 -13.64
C GLU A 675 51.54 23.24 -13.18
N LEU A 676 51.70 23.09 -11.87
CA LEU A 676 52.87 22.45 -11.23
C LEU A 676 53.04 21.03 -11.78
N LEU A 677 51.93 20.30 -11.94
CA LEU A 677 51.97 18.84 -12.22
C LEU A 677 51.55 18.52 -13.66
N ASP A 678 51.12 19.52 -14.45
CA ASP A 678 50.59 19.31 -15.83
C ASP A 678 49.46 18.27 -15.81
N ILE A 679 48.44 18.55 -15.00
CA ILE A 679 47.24 17.67 -14.79
C ILE A 679 45.98 18.47 -15.09
N ASP A 680 44.82 17.81 -15.13
CA ASP A 680 43.53 18.47 -15.47
C ASP A 680 42.80 18.81 -14.18
N GLU A 681 41.65 19.47 -14.34
CA GLU A 681 40.75 19.91 -13.24
C GLU A 681 40.36 18.70 -12.37
N ILE A 682 39.95 17.59 -13.00
CA ILE A 682 39.46 16.36 -12.32
C ILE A 682 40.57 15.85 -11.40
N GLN A 683 41.80 15.76 -11.91
CA GLN A 683 42.96 15.23 -11.17
C GLN A 683 43.31 16.18 -10.03
N ALA A 684 43.35 17.49 -10.31
CA ALA A 684 43.66 18.53 -9.31
C ALA A 684 42.68 18.41 -8.15
N GLN A 685 41.40 18.31 -8.46
CA GLN A 685 40.32 18.18 -7.45
C GLN A 685 40.57 16.92 -6.62
N ALA A 686 40.86 15.79 -7.27
CA ALA A 686 41.09 14.49 -6.60
C ALA A 686 42.23 14.64 -5.59
N ILE A 687 43.28 15.39 -5.96
CA ILE A 687 44.46 15.63 -5.07
C ILE A 687 43.98 16.45 -3.88
N LEU A 688 43.23 17.52 -4.15
CA LEU A 688 42.70 18.42 -3.10
C LEU A 688 41.82 17.59 -2.14
N ASP A 689 41.14 16.56 -2.64
CA ASP A 689 40.18 15.74 -1.87
C ASP A 689 40.91 14.61 -1.14
N MET A 690 42.21 14.43 -1.38
CA MET A 690 42.99 13.34 -0.74
C MET A 690 43.07 13.60 0.77
N GLN A 691 42.77 12.59 1.59
CA GLN A 691 42.83 12.68 3.08
C GLN A 691 44.28 12.52 3.53
N LEU A 692 44.65 13.14 4.65
CA LEU A 692 46.04 13.13 5.19
C LEU A 692 46.45 11.69 5.50
N ARG A 693 45.47 10.84 5.82
CA ARG A 693 45.72 9.40 6.11
C ARG A 693 46.40 8.75 4.89
N ARG A 694 46.10 9.23 3.69
CA ARG A 694 46.62 8.61 2.44
C ARG A 694 48.12 8.90 2.30
N LEU A 695 48.71 9.78 3.11
CA LEU A 695 50.15 10.13 3.01
C LEU A 695 50.99 9.14 3.81
N ALA A 696 50.35 8.23 4.55
CA ALA A 696 51.03 7.10 5.23
C ALA A 696 51.71 6.22 4.17
N ALA A 697 52.82 5.60 4.53
CA ALA A 697 53.70 4.84 3.61
C ALA A 697 52.90 3.77 2.88
N LEU A 698 52.20 2.90 3.63
CA LEU A 698 51.41 1.77 3.07
C LEU A 698 50.34 2.31 2.12
N GLU A 699 49.67 3.39 2.52
CA GLU A 699 48.56 4.00 1.74
C GLU A 699 49.11 4.53 0.41
N ARG A 700 50.30 5.11 0.44
CA ARG A 700 50.99 5.61 -0.78
C ARG A 700 51.25 4.43 -1.72
N GLN A 701 51.80 3.36 -1.16
CA GLN A 701 52.13 2.12 -1.93
C GLN A 701 50.85 1.58 -2.54
N ARG A 702 49.75 1.61 -1.77
CA ARG A 702 48.45 1.06 -2.23
C ARG A 702 48.00 1.80 -3.49
N ILE A 703 48.18 3.11 -3.53
CA ILE A 703 47.78 3.94 -4.70
C ILE A 703 48.57 3.46 -5.92
N ILE A 704 49.86 3.21 -5.74
CA ILE A 704 50.76 2.75 -6.84
C ILE A 704 50.27 1.39 -7.30
N ASP A 705 50.02 0.50 -6.35
CA ASP A 705 49.60 -0.88 -6.63
C ASP A 705 48.24 -0.84 -7.33
N ASP A 706 47.34 0.02 -6.83
CA ASP A 706 45.97 0.16 -7.38
C ASP A 706 46.06 0.57 -8.85
N LEU A 707 46.99 1.48 -9.18
CA LEU A 707 47.17 1.96 -10.57
C LEU A 707 47.59 0.77 -11.45
N ALA A 708 48.57 -0.02 -10.99
CA ALA A 708 49.08 -1.18 -11.75
C ALA A 708 47.93 -2.16 -11.99
N LYS A 709 47.16 -2.44 -10.95
CA LYS A 709 46.04 -3.41 -11.00
C LYS A 709 45.01 -2.91 -12.01
N ILE A 710 44.64 -1.63 -11.94
CA ILE A 710 43.57 -1.05 -12.79
C ILE A 710 44.03 -1.09 -14.24
N GLU A 711 45.33 -0.86 -14.47
CA GLU A 711 45.89 -0.88 -15.85
C GLU A 711 45.77 -2.29 -16.42
N ALA A 712 46.06 -3.31 -15.60
CA ALA A 712 45.90 -4.72 -15.98
C ALA A 712 44.44 -4.99 -16.33
N GLU A 713 43.52 -4.48 -15.51
CA GLU A 713 42.06 -4.67 -15.71
C GLU A 713 41.65 -4.05 -17.04
N ILE A 714 42.14 -2.84 -17.32
CA ILE A 714 41.83 -2.09 -18.57
C ILE A 714 42.23 -2.97 -19.75
N ALA A 715 43.44 -3.55 -19.69
CA ALA A 715 43.99 -4.37 -20.78
C ALA A 715 43.06 -5.56 -21.02
N ASP A 716 42.66 -6.22 -19.93
CA ASP A 716 41.79 -7.42 -19.98
C ASP A 716 40.46 -7.02 -20.62
N LEU A 717 39.87 -5.92 -20.16
CA LEU A 717 38.54 -5.45 -20.62
C LEU A 717 38.61 -5.16 -22.12
N GLU A 718 39.70 -4.53 -22.58
CA GLU A 718 39.91 -4.24 -24.01
C GLU A 718 39.98 -5.55 -24.79
N ASP A 719 40.66 -6.54 -24.21
CA ASP A 719 40.84 -7.86 -24.87
C ASP A 719 39.46 -8.51 -25.02
N ILE A 720 38.60 -8.42 -24.01
CA ILE A 720 37.23 -8.99 -24.02
C ILE A 720 36.47 -8.35 -25.18
N LEU A 721 36.53 -7.02 -25.29
CA LEU A 721 35.78 -6.26 -26.32
C LEU A 721 36.26 -6.68 -27.71
N ALA A 722 37.55 -7.02 -27.82
CA ALA A 722 38.22 -7.32 -29.10
C ALA A 722 37.84 -8.73 -29.58
N LYS A 723 37.57 -9.64 -28.65
CA LYS A 723 37.47 -11.08 -28.97
C LYS A 723 36.07 -11.60 -28.63
N PRO A 724 35.17 -11.75 -29.63
CA PRO A 724 33.82 -12.26 -29.39
C PRO A 724 33.82 -13.64 -28.71
N GLU A 725 34.86 -14.45 -28.96
CA GLU A 725 34.98 -15.79 -28.36
C GLU A 725 35.05 -15.66 -26.84
N ARG A 726 35.74 -14.63 -26.33
CA ARG A 726 35.85 -14.37 -24.87
C ARG A 726 34.48 -13.99 -24.33
N GLN A 727 33.75 -13.18 -25.11
CA GLN A 727 32.38 -12.73 -24.75
C GLN A 727 31.50 -13.97 -24.55
N ARG A 728 31.48 -14.88 -25.52
CA ARG A 728 30.67 -16.13 -25.46
C ARG A 728 31.12 -16.97 -24.26
N GLY A 729 32.44 -17.03 -24.05
CA GLY A 729 33.04 -17.78 -22.93
C GLY A 729 32.52 -17.27 -21.60
N ILE A 730 32.49 -15.95 -21.43
CA ILE A 730 32.01 -15.28 -20.19
C ILE A 730 30.55 -15.68 -19.96
N VAL A 731 29.71 -15.54 -21.00
CA VAL A 731 28.26 -15.89 -20.93
C VAL A 731 28.15 -17.33 -20.43
N ARG A 732 28.89 -18.24 -21.07
CA ARG A 732 28.84 -19.70 -20.76
C ARG A 732 29.20 -19.91 -19.29
N ASP A 733 30.35 -19.38 -18.88
CA ASP A 733 30.93 -19.62 -17.54
C ASP A 733 29.95 -19.12 -16.47
N GLU A 734 29.43 -17.92 -16.68
CA GLU A 734 28.58 -17.24 -15.66
C GLU A 734 27.24 -17.97 -15.57
N LEU A 735 26.68 -18.40 -16.70
CA LEU A 735 25.43 -19.20 -16.70
C LEU A 735 25.68 -20.53 -15.98
N ALA A 736 26.82 -21.15 -16.25
CA ALA A 736 27.22 -22.45 -15.63
C ALA A 736 27.22 -22.30 -14.11
N GLU A 737 27.76 -21.18 -13.63
CA GLU A 737 27.81 -20.87 -12.19
C GLU A 737 26.40 -20.87 -11.63
N ILE A 738 25.49 -20.19 -12.32
CA ILE A 738 24.08 -20.03 -11.88
C ILE A 738 23.45 -21.42 -11.83
N VAL A 739 23.68 -22.24 -12.85
CA VAL A 739 23.06 -23.58 -12.97
C VAL A 739 23.62 -24.46 -11.84
N ASP A 740 24.90 -24.35 -11.54
CA ASP A 740 25.55 -25.14 -10.47
C ASP A 740 24.86 -24.83 -9.14
N ARG A 741 24.55 -23.55 -8.91
CA ARG A 741 24.04 -23.09 -7.60
C ARG A 741 22.54 -23.32 -7.53
N HIS A 742 21.81 -23.11 -8.64
CA HIS A 742 20.34 -23.01 -8.61
C HIS A 742 19.68 -24.08 -9.48
N GLY A 743 20.43 -24.80 -10.31
CA GLY A 743 19.87 -25.87 -11.17
C GLY A 743 19.24 -26.96 -10.32
N ASP A 744 18.15 -27.58 -10.79
CA ASP A 744 17.42 -28.62 -10.03
C ASP A 744 17.01 -29.78 -10.95
N ASP A 745 16.56 -30.89 -10.34
CA ASP A 745 16.17 -32.14 -11.05
C ASP A 745 14.85 -31.90 -11.76
N ARG A 746 14.68 -32.54 -12.92
CA ARG A 746 13.40 -32.60 -13.68
C ARG A 746 12.33 -33.19 -12.76
N ARG A 747 11.16 -32.57 -12.71
CA ARG A 747 10.01 -33.09 -11.93
C ARG A 747 9.10 -33.89 -12.86
N THR A 748 8.84 -33.36 -14.06
CA THR A 748 7.87 -33.93 -15.01
C THR A 748 8.53 -35.10 -15.75
N ARG A 749 7.89 -36.27 -15.67
CA ARG A 749 8.32 -37.52 -16.35
C ARG A 749 7.67 -37.58 -17.74
N ILE A 750 8.46 -37.90 -18.77
CA ILE A 750 8.01 -38.01 -20.19
C ILE A 750 7.86 -39.49 -20.52
N ILE A 751 6.66 -39.92 -20.90
CA ILE A 751 6.42 -41.35 -21.26
C ILE A 751 5.93 -41.43 -22.70
N ALA A 752 6.19 -42.55 -23.36
CA ALA A 752 5.74 -42.82 -24.75
C ALA A 752 4.22 -43.08 -24.77
N ALA B 3 -21.24 -40.68 16.25
CA ALA B 3 -21.12 -40.71 14.77
C ALA B 3 -22.07 -39.67 14.15
N LEU B 4 -21.51 -38.55 13.66
CA LEU B 4 -22.26 -37.42 13.04
C LEU B 4 -21.75 -37.18 11.61
N VAL B 5 -22.64 -36.81 10.68
CA VAL B 5 -22.33 -36.59 9.23
C VAL B 5 -21.34 -35.44 9.11
N ARG B 6 -20.42 -35.53 8.13
CA ARG B 6 -19.41 -34.48 7.79
C ARG B 6 -19.62 -34.04 6.33
N ARG B 7 -19.44 -32.75 6.02
CA ARG B 7 -19.76 -32.19 4.67
C ARG B 7 -18.65 -32.57 3.68
N LYS B 8 -19.04 -33.09 2.50
CA LYS B 8 -18.15 -33.47 1.37
C LYS B 8 -18.44 -32.56 0.17
N GLY B 15 -26.44 -29.13 5.34
CA GLY B 15 -26.77 -27.70 5.46
C GLY B 15 -25.84 -26.98 6.42
N LEU B 16 -24.53 -27.25 6.33
CA LEU B 16 -23.47 -26.71 7.23
C LEU B 16 -22.84 -25.47 6.60
N PRO B 17 -22.12 -24.62 7.38
CA PRO B 17 -21.56 -23.38 6.87
C PRO B 17 -20.61 -23.60 5.67
N GLY B 18 -20.80 -22.83 4.60
CA GLY B 18 -19.98 -22.88 3.39
C GLY B 18 -18.49 -22.80 3.71
N LYS B 19 -18.10 -21.85 4.57
CA LYS B 19 -16.68 -21.51 4.86
C LYS B 19 -16.04 -22.58 5.76
N LEU B 20 -16.84 -23.45 6.37
CA LEU B 20 -16.36 -24.54 7.28
C LEU B 20 -15.61 -25.58 6.45
N ALA B 21 -14.36 -25.88 6.84
CA ALA B 21 -13.58 -27.05 6.39
C ALA B 21 -13.69 -28.15 7.46
N ASP B 22 -14.64 -29.08 7.29
CA ASP B 22 -14.98 -30.11 8.30
C ASP B 22 -13.87 -31.16 8.35
N CYS B 23 -13.89 -32.02 9.36
CA CYS B 23 -12.96 -33.16 9.54
C CYS B 23 -13.59 -34.44 8.97
N ARG B 24 -12.78 -35.47 8.78
CA ARG B 24 -13.23 -36.76 8.19
C ARG B 24 -13.88 -37.61 9.28
N SER B 25 -13.35 -37.55 10.52
CA SER B 25 -13.86 -38.34 11.66
C SER B 25 -15.30 -37.94 11.97
N THR B 26 -16.17 -38.92 12.22
CA THR B 26 -17.59 -38.72 12.61
C THR B 26 -17.74 -38.79 14.14
N ASP B 27 -16.67 -39.18 14.84
CA ASP B 27 -16.64 -39.35 16.32
C ASP B 27 -16.39 -37.98 16.95
N PRO B 28 -17.44 -37.35 17.55
CA PRO B 28 -17.26 -36.07 18.23
C PRO B 28 -16.15 -36.09 19.28
N ARG B 29 -15.91 -37.24 19.91
CA ARG B 29 -14.93 -37.37 21.01
C ARG B 29 -13.52 -37.22 20.45
N LYS B 30 -13.32 -37.50 19.16
CA LYS B 30 -11.98 -37.40 18.52
C LYS B 30 -11.92 -36.12 17.67
N SER B 31 -13.06 -35.49 17.41
CA SER B 31 -13.17 -34.35 16.46
C SER B 31 -12.92 -33.03 17.21
N GLU B 32 -12.19 -32.14 16.55
CA GLU B 32 -11.84 -30.77 17.06
C GLU B 32 -12.33 -29.72 16.06
N LEU B 33 -12.89 -28.62 16.55
CA LEU B 33 -13.28 -27.46 15.70
C LEU B 33 -12.42 -26.26 16.10
N TYR B 34 -11.62 -25.75 15.16
CA TYR B 34 -10.85 -24.50 15.33
C TYR B 34 -11.67 -23.33 14.77
N VAL B 35 -12.17 -22.46 15.67
CA VAL B 35 -12.84 -21.18 15.31
C VAL B 35 -11.75 -20.13 15.14
N VAL B 36 -11.52 -19.70 13.89
CA VAL B 36 -10.33 -18.90 13.51
C VAL B 36 -10.77 -17.47 13.16
N GLU B 37 -9.99 -16.48 13.62
CA GLU B 37 -10.30 -15.01 13.48
C GLU B 37 -10.86 -14.64 12.10
N GLY B 38 -10.12 -14.80 11.02
CA GLY B 38 -10.39 -14.27 9.69
C GLY B 38 -10.15 -15.35 8.65
N ASP B 39 -10.44 -15.07 7.38
CA ASP B 39 -10.29 -16.10 6.31
C ASP B 39 -8.80 -16.34 6.01
N SER B 40 -7.94 -15.34 6.17
CA SER B 40 -6.46 -15.43 5.98
C SER B 40 -5.88 -16.55 6.85
N ALA B 41 -6.05 -16.42 8.16
CA ALA B 41 -5.64 -17.43 9.16
C ALA B 41 -6.35 -18.75 8.87
N GLY B 42 -7.63 -18.68 8.50
CA GLY B 42 -8.42 -19.86 8.14
C GLY B 42 -7.72 -20.67 7.07
N GLY B 43 -7.17 -19.99 6.07
CA GLY B 43 -6.47 -20.62 4.95
C GLY B 43 -5.26 -21.40 5.43
N SER B 44 -4.41 -20.76 6.22
CA SER B 44 -3.18 -21.38 6.78
C SER B 44 -3.58 -22.61 7.60
N ALA B 45 -4.60 -22.42 8.44
CA ALA B 45 -5.09 -23.46 9.37
C ALA B 45 -5.60 -24.64 8.56
N LYS B 46 -6.39 -24.36 7.54
CA LYS B 46 -7.02 -25.42 6.70
C LYS B 46 -5.90 -26.23 6.04
N SER B 47 -4.86 -25.56 5.55
CA SER B 47 -3.76 -26.21 4.79
C SER B 47 -2.89 -27.04 5.74
N GLY B 48 -2.78 -26.61 7.00
CA GLY B 48 -1.83 -27.20 7.95
C GLY B 48 -2.45 -28.27 8.81
N ARG B 49 -3.78 -28.24 8.97
CA ARG B 49 -4.50 -29.12 9.92
C ARG B 49 -4.28 -30.60 9.58
N ASP B 50 -4.61 -31.47 10.52
CA ASP B 50 -4.92 -32.91 10.26
C ASP B 50 -6.42 -33.02 9.98
N SER B 51 -6.81 -33.19 8.72
CA SER B 51 -8.22 -33.15 8.29
C SER B 51 -8.96 -34.39 8.82
N MET B 52 -8.22 -35.35 9.36
CA MET B 52 -8.84 -36.54 9.99
C MET B 52 -9.73 -36.06 11.15
N PHE B 53 -9.23 -35.18 12.01
CA PHE B 53 -9.90 -34.85 13.28
C PHE B 53 -10.08 -33.33 13.48
N GLN B 54 -9.44 -32.49 12.68
CA GLN B 54 -9.42 -31.02 12.92
C GLN B 54 -10.29 -30.31 11.88
N ALA B 55 -11.39 -29.69 12.31
CA ALA B 55 -12.27 -28.84 11.48
C ALA B 55 -11.83 -27.37 11.64
N ILE B 56 -11.97 -26.56 10.58
CA ILE B 56 -11.63 -25.11 10.58
C ILE B 56 -12.88 -24.30 10.23
N LEU B 57 -13.31 -23.39 11.12
CA LEU B 57 -14.40 -22.43 10.85
C LEU B 57 -13.85 -21.01 10.96
N PRO B 58 -13.54 -20.35 9.83
CA PRO B 58 -13.07 -18.97 9.85
C PRO B 58 -14.24 -18.00 10.04
N LEU B 59 -14.02 -16.90 10.75
CA LEU B 59 -15.06 -15.85 10.98
C LEU B 59 -14.69 -14.54 10.27
N ARG B 60 -15.64 -13.60 10.25
CA ARG B 60 -15.53 -12.24 9.64
C ARG B 60 -15.26 -11.19 10.73
N GLY B 61 -14.08 -11.21 11.35
CA GLY B 61 -13.65 -10.22 12.35
C GLY B 61 -14.57 -10.17 13.55
N LYS B 62 -14.85 -8.96 14.06
CA LYS B 62 -15.56 -8.70 15.34
C LYS B 62 -16.97 -9.26 15.28
N ILE B 63 -17.18 -10.46 15.84
CA ILE B 63 -18.52 -11.10 15.97
C ILE B 63 -19.37 -10.22 16.89
N ILE B 64 -20.68 -10.20 16.68
CA ILE B 64 -21.64 -9.33 17.41
C ILE B 64 -21.58 -9.66 18.91
N ASN B 65 -21.51 -8.61 19.74
CA ASN B 65 -21.66 -8.72 21.21
C ASN B 65 -23.12 -9.01 21.51
N VAL B 66 -23.46 -10.27 21.78
CA VAL B 66 -24.87 -10.75 21.91
C VAL B 66 -25.50 -10.13 23.18
N GLU B 67 -24.67 -9.75 24.16
CA GLU B 67 -25.13 -9.17 25.44
C GLU B 67 -25.91 -7.87 25.16
N LYS B 68 -25.46 -7.06 24.20
CA LYS B 68 -25.99 -5.70 23.93
C LYS B 68 -27.02 -5.74 22.82
N ALA B 69 -26.91 -6.73 21.95
CA ALA B 69 -27.53 -6.74 20.62
C ALA B 69 -28.97 -7.17 20.75
N ARG B 70 -29.81 -6.49 19.98
CA ARG B 70 -31.22 -6.86 19.76
C ARG B 70 -31.23 -8.23 19.08
N ILE B 71 -32.20 -9.05 19.48
CA ILE B 71 -32.37 -10.44 18.98
C ILE B 71 -32.37 -10.40 17.45
N ASP B 72 -32.95 -9.37 16.82
CA ASP B 72 -33.02 -9.24 15.34
C ASP B 72 -31.60 -9.21 14.77
N ARG B 73 -30.74 -8.39 15.36
CA ARG B 73 -29.34 -8.23 14.91
C ARG B 73 -28.62 -9.55 15.11
N VAL B 74 -28.87 -10.21 16.25
CA VAL B 74 -28.17 -11.48 16.61
C VAL B 74 -28.52 -12.53 15.55
N LEU B 75 -29.80 -12.63 15.22
CA LEU B 75 -30.33 -13.68 14.31
C LEU B 75 -29.85 -13.43 12.89
N LYS B 76 -29.59 -12.16 12.55
CA LYS B 76 -29.13 -11.75 11.20
C LYS B 76 -27.63 -11.99 11.10
N ASN B 77 -26.95 -12.15 12.24
CA ASN B 77 -25.48 -12.27 12.23
C ASN B 77 -25.09 -13.61 11.58
N THR B 78 -24.38 -13.54 10.45
CA THR B 78 -23.99 -14.72 9.64
C THR B 78 -22.99 -15.56 10.44
N GLU B 79 -22.10 -14.91 11.19
CA GLU B 79 -21.02 -15.56 11.99
C GLU B 79 -21.67 -16.38 13.12
N VAL B 80 -22.64 -15.79 13.83
CA VAL B 80 -23.35 -16.45 14.96
C VAL B 80 -24.06 -17.69 14.41
N GLN B 81 -24.83 -17.52 13.34
CA GLN B 81 -25.54 -18.64 12.69
C GLN B 81 -24.56 -19.77 12.37
N ALA B 82 -23.42 -19.40 11.77
CA ALA B 82 -22.39 -20.36 11.32
C ALA B 82 -21.91 -21.18 12.50
N ILE B 83 -21.65 -20.53 13.63
CA ILE B 83 -21.14 -21.19 14.85
C ILE B 83 -22.19 -22.19 15.33
N ILE B 84 -23.44 -21.74 15.47
CA ILE B 84 -24.55 -22.56 16.01
C ILE B 84 -24.72 -23.78 15.12
N THR B 85 -24.76 -23.56 13.81
CA THR B 85 -24.93 -24.62 12.80
C THR B 85 -23.76 -25.61 12.93
N ALA B 86 -22.53 -25.10 13.00
CA ALA B 86 -21.31 -25.93 13.05
C ALA B 86 -21.38 -26.86 14.26
N LEU B 87 -21.74 -26.33 15.42
CA LEU B 87 -21.71 -27.09 16.70
C LEU B 87 -22.88 -28.08 16.75
N GLY B 88 -24.04 -27.71 16.21
CA GLY B 88 -25.19 -28.62 16.01
C GLY B 88 -26.01 -28.85 17.28
N THR B 89 -25.68 -28.20 18.39
CA THR B 89 -26.30 -28.46 19.72
C THR B 89 -27.62 -27.69 19.85
N GLY B 90 -27.85 -26.69 18.98
CA GLY B 90 -28.94 -25.73 19.21
C GLY B 90 -28.56 -24.76 20.31
N ILE B 91 -29.53 -24.03 20.88
CA ILE B 91 -29.25 -23.00 21.92
C ILE B 91 -30.35 -23.03 22.98
N HIS B 92 -30.05 -22.46 24.16
CA HIS B 92 -30.97 -22.25 25.29
C HIS B 92 -31.73 -23.55 25.61
N ASP B 93 -33.05 -23.51 25.54
CA ASP B 93 -33.93 -24.63 25.98
C ASP B 93 -33.78 -25.78 24.98
N GLU B 94 -33.46 -25.48 23.73
CA GLU B 94 -33.37 -26.49 22.65
C GLU B 94 -31.94 -27.01 22.57
N PHE B 95 -31.08 -26.64 23.54
CA PHE B 95 -29.67 -27.08 23.57
C PHE B 95 -29.62 -28.59 23.88
N ASP B 96 -28.89 -29.36 23.07
CA ASP B 96 -28.75 -30.84 23.20
C ASP B 96 -27.27 -31.21 23.08
N ILE B 97 -26.61 -31.42 24.22
CA ILE B 97 -25.16 -31.76 24.32
C ILE B 97 -24.86 -33.01 23.48
N GLY B 98 -25.83 -33.93 23.36
CA GLY B 98 -25.66 -35.20 22.63
C GLY B 98 -25.41 -34.99 21.15
N LYS B 99 -25.80 -33.84 20.62
CA LYS B 99 -25.70 -33.54 19.16
C LYS B 99 -24.40 -32.77 18.86
N LEU B 100 -23.56 -32.54 19.88
CA LEU B 100 -22.28 -31.79 19.73
C LEU B 100 -21.39 -32.53 18.70
N ARG B 101 -20.93 -31.82 17.68
CA ARG B 101 -20.17 -32.41 16.54
C ARG B 101 -18.67 -32.50 16.88
N TYR B 102 -18.18 -31.62 17.75
CA TYR B 102 -16.74 -31.54 18.14
C TYR B 102 -16.63 -31.38 19.64
N HIS B 103 -15.94 -32.32 20.30
CA HIS B 103 -15.79 -32.28 21.77
C HIS B 103 -14.70 -31.29 22.17
N LYS B 104 -13.85 -30.87 21.24
CA LYS B 104 -12.85 -29.80 21.50
C LYS B 104 -13.16 -28.61 20.59
N ILE B 105 -13.71 -27.55 21.17
CA ILE B 105 -13.93 -26.25 20.46
C ILE B 105 -12.74 -25.32 20.80
N VAL B 106 -11.82 -25.13 19.85
CA VAL B 106 -10.57 -24.34 20.05
C VAL B 106 -10.75 -22.96 19.41
N LEU B 107 -10.76 -21.92 20.24
CA LEU B 107 -10.76 -20.50 19.77
C LEU B 107 -9.33 -20.12 19.41
N MET B 108 -9.08 -19.85 18.13
CA MET B 108 -7.74 -19.44 17.65
C MET B 108 -7.84 -18.05 17.03
N ALA B 109 -7.41 -17.03 17.79
CA ALA B 109 -7.42 -15.61 17.39
C ALA B 109 -5.98 -15.08 17.36
N ASP B 110 -5.81 -13.92 16.71
CA ASP B 110 -4.50 -13.27 16.49
C ASP B 110 -3.95 -12.91 17.87
N ALA B 111 -2.62 -13.03 18.00
CA ALA B 111 -1.82 -12.64 19.19
C ALA B 111 -1.77 -11.11 19.27
N ASP B 112 -2.94 -10.47 19.34
CA ASP B 112 -3.09 -9.00 19.58
C ASP B 112 -4.36 -8.78 20.42
N VAL B 113 -4.49 -7.59 21.01
CA VAL B 113 -5.58 -7.21 21.96
C VAL B 113 -6.93 -7.33 21.23
N ASP B 114 -6.98 -7.12 19.92
CA ASP B 114 -8.21 -7.29 19.10
C ASP B 114 -8.59 -8.77 19.11
N GLY B 115 -7.61 -9.65 18.89
CA GLY B 115 -7.84 -11.10 19.01
C GLY B 115 -8.41 -11.44 20.36
N GLN B 116 -7.86 -10.87 21.42
CA GLN B 116 -8.36 -11.09 22.80
C GLN B 116 -9.82 -10.68 22.86
N HIS B 117 -10.14 -9.53 22.28
CA HIS B 117 -11.51 -8.97 22.25
C HIS B 117 -12.43 -9.97 21.58
N ILE B 118 -12.04 -10.47 20.41
CA ILE B 118 -12.88 -11.42 19.63
C ILE B 118 -13.11 -12.66 20.49
N SER B 119 -12.08 -13.12 21.20
CA SER B 119 -12.18 -14.28 22.12
C SER B 119 -13.27 -13.98 23.15
N THR B 120 -13.22 -12.77 23.73
CA THR B 120 -14.17 -12.37 24.80
C THR B 120 -15.59 -12.39 24.22
N LEU B 121 -15.75 -11.90 22.99
CA LEU B 121 -17.07 -11.85 22.34
C LEU B 121 -17.58 -13.28 22.11
N LEU B 122 -16.69 -14.17 21.68
CA LEU B 122 -17.04 -15.59 21.41
C LEU B 122 -17.41 -16.27 22.73
N LEU B 123 -16.63 -16.06 23.78
CA LEU B 123 -16.89 -16.66 25.11
C LEU B 123 -18.24 -16.16 25.61
N THR B 124 -18.57 -14.89 25.37
CA THR B 124 -19.89 -14.30 25.74
C THR B 124 -20.99 -15.06 25.01
N LEU B 125 -20.81 -15.29 23.71
CA LEU B 125 -21.79 -16.06 22.90
C LEU B 125 -21.99 -17.44 23.55
N LEU B 126 -20.91 -18.16 23.81
CA LEU B 126 -20.96 -19.56 24.32
C LEU B 126 -21.59 -19.58 25.71
N PHE B 127 -21.24 -18.61 26.56
CA PHE B 127 -21.74 -18.53 27.95
C PHE B 127 -23.26 -18.28 27.93
N ARG B 128 -23.72 -17.35 27.09
CA ARG B 128 -25.14 -16.90 27.11
C ARG B 128 -26.01 -17.91 26.36
N PHE B 129 -25.49 -18.54 25.30
CA PHE B 129 -26.30 -19.31 24.33
C PHE B 129 -26.07 -20.81 24.52
N MET B 130 -24.90 -21.22 25.00
CA MET B 130 -24.49 -22.65 25.01
C MET B 130 -23.60 -22.93 26.22
N ARG B 131 -24.08 -22.57 27.42
CA ARG B 131 -23.32 -22.62 28.70
C ARG B 131 -22.80 -24.02 28.98
N PRO B 132 -23.60 -25.09 28.78
CA PRO B 132 -23.16 -26.45 29.09
C PRO B 132 -21.84 -26.86 28.43
N LEU B 133 -21.52 -26.25 27.29
CA LEU B 133 -20.25 -26.53 26.57
C LEU B 133 -19.07 -26.12 27.46
N ILE B 134 -19.20 -24.99 28.16
CA ILE B 134 -18.14 -24.50 29.08
C ILE B 134 -18.13 -25.40 30.33
N GLU B 135 -19.32 -25.73 30.86
CA GLU B 135 -19.49 -26.53 32.10
C GLU B 135 -18.81 -27.88 31.92
N ASN B 136 -18.94 -28.45 30.72
CA ASN B 136 -18.49 -29.83 30.44
C ASN B 136 -17.07 -29.81 29.84
N GLY B 137 -16.40 -28.65 29.81
CA GLY B 137 -14.96 -28.53 29.47
C GLY B 137 -14.66 -28.72 28.00
N HIS B 138 -15.58 -28.32 27.11
CA HIS B 138 -15.45 -28.50 25.64
C HIS B 138 -14.76 -27.28 25.01
N VAL B 139 -14.55 -26.18 25.74
CA VAL B 139 -14.07 -24.88 25.16
C VAL B 139 -12.60 -24.66 25.52
N PHE B 140 -11.75 -24.49 24.50
CA PHE B 140 -10.29 -24.35 24.66
C PHE B 140 -9.82 -23.08 23.93
N LEU B 141 -8.71 -22.50 24.38
CA LEU B 141 -8.03 -21.36 23.71
C LEU B 141 -6.68 -21.83 23.18
N ALA B 142 -6.42 -21.61 21.88
CA ALA B 142 -5.13 -21.97 21.23
C ALA B 142 -4.08 -20.95 21.67
N GLN B 143 -2.82 -21.38 21.80
CA GLN B 143 -1.70 -20.53 22.26
C GLN B 143 -0.60 -20.52 21.20
N PRO B 144 -0.71 -19.66 20.16
CA PRO B 144 0.34 -19.53 19.16
C PRO B 144 1.62 -18.89 19.72
N PRO B 145 2.76 -19.05 19.00
CA PRO B 145 4.03 -18.43 19.41
C PRO B 145 3.99 -16.91 19.23
N LEU B 146 4.81 -16.18 20.00
CA LEU B 146 4.92 -14.71 19.94
C LEU B 146 6.03 -14.32 18.96
N TYR B 147 7.12 -15.09 18.94
CA TYR B 147 8.35 -14.75 18.21
C TYR B 147 8.80 -15.92 17.33
N LYS B 148 9.28 -15.60 16.14
CA LYS B 148 10.05 -16.53 15.27
C LYS B 148 11.47 -15.98 15.15
N LEU B 149 12.46 -16.71 15.68
CA LEU B 149 13.90 -16.36 15.55
C LEU B 149 14.44 -16.96 14.24
N LYS B 150 14.80 -16.09 13.31
CA LYS B 150 15.28 -16.45 11.95
C LYS B 150 16.81 -16.52 11.95
N TRP B 151 17.36 -17.73 11.91
CA TRP B 151 18.83 -17.97 11.86
C TRP B 151 19.23 -18.12 10.40
N GLN B 152 20.48 -17.77 10.08
CA GLN B 152 21.05 -18.09 8.74
C GLN B 152 21.47 -19.58 8.73
N ARG B 153 21.20 -20.31 7.66
CA ARG B 153 21.75 -21.70 7.50
C ARG B 153 21.20 -22.67 8.54
N SER B 154 20.37 -22.23 9.50
CA SER B 154 19.77 -23.07 10.59
C SER B 154 18.25 -22.85 10.62
N ASP B 155 17.50 -23.89 10.99
CA ASP B 155 16.01 -23.86 11.12
C ASP B 155 15.60 -22.73 12.06
N PRO B 156 14.39 -22.14 11.87
CA PRO B 156 13.91 -21.05 12.72
C PRO B 156 13.48 -21.62 14.07
N GLU B 157 13.61 -20.84 15.14
CA GLU B 157 13.13 -21.19 16.50
C GLU B 157 11.94 -20.32 16.87
N PHE B 158 11.00 -20.89 17.63
CA PHE B 158 9.73 -20.23 18.03
C PHE B 158 9.72 -20.02 19.55
N ALA B 159 9.35 -18.81 19.98
CA ALA B 159 9.31 -18.40 21.39
C ALA B 159 7.89 -17.98 21.76
N TYR B 160 7.43 -18.39 22.95
CA TYR B 160 6.03 -18.14 23.39
C TYR B 160 6.06 -17.08 24.49
N SER B 161 7.24 -16.57 24.83
CA SER B 161 7.45 -15.53 25.88
C SER B 161 8.68 -14.69 25.52
N ASP B 162 8.74 -13.46 26.04
CA ASP B 162 9.89 -12.55 25.82
C ASP B 162 11.13 -13.22 26.41
N ARG B 163 10.98 -13.80 27.60
CA ARG B 163 12.09 -14.49 28.30
C ARG B 163 12.62 -15.61 27.41
N GLU B 164 11.72 -16.40 26.81
CA GLU B 164 12.08 -17.55 25.96
C GLU B 164 12.81 -17.04 24.72
N ARG B 165 12.33 -15.96 24.13
CA ARG B 165 12.96 -15.34 22.94
C ARG B 165 14.42 -15.01 23.27
N ASP B 166 14.63 -14.32 24.39
CA ASP B 166 15.97 -13.84 24.82
C ASP B 166 16.88 -15.04 25.08
N GLY B 167 16.33 -16.04 25.76
CA GLY B 167 17.07 -17.27 26.07
C GLY B 167 17.55 -17.96 24.81
N LEU B 168 16.63 -18.17 23.87
CA LEU B 168 16.92 -18.91 22.61
C LEU B 168 17.93 -18.12 21.79
N LEU B 169 17.79 -16.79 21.79
CA LEU B 169 18.72 -15.90 21.07
C LEU B 169 20.13 -16.11 21.63
N GLU B 170 20.25 -16.04 22.96
CA GLU B 170 21.58 -16.13 23.61
C GLU B 170 22.15 -17.53 23.36
N ALA B 171 21.34 -18.57 23.48
CA ALA B 171 21.75 -19.97 23.27
C ALA B 171 22.27 -20.13 21.84
N GLY B 172 21.53 -19.62 20.85
CA GLY B 172 21.88 -19.75 19.43
C GLY B 172 23.19 -19.06 19.13
N LEU B 173 23.37 -17.87 19.70
CA LEU B 173 24.61 -17.08 19.47
C LEU B 173 25.79 -17.82 20.10
N LYS B 174 25.60 -18.41 21.28
CA LYS B 174 26.67 -19.20 21.96
C LYS B 174 27.01 -20.43 21.12
N ALA B 175 26.02 -20.99 20.42
CA ALA B 175 26.17 -22.20 19.59
C ALA B 175 26.80 -21.84 18.23
N GLY B 176 27.07 -20.55 17.97
CA GLY B 176 27.73 -20.09 16.74
C GLY B 176 26.75 -19.86 15.60
N LYS B 177 25.45 -19.87 15.89
CA LYS B 177 24.40 -19.55 14.89
C LYS B 177 24.43 -18.05 14.61
N LYS B 178 24.19 -17.65 13.37
CA LYS B 178 24.13 -16.22 12.92
C LYS B 178 22.67 -15.85 12.69
N ILE B 179 22.19 -14.80 13.35
CA ILE B 179 20.79 -14.30 13.22
C ILE B 179 20.85 -13.07 12.33
N ASN B 180 19.97 -12.07 12.52
CA ASN B 180 20.04 -10.80 11.75
C ASN B 180 19.56 -9.65 12.61
N LYS B 181 20.49 -8.98 13.30
CA LYS B 181 20.27 -7.78 14.17
C LYS B 181 19.17 -6.87 13.59
N GLU B 182 19.09 -6.75 12.26
CA GLU B 182 18.04 -5.96 11.54
C GLU B 182 16.87 -6.88 11.13
N ASP B 183 16.02 -7.25 12.09
CA ASP B 183 14.77 -8.03 11.88
C ASP B 183 15.07 -9.53 11.83
N GLY B 184 15.93 -10.00 12.76
CA GLY B 184 16.14 -11.45 12.99
C GLY B 184 14.94 -12.08 13.68
N ILE B 185 14.39 -11.39 14.68
CA ILE B 185 13.20 -11.83 15.47
C ILE B 185 11.96 -11.18 14.86
N GLN B 186 10.98 -11.99 14.46
CA GLN B 186 9.64 -11.55 13.96
C GLN B 186 8.61 -11.69 15.08
N ARG B 187 7.91 -10.61 15.41
CA ARG B 187 6.77 -10.63 16.38
C ARG B 187 5.47 -10.89 15.61
N TYR B 188 4.89 -12.08 15.78
CA TYR B 188 3.58 -12.45 15.20
C TYR B 188 2.47 -11.57 15.77
N LYS B 189 1.83 -10.74 14.93
CA LYS B 189 0.66 -9.90 15.29
C LYS B 189 -0.62 -10.52 14.72
N GLY B 190 -0.49 -11.38 13.71
CA GLY B 190 -1.62 -12.01 12.99
C GLY B 190 -1.27 -13.41 12.53
N LEU B 191 -2.19 -14.35 12.69
CA LEU B 191 -1.97 -15.79 12.36
C LEU B 191 -1.71 -15.93 10.85
N GLY B 192 -2.16 -14.97 10.03
CA GLY B 192 -1.91 -14.96 8.57
C GLY B 192 -0.44 -14.83 8.22
N GLU B 193 0.40 -14.43 9.20
CA GLU B 193 1.86 -14.24 9.03
C GLU B 193 2.56 -15.61 9.05
N MET B 194 1.91 -16.65 9.61
CA MET B 194 2.49 -18.02 9.74
C MET B 194 2.06 -18.84 8.53
N ASP B 195 2.99 -19.63 7.95
CA ASP B 195 2.59 -20.57 6.88
C ASP B 195 1.97 -21.80 7.55
N ALA B 196 1.36 -22.66 6.74
CA ALA B 196 0.62 -23.85 7.20
C ALA B 196 1.54 -24.70 8.08
N LYS B 197 2.77 -24.93 7.63
CA LYS B 197 3.74 -25.81 8.34
C LYS B 197 4.01 -25.22 9.72
N GLU B 198 4.31 -23.92 9.78
CA GLU B 198 4.65 -23.23 11.04
C GLU B 198 3.45 -23.33 11.99
N LEU B 199 2.26 -23.07 11.47
CA LEU B 199 1.03 -23.07 12.30
C LEU B 199 0.86 -24.46 12.89
N TRP B 200 1.04 -25.51 12.09
CA TRP B 200 0.88 -26.91 12.55
C TRP B 200 1.90 -27.18 13.66
N GLU B 201 3.17 -26.89 13.38
CA GLU B 201 4.29 -27.31 14.24
C GLU B 201 4.20 -26.58 15.59
N THR B 202 3.52 -25.44 15.64
CA THR B 202 3.54 -24.55 16.82
C THR B 202 2.21 -24.62 17.58
N THR B 203 1.09 -24.71 16.86
CA THR B 203 -0.22 -24.29 17.42
C THR B 203 -1.24 -25.42 17.28
N MET B 204 -1.06 -26.35 16.34
CA MET B 204 -2.16 -27.28 15.97
C MET B 204 -1.75 -28.75 16.17
N ASP B 205 -0.46 -29.07 16.23
CA ASP B 205 0.03 -30.46 16.43
C ASP B 205 -0.27 -30.90 17.86
N PRO B 206 -1.18 -31.89 18.06
CA PRO B 206 -1.54 -32.32 19.41
C PRO B 206 -0.31 -32.72 20.24
N SER B 207 0.75 -33.17 19.58
CA SER B 207 1.99 -33.64 20.24
C SER B 207 2.77 -32.45 20.81
N VAL B 208 2.56 -31.24 20.29
CA VAL B 208 3.40 -30.04 20.62
C VAL B 208 2.52 -28.94 21.21
N ARG B 209 1.26 -28.85 20.79
CA ARG B 209 0.41 -27.67 21.06
C ARG B 209 0.13 -27.55 22.57
N VAL B 210 -0.18 -26.32 22.99
CA VAL B 210 -0.70 -26.01 24.37
C VAL B 210 -2.11 -25.46 24.22
N LEU B 211 -3.08 -26.09 24.89
CA LEU B 211 -4.49 -25.64 24.89
C LEU B 211 -4.85 -25.15 26.29
N ARG B 212 -5.47 -23.99 26.40
CA ARG B 212 -6.03 -23.49 27.68
C ARG B 212 -7.53 -23.83 27.74
N GLN B 213 -7.88 -24.77 28.62
CA GLN B 213 -9.29 -25.24 28.80
C GLN B 213 -10.05 -24.24 29.66
N VAL B 214 -11.14 -23.68 29.13
CA VAL B 214 -12.00 -22.71 29.87
C VAL B 214 -12.88 -23.48 30.87
N THR B 215 -12.74 -23.17 32.17
CA THR B 215 -13.53 -23.79 33.28
C THR B 215 -14.51 -22.76 33.84
N LEU B 216 -15.58 -23.24 34.47
CA LEU B 216 -16.65 -22.39 35.06
C LEU B 216 -16.82 -22.78 36.53
N ASP B 217 -16.21 -22.01 37.44
CA ASP B 217 -16.22 -22.29 38.90
C ASP B 217 -17.56 -21.83 39.51
N ASP B 218 -17.92 -20.57 39.30
CA ASP B 218 -19.11 -19.92 39.91
C ASP B 218 -19.95 -19.26 38.81
N ALA B 219 -21.01 -19.94 38.38
CA ALA B 219 -21.94 -19.49 37.32
C ALA B 219 -22.49 -18.11 37.65
N ALA B 220 -22.86 -17.87 38.91
CA ALA B 220 -23.46 -16.60 39.36
C ALA B 220 -22.44 -15.48 39.22
N ALA B 221 -21.22 -15.71 39.71
CA ALA B 221 -20.11 -14.74 39.65
C ALA B 221 -19.81 -14.42 38.18
N ALA B 222 -19.72 -15.46 37.35
CA ALA B 222 -19.45 -15.34 35.91
C ALA B 222 -20.56 -14.49 35.27
N ASP B 223 -21.81 -14.81 35.60
CA ASP B 223 -23.00 -14.10 35.08
C ASP B 223 -22.84 -12.60 35.34
N GLU B 224 -22.51 -12.25 36.59
CA GLU B 224 -22.38 -10.84 37.01
C GLU B 224 -21.26 -10.18 36.20
N LEU B 225 -20.12 -10.87 36.08
CA LEU B 225 -18.93 -10.33 35.37
C LEU B 225 -19.29 -10.04 33.91
N PHE B 226 -19.93 -10.99 33.23
CA PHE B 226 -20.34 -10.85 31.80
C PHE B 226 -21.23 -9.62 31.67
N SER B 227 -22.16 -9.41 32.61
CA SER B 227 -23.08 -8.25 32.61
C SER B 227 -22.27 -6.96 32.68
N ILE B 228 -21.28 -6.93 33.56
CA ILE B 228 -20.44 -5.72 33.78
C ILE B 228 -19.67 -5.43 32.49
N LEU B 229 -18.98 -6.45 31.98
CA LEU B 229 -17.99 -6.30 30.89
C LEU B 229 -18.70 -6.09 29.56
N MET B 230 -19.75 -6.87 29.30
CA MET B 230 -20.36 -6.99 27.95
C MET B 230 -21.70 -6.25 27.90
N GLY B 231 -22.27 -5.89 29.06
CA GLY B 231 -23.63 -5.32 29.15
C GLY B 231 -23.67 -3.85 28.78
N GLU B 232 -24.82 -3.21 29.01
CA GLU B 232 -25.11 -1.84 28.54
C GLU B 232 -24.67 -0.81 29.59
N ASP B 233 -24.48 -1.23 30.86
CA ASP B 233 -24.13 -0.31 31.98
C ASP B 233 -22.68 0.17 31.80
N VAL B 234 -22.53 1.31 31.12
CA VAL B 234 -21.20 1.91 30.76
C VAL B 234 -20.49 2.30 32.06
N ASP B 235 -21.21 2.88 33.01
CA ASP B 235 -20.65 3.41 34.27
C ASP B 235 -20.06 2.25 35.08
N ALA B 236 -20.80 1.14 35.19
CA ALA B 236 -20.36 -0.10 35.89
C ALA B 236 -19.07 -0.59 35.26
N ARG B 237 -19.02 -0.62 33.93
CA ARG B 237 -17.85 -1.13 33.16
C ARG B 237 -16.65 -0.20 33.43
N ARG B 238 -16.84 1.11 33.28
CA ARG B 238 -15.79 2.14 33.50
C ARG B 238 -15.18 1.96 34.90
N SER B 239 -16.03 1.72 35.90
CA SER B 239 -15.63 1.57 37.33
C SER B 239 -14.89 0.23 37.50
N PHE B 240 -15.41 -0.82 36.87
CA PHE B 240 -14.77 -2.16 36.89
C PHE B 240 -13.34 -2.04 36.37
N ILE B 241 -13.14 -1.37 35.22
CA ILE B 241 -11.82 -1.32 34.53
C ILE B 241 -10.83 -0.46 35.33
N THR B 242 -11.29 0.67 35.91
CA THR B 242 -10.44 1.60 36.69
C THR B 242 -9.85 0.89 37.91
N ARG B 243 -10.66 0.12 38.64
CA ARG B 243 -10.28 -0.53 39.94
C ARG B 243 -9.34 -1.72 39.68
N ASN B 244 -9.50 -2.42 38.55
CA ASN B 244 -8.95 -3.78 38.31
C ASN B 244 -7.76 -3.74 37.34
N ALA B 245 -7.78 -2.85 36.33
CA ALA B 245 -6.68 -2.69 35.35
C ALA B 245 -5.38 -2.37 36.08
N LYS B 246 -5.47 -1.76 37.27
CA LYS B 246 -4.32 -1.49 38.19
C LYS B 246 -3.50 -2.76 38.39
N ASP B 247 -4.16 -3.91 38.64
CA ASP B 247 -3.50 -5.14 39.15
C ASP B 247 -4.03 -6.39 38.42
N VAL B 248 -4.06 -6.37 37.08
CA VAL B 248 -4.45 -7.55 36.24
C VAL B 248 -3.20 -8.30 35.78
N ARG B 249 -2.04 -7.65 35.77
CA ARG B 249 -0.72 -8.25 35.37
C ARG B 249 -0.16 -9.11 36.51
N PHE B 250 -1.01 -9.49 37.47
CA PHE B 250 -0.65 -10.25 38.70
C PHE B 250 -1.65 -11.40 38.96
N LEU B 251 -2.94 -11.19 38.64
CA LEU B 251 -4.03 -12.20 38.73
C LEU B 251 -3.71 -13.41 37.85
N ARG B 266 -1.08 -31.23 25.86
CA ARG B 266 -0.89 -30.46 27.11
C ARG B 266 -2.00 -29.41 27.29
N ILE B 267 -2.87 -29.66 28.28
CA ILE B 267 -4.07 -28.83 28.58
C ILE B 267 -3.83 -28.08 29.90
N GLU B 268 -3.95 -26.75 29.88
CA GLU B 268 -3.89 -25.88 31.08
C GLU B 268 -5.30 -25.33 31.36
N PRO B 269 -5.85 -25.54 32.57
CA PRO B 269 -7.18 -25.02 32.89
C PRO B 269 -7.11 -23.51 33.15
N VAL B 270 -8.13 -22.76 32.72
CA VAL B 270 -8.25 -21.30 32.98
C VAL B 270 -9.71 -20.99 33.30
N ASP B 271 -9.96 -20.33 34.45
CA ASP B 271 -11.33 -19.94 34.86
C ASP B 271 -11.83 -18.86 33.91
N ILE B 272 -13.07 -19.04 33.44
CA ILE B 272 -13.73 -18.14 32.45
C ILE B 272 -13.70 -16.71 32.99
N GLU B 273 -14.00 -16.53 34.29
CA GLU B 273 -14.04 -15.19 34.94
C GLU B 273 -12.67 -14.52 34.77
N GLN B 274 -11.61 -15.24 35.11
CA GLN B 274 -10.23 -14.70 35.07
C GLN B 274 -9.87 -14.39 33.62
N GLU B 275 -10.20 -15.29 32.69
CA GLU B 275 -9.89 -15.12 31.25
C GLU B 275 -10.58 -13.86 30.74
N MET B 276 -11.86 -13.73 31.04
CA MET B 276 -12.70 -12.60 30.55
C MET B 276 -12.12 -11.30 31.09
N GLN B 277 -11.83 -11.26 32.39
CA GLN B 277 -11.33 -10.05 33.07
C GLN B 277 -10.02 -9.64 32.42
N ARG B 278 -9.07 -10.57 32.34
CA ARG B 278 -7.72 -10.27 31.82
C ARG B 278 -7.84 -9.78 30.37
N SER B 279 -8.50 -10.56 29.52
CA SER B 279 -8.57 -10.28 28.06
C SER B 279 -9.28 -8.95 27.82
N TYR B 280 -10.40 -8.73 28.50
CA TYR B 280 -11.21 -7.52 28.26
C TYR B 280 -10.45 -6.29 28.75
N ILE B 281 -9.83 -6.37 29.92
CA ILE B 281 -9.11 -5.19 30.51
C ILE B 281 -7.91 -4.87 29.61
N ASP B 282 -7.20 -5.89 29.12
CA ASP B 282 -6.07 -5.71 28.18
C ASP B 282 -6.57 -4.92 26.96
N TYR B 283 -7.68 -5.37 26.39
CA TYR B 283 -8.28 -4.74 25.20
C TYR B 283 -8.63 -3.29 25.55
N ALA B 284 -9.38 -3.12 26.64
CA ALA B 284 -9.91 -1.81 27.05
C ALA B 284 -8.75 -0.82 27.21
N MET B 285 -7.71 -1.22 27.93
CA MET B 285 -6.58 -0.30 28.22
C MET B 285 -5.86 0.02 26.91
N SER B 286 -5.70 -0.95 26.03
CA SER B 286 -5.07 -0.75 24.70
C SER B 286 -5.85 0.33 23.93
N VAL B 287 -7.17 0.21 23.89
CA VAL B 287 -8.08 1.13 23.14
C VAL B 287 -7.98 2.52 23.77
N ILE B 288 -7.99 2.59 25.10
CA ILE B 288 -8.04 3.87 25.86
C ILE B 288 -6.71 4.60 25.69
N VAL B 289 -5.61 3.96 26.08
CA VAL B 289 -4.28 4.61 26.26
C VAL B 289 -3.54 4.67 24.92
N GLY B 290 -3.94 3.86 23.93
CA GLY B 290 -3.15 3.66 22.70
C GLY B 290 -3.99 3.42 21.45
N ARG B 291 -5.13 4.09 21.31
CA ARG B 291 -5.93 4.07 20.05
C ARG B 291 -6.87 5.29 19.98
N ALA B 292 -7.81 5.40 20.91
CA ALA B 292 -9.06 6.20 20.75
C ALA B 292 -8.89 7.63 21.28
N LEU B 293 -7.98 7.85 22.23
CA LEU B 293 -7.88 9.14 22.95
C LEU B 293 -6.59 9.84 22.60
N PRO B 294 -6.58 11.20 22.60
CA PRO B 294 -5.36 11.94 22.33
C PRO B 294 -4.41 11.99 23.53
N GLU B 295 -3.11 12.09 23.24
CA GLU B 295 -2.09 12.45 24.26
C GLU B 295 -2.15 13.97 24.49
N VAL B 296 -2.16 14.39 25.75
CA VAL B 296 -2.40 15.80 26.16
C VAL B 296 -1.34 16.70 25.53
N ARG B 297 -0.11 16.20 25.37
CA ARG B 297 1.05 17.05 24.99
C ARG B 297 1.00 17.39 23.51
N ASP B 298 0.64 16.45 22.63
CA ASP B 298 0.64 16.74 21.17
C ASP B 298 -0.78 16.68 20.60
N GLY B 299 -1.74 16.15 21.35
CA GLY B 299 -3.15 16.10 20.93
C GLY B 299 -3.39 15.07 19.84
N LEU B 300 -2.45 14.12 19.66
CA LEU B 300 -2.48 13.11 18.57
C LEU B 300 -2.88 11.75 19.15
N LYS B 301 -3.80 11.07 18.46
CA LYS B 301 -4.01 9.62 18.65
C LYS B 301 -2.82 8.90 18.01
N PRO B 302 -2.48 7.66 18.46
CA PRO B 302 -1.28 6.98 17.99
C PRO B 302 -1.24 6.88 16.46
N VAL B 303 -2.37 6.54 15.84
CA VAL B 303 -2.48 6.40 14.35
C VAL B 303 -2.02 7.70 13.69
N HIS B 304 -2.46 8.85 14.21
CA HIS B 304 -2.14 10.20 13.65
C HIS B 304 -0.62 10.40 13.73
N ARG B 305 -0.08 10.16 14.91
CA ARG B 305 1.36 10.35 15.21
C ARG B 305 2.17 9.53 14.21
N ARG B 306 1.80 8.25 14.08
CA ARG B 306 2.57 7.29 13.26
C ARG B 306 2.50 7.71 11.79
N VAL B 307 1.34 8.12 11.32
CA VAL B 307 1.16 8.54 9.90
C VAL B 307 2.05 9.75 9.65
N LEU B 308 1.96 10.77 10.51
CA LEU B 308 2.70 12.04 10.31
C LEU B 308 4.20 11.76 10.38
N TYR B 309 4.65 10.95 11.34
CA TYR B 309 6.09 10.62 11.50
C TYR B 309 6.57 9.81 10.30
N ALA B 310 5.77 8.84 9.84
CA ALA B 310 6.12 8.00 8.67
C ALA B 310 6.31 8.90 7.45
N MET B 311 5.38 9.83 7.24
CA MET B 311 5.46 10.78 6.11
C MET B 311 6.73 11.62 6.26
N PHE B 312 7.01 12.10 7.47
CA PHE B 312 8.22 12.92 7.79
C PHE B 312 9.48 12.11 7.44
N ASP B 313 9.58 10.89 7.96
CA ASP B 313 10.77 10.02 7.79
C ASP B 313 10.94 9.66 6.30
N SER B 314 9.84 9.58 5.55
CA SER B 314 9.82 9.26 4.11
C SER B 314 10.17 10.50 3.28
N GLY B 315 10.19 11.67 3.90
CA GLY B 315 10.57 12.94 3.24
C GLY B 315 9.42 13.55 2.45
N PHE B 316 8.16 13.21 2.78
CA PHE B 316 6.96 13.80 2.14
C PHE B 316 6.68 15.17 2.79
N ARG B 317 7.62 16.10 2.64
CA ARG B 317 7.59 17.43 3.31
C ARG B 317 6.95 18.44 2.37
N PRO B 318 6.52 19.62 2.89
CA PRO B 318 5.81 20.61 2.08
C PRO B 318 6.69 21.16 0.93
N ASP B 319 8.01 21.07 1.09
CA ASP B 319 9.04 21.58 0.12
C ASP B 319 9.15 20.64 -1.09
N ARG B 320 8.56 19.44 -1.03
CA ARG B 320 8.69 18.42 -2.11
C ARG B 320 7.31 18.14 -2.74
N SER B 321 7.29 17.32 -3.79
CA SER B 321 6.08 17.00 -4.59
C SER B 321 5.23 15.95 -3.86
N HIS B 322 3.90 16.14 -3.87
CA HIS B 322 2.89 15.17 -3.34
C HIS B 322 3.29 13.75 -3.73
N ALA B 323 3.14 12.80 -2.81
CA ALA B 323 3.36 11.36 -3.04
C ALA B 323 2.00 10.64 -3.03
N LYS B 324 1.89 9.55 -3.79
CA LYS B 324 0.68 8.70 -3.79
C LYS B 324 0.35 8.34 -2.34
N SER B 325 -0.90 8.55 -1.93
CA SER B 325 -1.40 8.24 -0.57
C SER B 325 -1.01 6.82 -0.19
N ALA B 326 -1.08 5.90 -1.14
CA ALA B 326 -0.81 4.45 -0.94
C ALA B 326 0.56 4.25 -0.29
N ARG B 327 1.56 5.00 -0.74
CA ARG B 327 2.97 4.85 -0.29
C ARG B 327 3.04 5.20 1.20
N SER B 328 2.45 6.33 1.56
CA SER B 328 2.40 6.83 2.96
C SER B 328 1.71 5.77 3.83
N VAL B 329 0.56 5.27 3.38
CA VAL B 329 -0.26 4.28 4.12
C VAL B 329 0.59 3.02 4.31
N ALA B 330 1.21 2.55 3.24
CA ALA B 330 1.97 1.27 3.23
C ALA B 330 3.16 1.39 4.17
N GLU B 331 3.90 2.50 4.07
CA GLU B 331 5.12 2.73 4.88
C GLU B 331 4.72 2.76 6.35
N THR B 332 3.64 3.47 6.66
CA THR B 332 3.11 3.61 8.02
C THR B 332 2.77 2.23 8.58
N MET B 333 1.96 1.50 7.81
CA MET B 333 1.44 0.16 8.15
C MET B 333 2.60 -0.79 8.41
N GLY B 334 3.58 -0.79 7.49
CA GLY B 334 4.67 -1.77 7.47
C GLY B 334 5.62 -1.56 8.62
N ASN B 335 5.88 -0.31 8.97
CA ASN B 335 7.00 0.01 9.90
C ASN B 335 6.45 0.30 11.29
N TYR B 336 5.18 0.70 11.40
CA TYR B 336 4.57 1.13 12.68
C TYR B 336 3.15 0.57 12.77
N HIS B 337 2.15 1.41 13.02
CA HIS B 337 0.71 1.04 13.07
C HIS B 337 0.47 -0.33 12.43
N PRO B 338 0.52 -1.42 13.21
CA PRO B 338 0.33 -2.77 12.69
C PRO B 338 -1.16 -3.13 12.60
N HIS B 339 -1.90 -2.44 11.73
CA HIS B 339 -3.38 -2.53 11.61
C HIS B 339 -3.81 -2.41 10.15
N GLY B 340 -5.13 -2.40 9.91
CA GLY B 340 -5.77 -2.32 8.59
C GLY B 340 -5.44 -1.04 7.85
N ASP B 341 -5.33 -1.15 6.53
CA ASP B 341 -4.96 -0.06 5.59
C ASP B 341 -6.10 0.96 5.51
N ALA B 342 -7.35 0.49 5.55
CA ALA B 342 -8.56 1.33 5.47
C ALA B 342 -8.52 2.38 6.57
N SER B 343 -8.27 1.97 7.81
CA SER B 343 -8.30 2.87 8.98
C SER B 343 -7.16 3.89 8.87
N ILE B 344 -5.98 3.44 8.44
CA ILE B 344 -4.79 4.33 8.27
C ILE B 344 -5.14 5.39 7.21
N TYR B 345 -5.63 4.94 6.06
CA TYR B 345 -5.97 5.83 4.93
C TYR B 345 -7.04 6.82 5.39
N ASP B 346 -8.07 6.33 6.07
CA ASP B 346 -9.19 7.18 6.53
C ASP B 346 -8.65 8.29 7.42
N SER B 347 -7.76 7.94 8.35
CA SER B 347 -7.10 8.89 9.27
C SER B 347 -6.37 9.95 8.45
N LEU B 348 -5.59 9.49 7.47
CA LEU B 348 -4.80 10.38 6.59
C LEU B 348 -5.77 11.34 5.89
N VAL B 349 -6.85 10.80 5.31
CA VAL B 349 -7.84 11.59 4.54
C VAL B 349 -8.42 12.65 5.46
N ARG B 350 -8.80 12.29 6.68
CA ARG B 350 -9.46 13.22 7.62
C ARG B 350 -8.52 14.36 7.98
N MET B 351 -7.22 14.08 8.13
CA MET B 351 -6.23 15.11 8.51
C MET B 351 -5.98 16.05 7.33
N ALA B 352 -6.54 15.71 6.16
CA ALA B 352 -6.40 16.52 4.92
C ALA B 352 -7.66 17.35 4.66
N GLN B 353 -8.76 17.04 5.35
CA GLN B 353 -10.07 17.69 5.08
C GLN B 353 -10.15 19.01 5.84
N PRO B 354 -10.27 20.16 5.16
CA PRO B 354 -10.33 21.46 5.84
C PRO B 354 -11.64 21.70 6.62
N TRP B 355 -12.67 20.90 6.35
CA TRP B 355 -13.94 20.98 7.10
C TRP B 355 -13.90 20.06 8.32
N SER B 356 -12.92 19.14 8.38
CA SER B 356 -12.78 18.19 9.50
C SER B 356 -11.81 18.76 10.54
N LEU B 357 -10.71 19.36 10.09
CA LEU B 357 -9.65 19.94 10.94
C LEU B 357 -9.59 21.45 10.73
N ARG B 358 -9.56 22.22 11.82
CA ARG B 358 -9.37 23.69 11.78
C ARG B 358 -8.01 24.00 11.17
N TYR B 359 -7.01 23.15 11.42
CA TYR B 359 -5.63 23.30 10.90
C TYR B 359 -5.15 21.96 10.33
N PRO B 360 -5.42 21.67 9.04
CA PRO B 360 -5.05 20.40 8.43
C PRO B 360 -3.56 20.10 8.58
N LEU B 361 -3.21 18.84 8.83
CA LEU B 361 -1.83 18.38 9.04
C LEU B 361 -1.33 17.67 7.77
N VAL B 362 -2.25 17.32 6.86
CA VAL B 362 -1.92 16.67 5.57
C VAL B 362 -2.39 17.58 4.44
N ASP B 363 -1.52 17.85 3.47
CA ASP B 363 -1.85 18.53 2.20
C ASP B 363 -2.22 17.48 1.15
N GLY B 364 -3.51 17.35 0.85
CA GLY B 364 -4.03 16.35 -0.10
C GLY B 364 -4.16 16.92 -1.50
N GLN B 365 -3.92 16.08 -2.51
CA GLN B 365 -4.13 16.40 -3.95
C GLN B 365 -5.06 15.33 -4.56
N GLY B 366 -6.20 15.75 -5.11
CA GLY B 366 -7.21 14.84 -5.67
C GLY B 366 -8.49 14.85 -4.86
N ASN B 367 -9.26 13.77 -4.92
CA ASN B 367 -10.60 13.67 -4.29
C ASN B 367 -10.45 13.14 -2.87
N PHE B 368 -10.54 14.01 -1.86
CA PHE B 368 -10.45 13.62 -0.43
C PHE B 368 -11.84 13.68 0.20
N GLY B 369 -12.89 13.58 -0.61
CA GLY B 369 -14.28 13.49 -0.13
C GLY B 369 -14.96 14.85 -0.08
N SER B 370 -16.19 14.86 0.41
CA SER B 370 -17.04 16.08 0.51
C SER B 370 -17.58 16.20 1.92
N PRO B 371 -18.03 17.40 2.34
CA PRO B 371 -18.74 17.56 3.60
C PRO B 371 -20.09 16.81 3.59
N GLY B 372 -20.49 16.29 2.43
CA GLY B 372 -21.68 15.46 2.25
C GLY B 372 -21.36 13.97 2.24
N ASN B 373 -22.01 13.22 1.37
CA ASN B 373 -21.94 11.73 1.38
C ASN B 373 -20.94 11.22 0.34
N ASP B 374 -20.34 12.10 -0.47
CA ASP B 374 -19.29 11.69 -1.44
C ASP B 374 -18.05 11.25 -0.67
N PRO B 375 -17.65 9.97 -0.73
CA PRO B 375 -16.43 9.51 -0.06
C PRO B 375 -15.16 9.92 -0.82
N PRO B 376 -13.97 9.81 -0.19
CA PRO B 376 -12.69 10.06 -0.87
C PRO B 376 -12.41 9.00 -1.93
N ALA B 377 -11.62 9.36 -2.94
CA ALA B 377 -11.11 8.45 -3.98
C ALA B 377 -10.20 7.41 -3.32
N ALA B 378 -10.00 6.28 -3.99
CA ALA B 378 -9.07 5.23 -3.55
C ALA B 378 -7.65 5.82 -3.42
N MET B 379 -6.86 5.26 -2.50
CA MET B 379 -5.50 5.76 -2.15
C MET B 379 -4.56 5.58 -3.35
N ARG B 380 -4.96 4.79 -4.34
CA ARG B 380 -4.19 4.60 -5.59
C ARG B 380 -4.28 5.88 -6.44
N TYR B 381 -5.31 6.71 -6.24
CA TYR B 381 -5.53 7.94 -7.05
C TYR B 381 -5.05 9.18 -6.29
N THR B 382 -5.30 9.26 -4.98
CA THR B 382 -5.01 10.46 -4.15
C THR B 382 -3.49 10.57 -3.88
N GLU B 383 -3.00 11.79 -3.72
CA GLU B 383 -1.59 12.08 -3.34
C GLU B 383 -1.59 12.96 -2.09
N ALA B 384 -0.57 12.84 -1.25
CA ALA B 384 -0.50 13.58 0.03
C ALA B 384 0.95 13.91 0.42
N ARG B 385 1.13 14.99 1.16
CA ARG B 385 2.40 15.40 1.84
C ARG B 385 2.06 16.15 3.13
N LEU B 386 3.06 16.44 3.96
CA LEU B 386 2.85 17.20 5.23
C LEU B 386 2.57 18.66 4.89
N THR B 387 1.78 19.34 5.72
CA THR B 387 1.53 20.80 5.62
C THR B 387 2.66 21.52 6.35
N PRO B 388 2.91 22.81 6.05
CA PRO B 388 3.89 23.59 6.81
C PRO B 388 3.62 23.52 8.31
N LEU B 389 2.35 23.56 8.70
CA LEU B 389 1.96 23.50 10.13
C LEU B 389 2.33 22.14 10.70
N ALA B 390 2.13 21.06 9.95
CA ALA B 390 2.51 19.71 10.38
C ALA B 390 4.00 19.66 10.69
N MET B 391 4.81 20.41 9.94
CA MET B 391 6.28 20.43 10.15
C MET B 391 6.56 21.02 11.53
N GLU B 392 5.71 21.94 12.02
CA GLU B 392 5.86 22.55 13.37
C GLU B 392 5.59 21.49 14.44
N MET B 393 4.71 20.53 14.15
CA MET B 393 4.45 19.39 15.06
C MET B 393 5.74 18.57 15.23
N LEU B 394 6.55 18.48 14.17
CA LEU B 394 7.69 17.54 14.08
C LEU B 394 9.01 18.29 14.24
N ARG B 395 8.99 19.60 14.48
CA ARG B 395 10.20 20.46 14.48
C ARG B 395 11.26 19.87 15.42
N GLU B 396 12.48 19.68 14.92
CA GLU B 396 13.71 19.32 15.69
C GLU B 396 13.48 17.99 16.43
N ILE B 397 12.67 17.11 15.86
CA ILE B 397 12.40 15.76 16.41
C ILE B 397 13.72 14.98 16.45
N ASP B 398 14.67 15.32 15.58
CA ASP B 398 15.98 14.62 15.45
C ASP B 398 16.98 15.12 16.50
N GLU B 399 16.59 16.06 17.36
CA GLU B 399 17.48 16.66 18.38
C GLU B 399 17.14 16.14 19.78
N GLU B 400 16.70 14.88 19.89
CA GLU B 400 16.36 14.23 21.19
C GLU B 400 15.40 15.13 21.97
N THR B 401 14.45 15.75 21.26
CA THR B 401 13.46 16.65 21.88
C THR B 401 12.34 15.80 22.50
N VAL B 402 12.19 14.55 22.08
CA VAL B 402 11.15 13.64 22.64
C VAL B 402 11.76 12.24 22.82
N ASP B 403 11.09 11.42 23.63
CA ASP B 403 11.47 10.01 23.89
C ASP B 403 11.11 9.16 22.66
N PHE B 404 11.99 8.22 22.34
CA PHE B 404 11.75 7.20 21.30
C PHE B 404 11.68 5.82 21.96
N ILE B 405 10.80 4.96 21.46
CA ILE B 405 10.63 3.56 21.94
C ILE B 405 10.68 2.64 20.73
N PRO B 406 11.01 1.35 20.93
CA PRO B 406 10.97 0.38 19.82
C PRO B 406 9.54 0.22 19.29
N ASN B 407 9.39 0.10 17.97
CA ASN B 407 8.08 -0.12 17.33
C ASN B 407 7.56 -1.52 17.72
N TYR B 408 6.34 -1.87 17.30
CA TYR B 408 5.61 -3.10 17.71
C TYR B 408 6.54 -4.32 17.76
N ASP B 409 7.48 -4.45 16.81
CA ASP B 409 8.37 -5.64 16.65
C ASP B 409 9.82 -5.32 17.04
N GLY B 410 10.18 -4.03 17.14
CA GLY B 410 11.49 -3.58 17.67
C GLY B 410 12.51 -3.31 16.58
N ARG B 411 12.14 -3.47 15.30
CA ARG B 411 13.03 -3.19 14.13
C ARG B 411 13.52 -1.75 14.19
N VAL B 412 12.58 -0.80 14.30
CA VAL B 412 12.85 0.67 14.23
C VAL B 412 12.38 1.33 15.53
N GLN B 413 12.82 2.57 15.72
CA GLN B 413 12.39 3.42 16.85
C GLN B 413 11.27 4.36 16.38
N GLU B 414 10.32 4.67 17.25
CA GLU B 414 9.24 5.63 16.99
C GLU B 414 9.10 6.59 18.18
N PRO B 415 8.71 7.86 17.93
CA PRO B 415 8.53 8.82 19.02
C PRO B 415 7.27 8.50 19.84
N THR B 416 7.33 8.68 21.15
CA THR B 416 6.21 8.46 22.11
C THR B 416 5.18 9.57 21.92
N VAL B 417 5.68 10.78 21.68
CA VAL B 417 4.89 12.01 21.48
C VAL B 417 5.66 12.89 20.50
N LEU B 418 4.99 13.83 19.84
CA LEU B 418 5.66 14.79 18.92
C LEU B 418 6.05 16.04 19.72
N PRO B 419 7.09 16.78 19.28
CA PRO B 419 7.44 18.06 19.90
C PRO B 419 6.24 19.02 19.98
N SER B 420 5.43 19.07 18.92
CA SER B 420 4.14 19.80 18.85
C SER B 420 4.33 21.26 19.24
N ARG B 421 5.18 21.97 18.50
CA ARG B 421 5.49 23.39 18.79
C ARG B 421 4.20 24.19 18.66
N PHE B 422 3.18 23.64 18.01
CA PHE B 422 1.84 24.29 18.04
C PHE B 422 0.88 23.47 18.91
N PRO B 423 0.03 24.17 19.70
CA PRO B 423 -0.91 23.53 20.62
C PRO B 423 -2.07 22.80 19.91
N ASN B 424 -1.75 21.67 19.29
CA ASN B 424 -2.60 20.92 18.33
C ASN B 424 -3.88 20.43 19.04
N LEU B 425 -3.78 19.99 20.28
CA LEU B 425 -4.94 19.36 20.98
C LEU B 425 -6.12 20.35 20.98
N LEU B 426 -5.87 21.59 21.37
CA LEU B 426 -6.93 22.63 21.47
C LEU B 426 -7.19 23.23 20.09
N ALA B 427 -6.16 23.35 19.25
CA ALA B 427 -6.26 24.00 17.93
C ALA B 427 -7.16 23.16 17.01
N ASN B 428 -6.95 21.84 16.99
CA ASN B 428 -7.63 20.91 16.05
C ASN B 428 -8.73 20.14 16.77
N GLY B 429 -8.70 20.09 18.10
CA GLY B 429 -9.63 19.26 18.87
C GLY B 429 -9.36 17.78 18.66
N SER B 430 -10.20 16.94 19.26
CA SER B 430 -10.09 15.47 19.16
C SER B 430 -11.45 14.84 19.46
N GLY B 431 -11.85 13.86 18.65
CA GLY B 431 -13.03 13.02 18.89
C GLY B 431 -12.64 11.56 18.91
N GLY B 432 -13.20 10.79 19.84
CA GLY B 432 -12.84 9.37 19.97
C GLY B 432 -13.76 8.63 20.91
N ILE B 433 -14.05 7.38 20.56
CA ILE B 433 -14.89 6.46 21.38
C ILE B 433 -13.95 5.36 21.91
N ALA B 434 -13.70 5.34 23.22
CA ALA B 434 -12.90 4.29 23.91
C ALA B 434 -13.86 3.30 24.57
N VAL B 435 -13.31 2.38 25.37
CA VAL B 435 -14.12 1.41 26.15
C VAL B 435 -14.54 2.08 27.47
N GLY B 436 -15.84 2.21 27.70
CA GLY B 436 -16.40 2.85 28.90
C GLY B 436 -16.13 4.35 28.96
N MET B 437 -15.66 4.98 27.88
CA MET B 437 -15.46 6.45 27.85
C MET B 437 -15.28 6.99 26.42
N ALA B 438 -15.40 8.30 26.27
CA ALA B 438 -15.24 9.03 24.98
C ALA B 438 -14.60 10.39 25.24
N THR B 439 -13.94 10.94 24.22
CA THR B 439 -13.44 12.33 24.23
C THR B 439 -14.14 13.09 23.10
N ASN B 440 -14.36 14.38 23.31
CA ASN B 440 -14.97 15.28 22.31
C ASN B 440 -14.46 16.71 22.61
N ILE B 441 -13.23 17.00 22.20
CA ILE B 441 -12.59 18.33 22.45
C ILE B 441 -12.80 19.19 21.20
N PRO B 442 -13.43 20.39 21.33
CA PRO B 442 -13.66 21.23 20.17
C PRO B 442 -12.40 21.95 19.71
N PRO B 443 -12.32 22.34 18.42
CA PRO B 443 -11.18 23.13 17.93
C PRO B 443 -11.28 24.60 18.37
N HIS B 444 -10.13 25.27 18.43
CA HIS B 444 -10.01 26.67 18.92
C HIS B 444 -9.13 27.47 17.95
N ASN B 445 -9.14 28.80 18.11
CA ASN B 445 -8.35 29.75 17.31
C ASN B 445 -6.90 29.76 17.81
N LEU B 446 -5.95 29.58 16.90
CA LEU B 446 -4.50 29.51 17.22
C LEU B 446 -4.06 30.79 17.94
N ARG B 447 -4.47 31.96 17.44
CA ARG B 447 -4.03 33.26 18.02
C ARG B 447 -4.52 33.35 19.47
N GLU B 448 -5.78 32.97 19.73
CA GLU B 448 -6.38 32.99 21.09
C GLU B 448 -5.60 32.06 21.99
N LEU B 449 -5.31 30.85 21.52
CA LEU B 449 -4.57 29.83 22.30
C LEU B 449 -3.16 30.36 22.60
N ALA B 450 -2.51 30.94 21.61
CA ALA B 450 -1.14 31.52 21.76
C ALA B 450 -1.16 32.57 22.87
N ASP B 451 -2.17 33.44 22.86
CA ASP B 451 -2.35 34.49 23.91
C ASP B 451 -2.36 33.82 25.27
N ALA B 452 -3.16 32.76 25.43
CA ALA B 452 -3.31 32.02 26.69
C ALA B 452 -1.96 31.47 27.12
N VAL B 453 -1.24 30.87 26.17
CA VAL B 453 0.10 30.25 26.41
C VAL B 453 1.06 31.34 26.87
N PHE B 454 1.04 32.49 26.19
CA PHE B 454 1.94 33.63 26.51
C PHE B 454 1.71 34.05 27.97
N TRP B 455 0.44 34.17 28.36
CA TRP B 455 0.08 34.56 29.74
C TRP B 455 0.65 33.53 30.72
N ALA B 456 0.42 32.25 30.46
CA ALA B 456 0.85 31.14 31.34
C ALA B 456 2.37 31.16 31.48
N LEU B 457 3.07 31.47 30.40
CA LEU B 457 4.56 31.57 30.40
C LEU B 457 4.98 32.71 31.31
N GLU B 458 4.30 33.86 31.21
CA GLU B 458 4.65 35.08 31.97
C GLU B 458 4.25 34.89 33.44
N ASN B 459 3.14 34.20 33.68
CA ASN B 459 2.58 34.00 35.04
C ASN B 459 2.79 32.55 35.44
N HIS B 460 4.02 32.06 35.33
CA HIS B 460 4.37 30.62 35.52
C HIS B 460 3.98 30.16 36.92
N ASP B 461 3.98 31.08 37.88
CA ASP B 461 3.78 30.71 39.31
C ASP B 461 2.33 30.98 39.73
N ALA B 462 1.46 31.43 38.83
CA ALA B 462 0.03 31.70 39.12
C ALA B 462 -0.65 30.39 39.53
N ASP B 463 -1.55 30.45 40.51
CA ASP B 463 -2.26 29.24 41.00
C ASP B 463 -3.35 28.88 39.99
N GLU B 464 -4.01 27.77 40.24
CA GLU B 464 -4.99 27.15 39.31
C GLU B 464 -6.13 28.14 39.05
N GLU B 465 -6.65 28.77 40.11
CA GLU B 465 -7.81 29.67 40.02
C GLU B 465 -7.46 30.87 39.14
N GLU B 466 -6.31 31.49 39.44
CA GLU B 466 -5.83 32.68 38.70
C GLU B 466 -5.61 32.30 37.25
N THR B 467 -4.94 31.17 37.02
CA THR B 467 -4.62 30.70 35.65
C THR B 467 -5.93 30.45 34.89
N LEU B 468 -6.88 29.74 35.53
CA LEU B 468 -8.17 29.41 34.88
C LEU B 468 -8.85 30.70 34.42
N ALA B 469 -8.95 31.69 35.32
CA ALA B 469 -9.61 32.98 35.04
C ALA B 469 -8.92 33.63 33.83
N ALA B 470 -7.59 33.68 33.86
CA ALA B 470 -6.77 34.37 32.85
C ALA B 470 -6.98 33.71 31.49
N VAL B 471 -6.88 32.38 31.43
CA VAL B 471 -6.91 31.63 30.15
C VAL B 471 -8.32 31.68 29.57
N MET B 472 -9.35 31.61 30.41
CA MET B 472 -10.77 31.66 29.96
C MET B 472 -11.03 33.03 29.33
N GLY B 473 -10.38 34.09 29.81
CA GLY B 473 -10.54 35.45 29.29
C GLY B 473 -9.92 35.60 27.92
N ARG B 474 -8.97 34.74 27.56
CA ARG B 474 -8.21 34.86 26.30
C ARG B 474 -8.72 33.87 25.27
N VAL B 475 -9.15 32.68 25.69
CA VAL B 475 -9.75 31.62 24.83
C VAL B 475 -11.28 31.80 24.86
N LYS B 476 -11.86 32.53 23.90
CA LYS B 476 -13.26 33.01 23.97
C LYS B 476 -14.23 31.84 23.78
N GLY B 477 -13.82 30.82 23.01
CA GLY B 477 -14.66 29.63 22.80
C GLY B 477 -14.16 28.81 21.61
N PRO B 478 -14.86 27.71 21.32
CA PRO B 478 -14.59 26.93 20.11
C PRO B 478 -14.55 27.81 18.84
N ASP B 479 -13.67 27.46 17.91
CA ASP B 479 -13.55 28.07 16.56
C ASP B 479 -13.59 26.94 15.53
N PHE B 480 -14.79 26.59 15.05
CA PHE B 480 -15.02 25.40 14.20
C PHE B 480 -14.57 25.70 12.76
N PRO B 481 -14.02 24.70 12.02
CA PRO B 481 -13.62 24.92 10.63
C PRO B 481 -14.78 25.35 9.72
N THR B 482 -16.01 25.01 10.12
CA THR B 482 -17.28 25.19 9.35
C THR B 482 -17.89 26.57 9.64
N ALA B 483 -17.19 27.36 10.46
CA ALA B 483 -17.61 28.70 10.91
C ALA B 483 -18.92 28.57 11.69
N GLY B 484 -20.00 29.17 11.20
CA GLY B 484 -21.29 29.17 11.91
C GLY B 484 -21.25 30.01 13.17
N LEU B 485 -22.21 29.78 14.06
CA LEU B 485 -22.44 30.62 15.26
C LEU B 485 -22.39 29.75 16.51
N ILE B 486 -21.83 30.28 17.60
CA ILE B 486 -21.96 29.72 18.97
C ILE B 486 -22.95 30.60 19.74
N VAL B 487 -24.02 30.00 20.25
CA VAL B 487 -25.11 30.72 20.97
C VAL B 487 -24.87 30.61 22.48
N GLY B 488 -24.50 31.71 23.11
CA GLY B 488 -24.30 31.74 24.56
C GLY B 488 -22.89 31.36 24.93
N SER B 489 -22.56 31.59 26.19
CA SER B 489 -21.21 31.41 26.77
C SER B 489 -21.23 30.32 27.84
N GLN B 490 -22.41 29.95 28.34
CA GLN B 490 -22.57 29.01 29.49
C GLN B 490 -21.87 27.69 29.19
N GLY B 491 -22.23 27.08 28.06
CA GLY B 491 -21.72 25.76 27.65
C GLY B 491 -20.21 25.77 27.59
N THR B 492 -19.65 26.83 27.02
CA THR B 492 -18.19 27.04 26.86
C THR B 492 -17.59 27.10 28.26
N ALA B 493 -18.17 27.92 29.13
CA ALA B 493 -17.68 28.16 30.51
C ALA B 493 -17.66 26.83 31.26
N ASP B 494 -18.76 26.09 31.19
CA ASP B 494 -18.88 24.78 31.86
C ASP B 494 -17.74 23.88 31.40
N ALA B 495 -17.55 23.77 30.08
CA ALA B 495 -16.53 22.89 29.46
C ALA B 495 -15.15 23.27 30.01
N TYR B 496 -14.87 24.57 30.08
CA TYR B 496 -13.53 25.07 30.48
C TYR B 496 -13.32 24.82 31.97
N LYS B 497 -14.38 24.89 32.79
CA LYS B 497 -14.24 24.83 34.26
C LYS B 497 -14.27 23.38 34.73
N THR B 498 -14.97 22.50 34.02
CA THR B 498 -15.24 21.12 34.50
C THR B 498 -14.63 20.08 33.54
N GLY B 499 -14.39 20.46 32.29
CA GLY B 499 -14.04 19.51 31.22
C GLY B 499 -15.27 18.97 30.52
N ARG B 500 -16.48 19.36 30.95
CA ARG B 500 -17.76 18.89 30.34
C ARG B 500 -18.65 20.10 30.07
N GLY B 501 -19.29 20.12 28.91
CA GLY B 501 -20.18 21.24 28.53
C GLY B 501 -20.92 21.01 27.24
N SER B 502 -22.11 21.59 27.15
CA SER B 502 -22.96 21.56 25.94
C SER B 502 -22.86 22.92 25.23
N ILE B 503 -22.16 22.96 24.09
CA ILE B 503 -21.95 24.21 23.31
C ILE B 503 -22.94 24.24 22.14
N ARG B 504 -23.87 25.19 22.17
CA ARG B 504 -24.92 25.35 21.14
C ARG B 504 -24.30 25.95 19.88
N MET B 505 -24.37 25.24 18.76
CA MET B 505 -23.91 25.73 17.44
C MET B 505 -25.14 26.05 16.56
N ARG B 506 -25.05 27.11 15.76
CA ARG B 506 -26.13 27.53 14.85
C ARG B 506 -25.57 27.81 13.45
N GLY B 507 -26.31 27.40 12.42
CA GLY B 507 -25.99 27.77 11.04
C GLY B 507 -26.37 29.21 10.73
N VAL B 508 -25.87 29.75 9.62
CA VAL B 508 -26.10 31.16 9.17
C VAL B 508 -27.15 31.14 8.07
N VAL B 509 -28.22 31.92 8.27
CA VAL B 509 -29.36 32.09 7.33
C VAL B 509 -29.38 33.56 6.88
N GLU B 510 -29.44 33.78 5.56
CA GLU B 510 -29.67 35.11 4.95
C GLU B 510 -31.08 35.12 4.35
N VAL B 511 -31.84 36.19 4.60
CA VAL B 511 -33.20 36.38 4.00
C VAL B 511 -33.01 37.15 2.70
N GLU B 512 -33.36 36.54 1.57
CA GLU B 512 -33.31 37.18 0.23
C GLU B 512 -34.73 37.29 -0.34
N GLU B 513 -35.04 38.40 -1.02
CA GLU B 513 -36.34 38.63 -1.71
C GLU B 513 -36.13 38.63 -3.23
N ASP B 514 -36.89 37.82 -3.96
CA ASP B 514 -36.75 37.64 -5.43
C ASP B 514 -37.53 38.74 -6.16
N SER B 515 -37.41 38.77 -7.49
CA SER B 515 -37.91 39.85 -8.40
C SER B 515 -39.45 39.89 -8.41
N ARG B 516 -40.11 38.76 -8.17
CA ARG B 516 -41.59 38.59 -8.27
C ARG B 516 -42.26 38.93 -6.91
N GLY B 517 -41.49 38.97 -5.82
CA GLY B 517 -41.93 39.44 -4.49
C GLY B 517 -41.91 38.37 -3.41
N ARG B 518 -41.42 37.16 -3.73
CA ARG B 518 -41.33 36.03 -2.77
C ARG B 518 -40.06 36.16 -1.92
N THR B 519 -40.13 35.67 -0.67
CA THR B 519 -39.03 35.64 0.34
C THR B 519 -38.40 34.25 0.35
N SER B 520 -37.06 34.21 0.34
CA SER B 520 -36.26 32.95 0.39
C SER B 520 -35.26 33.03 1.53
N LEU B 521 -35.06 31.92 2.25
CA LEU B 521 -33.98 31.76 3.25
C LEU B 521 -32.77 31.12 2.56
N VAL B 522 -31.61 31.75 2.64
CA VAL B 522 -30.33 31.23 2.06
C VAL B 522 -29.43 30.77 3.21
N ILE B 523 -29.22 29.46 3.35
CA ILE B 523 -28.32 28.86 4.39
C ILE B 523 -26.90 28.79 3.83
N THR B 524 -25.93 29.48 4.43
CA THR B 524 -24.54 29.63 3.88
C THR B 524 -23.50 28.89 4.74
N GLU B 525 -23.81 28.59 6.00
CA GLU B 525 -22.89 27.95 6.96
C GLU B 525 -23.68 26.97 7.83
N LEU B 526 -23.13 25.78 8.05
CA LEU B 526 -23.77 24.75 8.90
C LEU B 526 -22.91 24.48 10.13
N PRO B 527 -23.52 24.06 11.26
CA PRO B 527 -22.76 23.65 12.43
C PRO B 527 -21.75 22.55 12.14
N TYR B 528 -20.71 22.48 12.97
CA TYR B 528 -19.60 21.50 12.86
C TYR B 528 -20.14 20.07 12.86
N GLN B 529 -19.65 19.24 11.92
CA GLN B 529 -19.92 17.78 11.80
C GLN B 529 -21.34 17.51 11.31
N VAL B 530 -22.03 18.53 10.78
CA VAL B 530 -23.37 18.34 10.14
C VAL B 530 -23.13 17.98 8.68
N ASN B 531 -23.63 16.81 8.26
CA ASN B 531 -23.51 16.28 6.89
C ASN B 531 -24.46 17.09 5.99
N HIS B 532 -23.91 17.77 4.98
CA HIS B 532 -24.67 18.70 4.11
C HIS B 532 -25.84 17.95 3.46
N ASP B 533 -25.57 16.78 2.88
CA ASP B 533 -26.61 16.01 2.13
C ASP B 533 -27.72 15.57 3.10
N ASN B 534 -27.34 15.01 4.25
CA ASN B 534 -28.30 14.51 5.26
C ASN B 534 -29.14 15.69 5.75
N PHE B 535 -28.51 16.86 5.92
CA PHE B 535 -29.19 18.09 6.35
C PHE B 535 -30.32 18.40 5.37
N ILE B 536 -30.00 18.44 4.07
CA ILE B 536 -30.98 18.78 3.00
C ILE B 536 -32.09 17.72 3.03
N THR B 537 -31.71 16.45 3.06
CA THR B 537 -32.67 15.32 3.00
C THR B 537 -33.60 15.42 4.22
N SER B 538 -33.06 15.74 5.39
CA SER B 538 -33.83 15.88 6.65
C SER B 538 -34.92 16.93 6.45
N ILE B 539 -34.61 18.07 5.86
CA ILE B 539 -35.59 19.17 5.63
C ILE B 539 -36.71 18.64 4.73
N ALA B 540 -36.33 18.01 3.62
CA ALA B 540 -37.28 17.45 2.64
C ALA B 540 -38.23 16.50 3.36
N GLU B 541 -37.68 15.60 4.19
CA GLU B 541 -38.45 14.59 4.94
C GLU B 541 -39.42 15.29 5.88
N GLN B 542 -38.98 16.34 6.56
CA GLN B 542 -39.78 17.06 7.57
C GLN B 542 -40.95 17.77 6.88
N VAL B 543 -40.70 18.34 5.71
CA VAL B 543 -41.77 19.00 4.91
C VAL B 543 -42.79 17.93 4.52
N ARG B 544 -42.33 16.78 4.03
CA ARG B 544 -43.19 15.62 3.64
C ARG B 544 -44.05 15.19 4.83
N ASP B 545 -43.43 15.10 6.01
CA ASP B 545 -44.06 14.62 7.27
C ASP B 545 -44.99 15.70 7.83
N GLY B 546 -44.94 16.93 7.30
CA GLY B 546 -45.77 18.05 7.77
C GLY B 546 -45.21 18.66 9.05
N LYS B 547 -43.98 18.33 9.43
CA LYS B 547 -43.33 18.87 10.66
C LYS B 547 -42.81 20.28 10.38
N LEU B 548 -42.41 20.56 9.13
CA LEU B 548 -42.01 21.92 8.67
C LEU B 548 -43.07 22.45 7.71
N ALA B 549 -43.71 23.56 8.08
CA ALA B 549 -44.76 24.23 7.29
C ALA B 549 -44.20 25.56 6.75
N GLY B 550 -44.83 26.08 5.71
CA GLY B 550 -44.52 27.41 5.15
C GLY B 550 -43.36 27.35 4.17
N ILE B 551 -42.90 26.15 3.81
CA ILE B 551 -41.81 25.94 2.82
C ILE B 551 -42.45 25.54 1.49
N SER B 552 -42.23 26.31 0.42
CA SER B 552 -42.77 26.03 -0.92
C SER B 552 -41.76 25.20 -1.73
N ASN B 553 -40.46 25.47 -1.55
CA ASN B 553 -39.39 24.91 -2.41
C ASN B 553 -38.04 24.92 -1.67
N ILE B 554 -37.22 23.89 -1.89
CA ILE B 554 -35.86 23.77 -1.31
C ILE B 554 -34.89 23.40 -2.44
N GLU B 555 -33.81 24.16 -2.60
CA GLU B 555 -32.86 24.00 -3.73
C GLU B 555 -31.42 24.09 -3.21
N ASP B 556 -30.58 23.13 -3.60
CA ASP B 556 -29.12 23.18 -3.32
C ASP B 556 -28.44 23.92 -4.48
N GLN B 557 -28.00 25.15 -4.25
CA GLN B 557 -27.31 25.99 -5.27
C GLN B 557 -25.82 26.06 -4.94
N SER B 558 -25.33 25.09 -4.17
CA SER B 558 -23.91 25.04 -3.75
C SER B 558 -23.04 24.72 -4.96
N SER B 559 -21.86 25.34 -5.03
CA SER B 559 -20.83 25.13 -6.08
C SER B 559 -19.45 25.32 -5.45
N ASP B 560 -18.40 24.83 -6.13
CA ASP B 560 -16.98 25.07 -5.74
C ASP B 560 -16.74 26.58 -5.61
N ARG B 561 -17.37 27.37 -6.50
CA ARG B 561 -17.11 28.82 -6.70
C ARG B 561 -17.81 29.65 -5.62
N VAL B 562 -18.99 29.24 -5.17
CA VAL B 562 -19.87 30.03 -4.26
C VAL B 562 -19.95 29.39 -2.87
N GLY B 563 -19.53 28.12 -2.71
CA GLY B 563 -19.58 27.40 -1.44
C GLY B 563 -20.99 26.91 -1.12
N LEU B 564 -21.30 26.73 0.16
CA LEU B 564 -22.62 26.21 0.63
C LEU B 564 -23.68 27.27 0.37
N ARG B 565 -24.70 26.94 -0.43
CA ARG B 565 -25.85 27.84 -0.68
C ARG B 565 -27.12 26.99 -0.84
N ILE B 566 -27.78 26.70 0.27
CA ILE B 566 -29.09 25.98 0.26
C ILE B 566 -30.20 27.04 0.36
N VAL B 567 -31.07 27.10 -0.66
CA VAL B 567 -32.15 28.13 -0.77
C VAL B 567 -33.50 27.49 -0.44
N ILE B 568 -34.16 27.98 0.61
CA ILE B 568 -35.50 27.53 1.04
C ILE B 568 -36.51 28.64 0.71
N GLU B 569 -37.40 28.41 -0.25
CA GLU B 569 -38.46 29.37 -0.65
C GLU B 569 -39.63 29.25 0.32
N ILE B 570 -40.07 30.38 0.90
CA ILE B 570 -41.21 30.37 1.87
C ILE B 570 -42.50 30.76 1.13
N LYS B 571 -43.62 30.19 1.57
CA LYS B 571 -44.97 30.50 1.06
C LYS B 571 -45.30 31.98 1.34
N ARG B 572 -46.19 32.58 0.55
CA ARG B 572 -46.52 34.02 0.66
C ARG B 572 -47.13 34.32 2.04
N ASP B 573 -47.86 33.37 2.61
CA ASP B 573 -48.60 33.54 3.89
C ASP B 573 -47.69 33.26 5.09
N ALA B 574 -46.49 32.74 4.85
CA ALA B 574 -45.56 32.27 5.91
C ALA B 574 -44.66 33.43 6.37
N VAL B 575 -44.29 33.42 7.65
CA VAL B 575 -43.37 34.42 8.29
C VAL B 575 -41.96 33.83 8.36
N ALA B 576 -40.97 34.51 7.76
CA ALA B 576 -39.57 34.03 7.63
C ALA B 576 -39.03 33.63 9.00
N LYS B 577 -39.18 34.52 9.99
CA LYS B 577 -38.64 34.34 11.36
C LYS B 577 -39.20 33.04 11.95
N VAL B 578 -40.49 32.79 11.75
CA VAL B 578 -41.19 31.58 12.27
C VAL B 578 -40.54 30.35 11.63
N VAL B 579 -40.34 30.38 10.32
CA VAL B 579 -39.76 29.25 9.55
C VAL B 579 -38.35 28.99 10.08
N ILE B 580 -37.57 30.05 10.25
CA ILE B 580 -36.17 29.96 10.75
C ILE B 580 -36.20 29.27 12.12
N ASN B 581 -37.06 29.71 13.02
CA ASN B 581 -37.14 29.16 14.39
C ASN B 581 -37.50 27.66 14.33
N ASN B 582 -38.41 27.30 13.43
CA ASN B 582 -38.83 25.88 13.26
C ASN B 582 -37.62 25.07 12.75
N LEU B 583 -36.85 25.65 11.84
CA LEU B 583 -35.64 24.97 11.30
C LEU B 583 -34.65 24.74 12.45
N TYR B 584 -34.43 25.74 13.30
CA TYR B 584 -33.53 25.63 14.47
C TYR B 584 -34.01 24.50 15.40
N LYS B 585 -35.32 24.33 15.50
CA LYS B 585 -35.97 23.40 16.46
C LYS B 585 -35.90 21.98 15.92
N HIS B 586 -36.14 21.80 14.63
CA HIS B 586 -36.45 20.47 14.07
C HIS B 586 -35.32 19.96 13.18
N THR B 587 -34.25 20.73 12.97
CA THR B 587 -33.13 20.29 12.11
C THR B 587 -31.78 20.53 12.79
N GLN B 588 -30.71 20.07 12.17
CA GLN B 588 -29.32 20.27 12.65
C GLN B 588 -28.84 21.67 12.26
N LEU B 589 -29.72 22.52 11.72
CA LEU B 589 -29.42 23.96 11.52
C LEU B 589 -28.94 24.53 12.86
N GLN B 590 -29.48 23.98 13.94
CA GLN B 590 -29.01 24.22 15.33
C GLN B 590 -28.72 22.86 15.96
N THR B 591 -27.53 22.70 16.51
CA THR B 591 -27.08 21.46 17.17
C THR B 591 -26.19 21.82 18.36
N SER B 592 -25.98 20.90 19.29
CA SER B 592 -25.11 21.12 20.47
C SER B 592 -23.87 20.24 20.33
N PHE B 593 -22.68 20.84 20.51
CA PHE B 593 -21.39 20.11 20.65
C PHE B 593 -21.22 19.69 22.12
N GLY B 594 -21.32 18.39 22.40
CA GLY B 594 -21.13 17.82 23.75
C GLY B 594 -19.65 17.72 24.09
N ALA B 595 -19.09 18.78 24.68
CA ALA B 595 -17.66 18.87 25.05
C ALA B 595 -17.37 17.86 26.16
N ASN B 596 -16.43 16.96 25.91
CA ASN B 596 -15.84 16.07 26.94
C ASN B 596 -14.32 16.10 26.77
N MET B 597 -13.65 16.90 27.59
CA MET B 597 -12.21 17.25 27.44
C MET B 597 -11.36 16.17 28.10
N LEU B 598 -11.39 14.96 27.56
CA LEU B 598 -10.69 13.76 28.08
C LEU B 598 -9.42 13.51 27.25
N ALA B 599 -8.25 13.40 27.89
CA ALA B 599 -6.93 13.16 27.24
C ALA B 599 -6.08 12.22 28.09
N ILE B 600 -5.08 11.58 27.49
CA ILE B 600 -4.11 10.74 28.24
C ILE B 600 -3.06 11.69 28.85
N VAL B 601 -2.95 11.68 30.18
CA VAL B 601 -1.92 12.43 30.96
C VAL B 601 -1.05 11.41 31.70
N ASP B 602 0.22 11.31 31.36
CA ASP B 602 1.18 10.36 31.99
C ASP B 602 0.58 8.95 31.94
N GLY B 603 -0.01 8.56 30.81
CA GLY B 603 -0.51 7.21 30.55
C GLY B 603 -1.87 6.95 31.19
N VAL B 604 -2.52 7.99 31.74
CA VAL B 604 -3.82 7.88 32.46
C VAL B 604 -4.83 8.79 31.75
N PRO B 605 -6.05 8.29 31.46
CA PRO B 605 -7.11 9.16 30.91
C PRO B 605 -7.62 10.13 31.97
N ARG B 606 -7.71 11.42 31.64
CA ARG B 606 -8.06 12.51 32.59
C ARG B 606 -9.04 13.46 31.91
N THR B 607 -10.16 13.76 32.56
CA THR B 607 -11.05 14.89 32.20
C THR B 607 -10.37 16.16 32.69
N LEU B 608 -10.07 17.11 31.81
CA LEU B 608 -9.20 18.25 32.18
C LEU B 608 -9.95 19.57 32.00
N ARG B 609 -9.64 20.52 32.87
CA ARG B 609 -10.05 21.94 32.74
C ARG B 609 -9.15 22.61 31.69
N LEU B 610 -9.57 23.78 31.24
CA LEU B 610 -8.84 24.56 30.20
C LEU B 610 -7.45 24.92 30.73
N ASP B 611 -7.35 25.39 31.97
CA ASP B 611 -6.06 25.83 32.57
C ASP B 611 -5.08 24.66 32.57
N GLN B 612 -5.58 23.47 32.91
CA GLN B 612 -4.75 22.24 33.02
C GLN B 612 -4.18 21.92 31.65
N LEU B 613 -5.05 21.94 30.62
CA LEU B 613 -4.67 21.62 29.23
C LEU B 613 -3.54 22.56 28.78
N ILE B 614 -3.70 23.86 29.05
CA ILE B 614 -2.70 24.89 28.66
C ILE B 614 -1.39 24.58 29.38
N ARG B 615 -1.48 24.30 30.68
CA ARG B 615 -0.28 24.11 31.54
C ARG B 615 0.48 22.89 31.06
N TYR B 616 -0.22 21.80 30.78
CA TYR B 616 0.43 20.54 30.33
C TYR B 616 1.15 20.82 29.00
N TYR B 617 0.54 21.63 28.13
CA TYR B 617 1.19 22.01 26.84
C TYR B 617 2.45 22.82 27.14
N VAL B 618 2.35 23.81 28.00
CA VAL B 618 3.48 24.72 28.33
C VAL B 618 4.62 23.88 28.91
N ASP B 619 4.29 22.99 29.85
CA ASP B 619 5.26 22.08 30.49
C ASP B 619 6.02 21.32 29.39
N HIS B 620 5.27 20.77 28.43
CA HIS B 620 5.85 19.97 27.32
C HIS B 620 6.83 20.84 26.53
N GLN B 621 6.44 22.07 26.19
CA GLN B 621 7.26 22.97 25.35
C GLN B 621 8.54 23.33 26.09
N LEU B 622 8.45 23.57 27.40
CA LEU B 622 9.64 23.86 28.24
C LEU B 622 10.58 22.65 28.20
N ASP B 623 10.01 21.45 28.35
CA ASP B 623 10.77 20.19 28.28
C ASP B 623 11.52 20.14 26.95
N VAL B 624 10.82 20.44 25.86
CA VAL B 624 11.36 20.38 24.46
C VAL B 624 12.57 21.31 24.38
N ILE B 625 12.44 22.53 24.89
CA ILE B 625 13.50 23.56 24.77
C ILE B 625 14.72 23.09 25.57
N VAL B 626 14.48 22.57 26.77
CA VAL B 626 15.58 22.12 27.66
C VAL B 626 16.32 20.98 26.96
N ARG B 627 15.57 20.01 26.43
CA ARG B 627 16.12 18.83 25.76
C ARG B 627 16.90 19.28 24.53
N ARG B 628 16.30 20.14 23.71
CA ARG B 628 16.96 20.67 22.48
C ARG B 628 18.29 21.31 22.87
N THR B 629 18.27 22.16 23.89
CA THR B 629 19.45 22.93 24.33
C THR B 629 20.51 21.96 24.83
N THR B 630 20.10 20.98 25.63
CA THR B 630 21.01 19.95 26.18
C THR B 630 21.67 19.20 25.02
N TYR B 631 20.88 18.78 24.04
CA TYR B 631 21.36 18.06 22.85
C TYR B 631 22.39 18.93 22.14
N ARG B 632 22.03 20.17 21.87
CA ARG B 632 22.87 21.12 21.08
C ARG B 632 24.17 21.36 21.84
N LEU B 633 24.11 21.49 23.17
CA LEU B 633 25.31 21.70 24.02
C LEU B 633 26.24 20.51 23.82
N ARG B 634 25.70 19.30 23.95
CA ARG B 634 26.52 18.08 23.81
C ARG B 634 27.20 18.08 22.44
N LYS B 635 26.44 18.33 21.38
CA LYS B 635 26.95 18.29 19.99
C LYS B 635 27.98 19.40 19.82
N ALA B 636 27.75 20.57 20.41
CA ALA B 636 28.68 21.72 20.36
C ALA B 636 30.00 21.34 21.01
N ASN B 637 29.95 20.71 22.18
CA ASN B 637 31.16 20.27 22.91
C ASN B 637 31.94 19.26 22.07
N GLU B 638 31.23 18.30 21.48
CA GLU B 638 31.86 17.27 20.62
C GLU B 638 32.60 17.97 19.48
N ARG B 639 31.93 18.92 18.84
CA ARG B 639 32.48 19.68 17.70
C ARG B 639 33.70 20.47 18.17
N ALA B 640 33.58 21.18 19.29
CA ALA B 640 34.67 22.02 19.85
C ALA B 640 35.88 21.13 20.12
N HIS B 641 35.63 19.95 20.66
CA HIS B 641 36.70 18.96 20.97
C HIS B 641 37.52 18.69 19.71
N ILE B 642 36.84 18.42 18.60
CA ILE B 642 37.48 18.11 17.28
C ILE B 642 38.26 19.34 16.84
N LEU B 643 37.62 20.51 16.88
CA LEU B 643 38.21 21.78 16.38
C LEU B 643 39.48 22.10 17.17
N ARG B 644 39.50 21.88 18.48
CA ARG B 644 40.68 22.10 19.35
C ARG B 644 41.84 21.23 18.83
N GLY B 645 41.53 19.96 18.53
CA GLY B 645 42.51 19.01 17.96
C GLY B 645 43.08 19.52 16.66
N LEU B 646 42.22 20.02 15.77
CA LEU B 646 42.63 20.51 14.43
C LEU B 646 43.56 21.71 14.60
N VAL B 647 43.28 22.62 15.53
CA VAL B 647 44.08 23.85 15.74
C VAL B 647 45.48 23.44 16.21
N LYS B 648 45.57 22.46 17.11
CA LYS B 648 46.86 21.91 17.59
C LYS B 648 47.65 21.39 16.39
N ALA B 649 46.98 20.62 15.53
CA ALA B 649 47.59 20.03 14.33
C ALA B 649 48.09 21.15 13.42
N LEU B 650 47.25 22.16 13.20
CA LEU B 650 47.59 23.31 12.31
C LEU B 650 48.83 24.03 12.84
N ASP B 651 49.01 24.09 14.16
CA ASP B 651 50.13 24.82 14.80
C ASP B 651 51.43 24.03 14.60
N ALA B 652 51.32 22.70 14.49
CA ALA B 652 52.47 21.79 14.35
C ALA B 652 52.34 21.06 13.01
N LEU B 653 51.93 21.79 11.97
CA LEU B 653 51.53 21.19 10.67
C LEU B 653 52.70 20.39 10.09
N ASP B 654 53.91 20.96 10.08
CA ASP B 654 55.12 20.35 9.45
C ASP B 654 55.42 19.02 10.13
N GLU B 655 55.45 19.03 11.46
CA GLU B 655 55.76 17.81 12.25
C GLU B 655 54.65 16.79 12.04
N VAL B 656 53.40 17.25 11.94
CA VAL B 656 52.22 16.37 11.74
C VAL B 656 52.39 15.64 10.41
N ILE B 657 52.62 16.40 9.34
CA ILE B 657 52.74 15.82 7.96
C ILE B 657 53.94 14.88 7.95
N ALA B 658 55.07 15.31 8.52
CA ALA B 658 56.32 14.51 8.56
C ALA B 658 56.06 13.19 9.28
N LEU B 659 55.38 13.25 10.42
CA LEU B 659 55.05 12.05 11.23
C LEU B 659 54.22 11.09 10.36
N ILE B 660 53.15 11.56 9.73
CA ILE B 660 52.22 10.72 8.92
C ILE B 660 53.02 10.04 7.81
N ARG B 661 53.88 10.80 7.13
CA ARG B 661 54.66 10.31 5.96
C ARG B 661 55.64 9.24 6.43
N ALA B 662 56.21 9.40 7.61
CA ALA B 662 57.23 8.49 8.19
C ALA B 662 56.54 7.22 8.66
N SER B 663 55.24 7.29 8.94
CA SER B 663 54.46 6.16 9.49
C SER B 663 54.25 5.11 8.41
N GLU B 664 54.46 3.84 8.78
CA GLU B 664 54.21 2.69 7.88
C GLU B 664 52.71 2.53 7.66
N THR B 665 51.92 2.60 8.74
CA THR B 665 50.45 2.35 8.73
C THR B 665 49.72 3.57 9.29
N VAL B 666 48.44 3.70 8.93
CA VAL B 666 47.49 4.72 9.47
C VAL B 666 47.46 4.59 10.99
N ASP B 667 47.43 3.35 11.50
CA ASP B 667 47.30 3.05 12.95
C ASP B 667 48.53 3.60 13.68
N ILE B 668 49.72 3.42 13.10
CA ILE B 668 51.00 3.92 13.68
C ILE B 668 50.93 5.44 13.70
N ALA B 669 50.48 6.02 12.58
CA ALA B 669 50.34 7.49 12.45
C ALA B 669 49.40 7.99 13.54
N ARG B 670 48.26 7.34 13.72
CA ARG B 670 47.23 7.73 14.72
C ARG B 670 47.89 7.79 16.10
N ALA B 671 48.59 6.74 16.49
CA ALA B 671 49.25 6.63 17.83
C ALA B 671 50.31 7.72 17.95
N GLY B 672 51.08 7.94 16.89
CA GLY B 672 52.13 8.98 16.86
C GLY B 672 51.54 10.35 17.09
N LEU B 673 50.38 10.60 16.47
CA LEU B 673 49.69 11.92 16.59
C LEU B 673 49.22 12.12 18.03
N ILE B 674 48.63 11.11 18.66
CA ILE B 674 48.15 11.17 20.08
C ILE B 674 49.31 11.64 20.95
N GLU B 675 50.51 11.12 20.73
CA GLU B 675 51.72 11.42 21.53
C GLU B 675 52.23 12.82 21.20
N LEU B 676 52.45 13.08 19.91
CA LEU B 676 53.07 14.33 19.41
C LEU B 676 52.26 15.54 19.90
N LEU B 677 50.93 15.45 19.86
CA LEU B 677 50.05 16.61 20.07
C LEU B 677 49.32 16.55 21.42
N ASP B 678 49.46 15.47 22.20
CA ASP B 678 48.73 15.25 23.47
C ASP B 678 47.22 15.39 23.23
N ILE B 679 46.70 14.59 22.31
CA ILE B 679 45.26 14.57 21.90
C ILE B 679 44.72 13.15 22.06
N ASP B 680 43.41 12.98 21.90
CA ASP B 680 42.75 11.66 22.09
C ASP B 680 42.56 11.00 20.72
N GLU B 681 42.04 9.78 20.74
CA GLU B 681 41.79 8.94 19.54
C GLU B 681 40.87 9.68 18.57
N ILE B 682 39.79 10.27 19.08
CA ILE B 682 38.74 10.98 18.29
C ILE B 682 39.41 12.12 17.51
N GLN B 683 40.23 12.91 18.19
CA GLN B 683 40.92 14.08 17.60
C GLN B 683 41.93 13.61 16.56
N ALA B 684 42.73 12.60 16.91
CA ALA B 684 43.76 12.03 16.02
C ALA B 684 43.11 11.56 14.73
N GLN B 685 42.00 10.84 14.84
CA GLN B 685 41.22 10.33 13.69
C GLN B 685 40.77 11.51 12.84
N ALA B 686 40.21 12.55 13.46
CA ALA B 686 39.68 13.75 12.76
C ALA B 686 40.81 14.38 11.94
N ILE B 687 42.02 14.41 12.50
CA ILE B 687 43.22 14.99 11.81
C ILE B 687 43.53 14.13 10.60
N LEU B 688 43.56 12.81 10.82
CA LEU B 688 43.84 11.83 9.74
C LEU B 688 42.81 11.99 8.63
N ASP B 689 41.58 12.36 8.98
CA ASP B 689 40.44 12.45 8.03
C ASP B 689 40.41 13.82 7.36
N MET B 690 41.28 14.75 7.76
CA MET B 690 41.30 16.13 7.20
C MET B 690 41.74 16.04 5.72
N GLN B 691 41.00 16.67 4.81
CA GLN B 691 41.32 16.71 3.37
C GLN B 691 42.38 17.78 3.11
N LEU B 692 43.23 17.58 2.11
CA LEU B 692 44.39 18.48 1.81
C LEU B 692 43.86 19.87 1.46
N ARG B 693 42.64 19.96 0.95
CA ARG B 693 41.98 21.25 0.62
C ARG B 693 41.92 22.13 1.88
N ARG B 694 41.80 21.51 3.06
CA ARG B 694 41.64 22.27 4.32
C ARG B 694 42.97 22.94 4.70
N LEU B 695 44.08 22.65 4.03
CA LEU B 695 45.40 23.24 4.35
C LEU B 695 45.58 24.58 3.62
N ALA B 696 44.61 24.94 2.76
CA ALA B 696 44.55 26.29 2.14
C ALA B 696 44.41 27.33 3.25
N ALA B 697 44.95 28.53 3.02
CA ALA B 697 45.05 29.61 4.03
C ALA B 697 43.67 29.94 4.60
N LEU B 698 42.71 30.26 3.72
CA LEU B 698 41.32 30.63 4.11
C LEU B 698 40.68 29.50 4.92
N GLU B 699 40.86 28.26 4.47
CA GLU B 699 40.25 27.07 5.10
C GLU B 699 40.82 26.91 6.51
N ARG B 700 42.12 27.18 6.69
CA ARG B 700 42.78 27.12 8.02
C ARG B 700 42.13 28.16 8.94
N GLN B 701 42.00 29.38 8.42
CA GLN B 701 41.39 30.51 9.16
C GLN B 701 39.96 30.12 9.56
N ARG B 702 39.24 29.48 8.65
CA ARG B 702 37.82 29.10 8.87
C ARG B 702 37.75 28.17 10.09
N ILE B 703 38.68 27.24 10.22
CA ILE B 703 38.72 26.28 11.36
C ILE B 703 38.87 27.08 12.66
N ILE B 704 39.75 28.08 12.65
CA ILE B 704 40.01 28.94 13.84
C ILE B 704 38.71 29.69 14.17
N ASP B 705 38.11 30.28 13.14
CA ASP B 705 36.90 31.11 13.30
C ASP B 705 35.77 30.20 13.79
N ASP B 706 35.67 28.99 13.22
CA ASP B 706 34.61 28.02 13.57
C ASP B 706 34.73 27.68 15.05
N LEU B 707 35.96 27.51 15.56
CA LEU B 707 36.19 27.18 16.99
C LEU B 707 35.68 28.34 17.86
N ALA B 708 36.01 29.57 17.49
CA ALA B 708 35.60 30.77 18.26
C ALA B 708 34.07 30.83 18.30
N LYS B 709 33.44 30.61 17.15
CA LYS B 709 31.97 30.68 17.00
C LYS B 709 31.32 29.61 17.88
N ILE B 710 31.84 28.39 17.81
CA ILE B 710 31.24 27.23 18.53
C ILE B 710 31.39 27.48 20.04
N GLU B 711 32.50 28.09 20.45
CA GLU B 711 32.74 28.38 21.90
C GLU B 711 31.70 29.40 22.37
N ALA B 712 31.42 30.40 21.54
CA ALA B 712 30.36 31.40 21.83
C ALA B 712 29.02 30.69 21.98
N GLU B 713 28.72 29.76 21.07
CA GLU B 713 27.46 28.99 21.06
C GLU B 713 27.35 28.21 22.37
N ILE B 714 28.44 27.55 22.77
CA ILE B 714 28.48 26.71 24.00
C ILE B 714 28.10 27.60 25.19
N ALA B 715 28.69 28.80 25.25
CA ALA B 715 28.46 29.75 26.35
C ALA B 715 26.97 30.11 26.41
N ASP B 716 26.40 30.42 25.25
CA ASP B 716 24.97 30.81 25.12
C ASP B 716 24.10 29.66 25.62
N LEU B 717 24.39 28.45 25.13
CA LEU B 717 23.60 27.24 25.46
C LEU B 717 23.64 26.99 26.96
N GLU B 718 24.81 27.15 27.57
CA GLU B 718 24.97 26.99 29.05
C GLU B 718 24.10 28.03 29.75
N ASP B 719 24.10 29.25 29.23
CA ASP B 719 23.33 30.37 29.82
C ASP B 719 21.84 30.01 29.79
N ILE B 720 21.37 29.46 28.67
CA ILE B 720 19.94 29.05 28.49
C ILE B 720 19.61 28.02 29.56
N LEU B 721 20.45 27.01 29.73
CA LEU B 721 20.22 25.90 30.69
C LEU B 721 20.16 26.46 32.11
N ALA B 722 20.93 27.53 32.38
CA ALA B 722 21.09 28.13 33.71
C ALA B 722 19.87 28.97 34.08
N LYS B 723 19.21 29.56 33.08
CA LYS B 723 18.18 30.59 33.31
C LYS B 723 16.83 30.14 32.78
N PRO B 724 15.91 29.64 33.64
CA PRO B 724 14.59 29.20 33.19
C PRO B 724 13.81 30.32 32.48
N GLU B 725 14.07 31.57 32.84
CA GLU B 725 13.41 32.74 32.21
C GLU B 725 13.75 32.77 30.72
N ARG B 726 14.98 32.43 30.35
CA ARG B 726 15.42 32.38 28.93
C ARG B 726 14.67 31.25 28.22
N GLN B 727 14.52 30.12 28.93
CA GLN B 727 13.78 28.94 28.40
C GLN B 727 12.36 29.37 28.03
N ARG B 728 11.65 30.01 28.96
CA ARG B 728 10.25 30.49 28.73
C ARG B 728 10.24 31.49 27.59
N GLY B 729 11.24 32.37 27.56
CA GLY B 729 11.38 33.38 26.50
C GLY B 729 11.47 32.73 25.13
N ILE B 730 12.30 31.70 25.01
CA ILE B 730 12.51 30.93 23.74
C ILE B 730 11.16 30.34 23.31
N VAL B 731 10.48 29.66 24.23
CA VAL B 731 9.14 29.03 23.96
C VAL B 731 8.23 30.12 23.39
N ARG B 732 8.14 31.25 24.06
CA ARG B 732 7.24 32.37 23.69
C ARG B 732 7.59 32.84 22.28
N ASP B 733 8.86 33.16 22.06
CA ASP B 733 9.33 33.79 20.79
C ASP B 733 9.05 32.83 19.64
N GLU B 734 9.36 31.56 19.82
CA GLU B 734 9.29 30.56 18.73
C GLU B 734 7.81 30.29 18.42
N LEU B 735 6.94 30.22 19.44
CA LEU B 735 5.48 30.07 19.22
C LEU B 735 4.96 31.30 18.48
N ALA B 736 5.42 32.49 18.88
CA ALA B 736 4.99 33.76 18.26
C ALA B 736 5.30 33.73 16.77
N GLU B 737 6.48 33.22 16.43
CA GLU B 737 6.92 33.12 15.02
C GLU B 737 5.94 32.23 14.26
N ILE B 738 5.57 31.09 14.85
CA ILE B 738 4.65 30.11 14.21
C ILE B 738 3.31 30.80 14.00
N VAL B 739 2.83 31.52 15.00
CA VAL B 739 1.50 32.20 14.95
C VAL B 739 1.54 33.27 13.86
N ASP B 740 2.65 34.00 13.75
CA ASP B 740 2.81 35.08 12.74
C ASP B 740 2.66 34.45 11.36
N ARG B 741 3.25 33.27 11.16
CA ARG B 741 3.36 32.65 9.82
C ARG B 741 2.06 31.88 9.53
N HIS B 742 1.47 31.25 10.52
CA HIS B 742 0.40 30.24 10.29
C HIS B 742 -0.90 30.64 10.98
N GLY B 743 -0.89 31.62 11.89
CA GLY B 743 -2.10 32.08 12.60
C GLY B 743 -3.14 32.60 11.62
N ASP B 744 -4.43 32.41 11.92
CA ASP B 744 -5.54 32.83 11.02
C ASP B 744 -6.69 33.47 11.81
N ASP B 745 -7.62 34.09 11.10
CA ASP B 745 -8.78 34.81 11.67
C ASP B 745 -9.77 33.78 12.20
N ARG B 746 -10.46 34.14 13.29
CA ARG B 746 -11.59 33.37 13.85
C ARG B 746 -12.66 33.22 12.77
N ARG B 747 -13.20 32.01 12.59
CA ARG B 747 -14.29 31.74 11.64
C ARG B 747 -15.62 31.78 12.39
N THR B 748 -15.66 31.15 13.57
CA THR B 748 -16.91 30.97 14.35
C THR B 748 -17.22 32.26 15.10
N ARG B 749 -18.42 32.80 14.87
CA ARG B 749 -18.97 34.00 15.54
C ARG B 749 -19.68 33.58 16.83
N ILE B 750 -19.41 34.27 17.95
CA ILE B 750 -20.03 33.99 19.28
C ILE B 750 -21.10 35.06 19.52
N ILE B 751 -22.35 34.65 19.69
CA ILE B 751 -23.48 35.61 19.90
C ILE B 751 -24.12 35.32 21.25
N ALA B 752 -24.70 36.36 21.86
CA ALA B 752 -25.47 36.26 23.12
C ALA B 752 -26.81 35.57 22.84
C1 A1ID8 G . -12.94 -7.90 0.62
C2 A1ID8 G . -15.09 -7.24 -0.10
C3 A1ID8 G . -16.45 -7.61 -0.36
C4 A1ID8 G . -17.24 -6.71 -0.98
C5 A1ID8 G . -16.71 -5.44 -1.35
C6 A1ID8 G . -16.96 -3.37 -2.29
C7 A1ID8 G . -15.62 -3.01 -2.03
C8 A1ID8 G . -14.80 -3.91 -1.40
C9 A1ID8 G . -13.36 -3.56 -1.09
C11 A1ID8 G . -11.04 -4.43 -0.49
C13 A1ID8 G . -9.41 -2.71 0.39
C14 A1ID8 G . -8.80 -2.59 -0.99
C15 A1ID8 G . -6.53 -2.73 -0.02
C16 A1ID8 G . -5.12 -2.18 -0.09
C17 A1ID8 G . -4.15 -2.60 0.81
C18 A1ID8 G . -2.89 -2.09 0.73
C20 A1ID8 G . -3.51 -0.76 -1.13
C24 A1ID8 G . -15.35 -5.17 -1.04
O1 A1ID8 G . -14.35 -8.18 0.53
N1 A1ID8 G . -17.49 -4.54 -1.98
O2 A1ID8 G . -13.32 -2.55 -0.08
C10 A1ID8 G . -12.53 -4.76 -0.67
C12 A1ID8 G . -10.86 -3.12 0.28
N2 A1ID8 G . -7.43 -2.05 -0.96
F1 A1ID8 G . -1.94 -2.49 1.60
C19 A1ID8 G . -2.53 -1.16 -0.24
BR1 A1ID8 G . -0.79 -0.48 -0.34
F2 A1ID8 G . -3.18 0.13 -2.08
C21 A1ID8 G . -4.79 -1.25 -1.07
C22 A1ID8 G . -8.87 -3.93 -1.69
C23 A1ID8 G . -10.31 -4.37 -1.84
N3 A1ID8 G . -14.56 -6.09 -0.41
C10 A1ID9 H . -12.53 -4.79 -1.00
C11 A1ID9 H . -11.10 -4.38 -0.63
C12 A1ID9 H . -11.08 -3.06 0.13
C1 A1ID9 H . -12.93 -8.13 0.11
O1 A1ID9 H . -14.33 -8.18 0.44
C2 A1ID9 H . -15.12 -7.24 -0.15
C3 A1ID9 H . -16.48 -7.59 -0.29
C4 A1ID9 H . -17.31 -6.69 -0.88
C5 A1ID9 H . -16.79 -5.46 -1.32
N1 A1ID9 H . -17.62 -4.56 -1.92
C6 A1ID9 H . -17.09 -3.41 -2.32
C7 A1ID9 H . -15.73 -3.08 -2.18
C8 A1ID9 H . -14.87 -3.97 -1.59
C9 A1ID9 H . -13.41 -3.61 -1.43
O2 A1ID9 H . -12.93 -3.06 -2.65
C13 A1ID9 H . -9.69 -2.60 0.45
C14 A1ID9 H . -8.86 -2.47 -0.81
N2 A1ID9 H . -7.54 -1.90 -0.52
C15 A1ID9 H . -6.46 -2.89 -0.41
C16 A1ID9 H . -5.09 -2.27 -0.20
C17 A1ID9 H . -4.32 -2.64 0.89
C18 A1ID9 H . -3.09 -2.07 1.09
F1 A1ID9 H . -2.34 -2.44 2.14
C19 A1ID9 H . -2.60 -1.12 0.22
BR1 A1ID9 H . -0.91 -0.34 0.50
C20 A1ID9 H . -3.38 -0.75 -0.86
F2 A1ID9 H . -2.91 0.18 -1.70
C21 A1ID9 H . -4.61 -1.30 -1.07
C22 A1ID9 H . -8.79 -3.82 -1.51
C23 A1ID9 H . -10.18 -4.31 -1.85
C24 A1ID9 H . -15.42 -5.20 -1.15
N3 A1ID9 H . -14.59 -6.12 -0.55
#